data_4BFR
#
_entry.id   4BFR
#
_cell.length_a   122.306
_cell.length_b   129.034
_cell.length_c   154.898
_cell.angle_alpha   90.00
_cell.angle_beta   90.00
_cell.angle_gamma   90.00
#
_symmetry.space_group_name_H-M   'P 21 21 21'
#
loop_
_entity.id
_entity.type
_entity.pdbx_description
1 polymer 'PHOSPHATIDYLINOSITOL 4,5-BISPHOSPHATE 3-KINASE CATALYTIC S SUBUNIT BETA ISOFORM'
2 non-polymer 2-[2-(2-METHYL-2,3-DIHYDRO-INDOL-1-YL)-2-OXO-ETHYL]-6-MORPHOLIN-4-YL-3H-PYRIMIDIN-4-ONE
3 water water
#
_entity_poly.entity_id   1
_entity_poly.type   'polypeptide(L)'
_entity_poly.pdbx_seq_one_letter_code
;GEKLDSKIGVLIGKGLHEFDALKDPEVNEFRRKMRKFSEAKIQSLVGLSWIDWLKHTYPPEHEPSVLENLEDKLYGGKLV
VAVHFENSQDVFSFQVSPNLNPIKINELAIQKRLTIRGKEDEASPCDYVLQVSGRVEYVFGDHPLIQFQYIRNCVMNRTL
PHFILVECCKIKKMYEQEMIAIEAAINRNSSNLPLPLPPKKTRVISHIWDNNNPFQITLVKGNKLNTEETVKVHVRAGLF
HGTELLCKTVVSSEISGKNDHIWNEQLEFDINICDLPRMARLCFAVYAVLDKVKTKKSTKTINPSKYQTIRKAGKVHYPV
AWVNTMVFDFKGQLRSGDVILHSWSSFPDELEEMLNPMGTVQTNPYAENATALHITFPENKKQPCYYPPFDKIIEKAAEL
ASGDSANVSSRGGKKFLAVLKEILDRDPLSQLCENEMDLIWTLRQDCRENFPQSLPKLLLSIKWNKLEDVAQLQALLQIW
PKLPPREALELLDFNYPDQYVREYAVGCLRQMSDEELSQYLLQLVQVLKYEPFLDCALSRFLLERALDNRRIGQFLFWHL
RSEVHTPAVSVQFGVILEAYCRGSVGHMKVLSKQVEALNKLKTLNSLIKLNAVKLSRAKGKEAMHTCLKQSAYREALSDL
QSPLNPCVILSELYVEKCKYMDSKMKPLWLVYSSRAFGEDSVGVIFKNGDDLRQDMLTLQMLRLMDLLWKEAGLDLRMLP
YGCLATGDRSGLIEVVSTSETIADIQLNSSNVAATAAFNKDALLNWLKEYNSGDDLDRAIEEFTLSCAGYCVASYVLGIG
DRHSDNIMVKKTGQLFHIDFGHILGNFKSKFGIKRERVPFILTYDFIHVIQQGKTGNTEKFGRFRQCCEDAYLILRRHGN
LFITLFALMLTAGLPELTSVKDIQYLKDSLALGKSEEEALKQFKQKFDEALRESWTTKVNWMAHTVRKDYRS
;
_entity_poly.pdbx_strand_id   A,B
#
# COMPACT_ATOMS: atom_id res chain seq x y z
N ASP A 5 -21.17 -51.44 -13.88
CA ASP A 5 -22.22 -50.94 -12.99
C ASP A 5 -22.00 -51.40 -11.55
N SER A 6 -21.77 -52.71 -11.35
CA SER A 6 -21.53 -53.31 -10.04
C SER A 6 -20.13 -52.96 -9.52
N LYS A 7 -19.14 -52.89 -10.43
CA LYS A 7 -17.74 -52.56 -10.15
C LYS A 7 -17.58 -51.10 -9.70
N ILE A 8 -18.39 -50.19 -10.29
CA ILE A 8 -18.39 -48.76 -9.99
C ILE A 8 -18.97 -48.51 -8.58
N GLY A 9 -20.10 -49.15 -8.29
CA GLY A 9 -20.82 -49.06 -7.02
C GLY A 9 -20.00 -49.32 -5.78
N VAL A 10 -19.27 -50.45 -5.76
CA VAL A 10 -18.40 -50.84 -4.65
C VAL A 10 -17.23 -49.86 -4.46
N LEU A 11 -16.66 -49.39 -5.59
CA LEU A 11 -15.53 -48.47 -5.64
C LEU A 11 -15.87 -47.05 -5.14
N ILE A 12 -17.02 -46.49 -5.57
CA ILE A 12 -17.43 -45.14 -5.19
C ILE A 12 -18.03 -45.08 -3.76
N GLY A 13 -18.43 -46.24 -3.23
CA GLY A 13 -19.00 -46.36 -1.90
C GLY A 13 -20.50 -46.15 -1.82
N LYS A 14 -21.17 -46.15 -3.00
CA LYS A 14 -22.61 -45.97 -3.12
C LYS A 14 -23.13 -46.76 -4.32
N GLY A 15 -24.23 -47.50 -4.11
CA GLY A 15 -24.86 -48.30 -5.15
C GLY A 15 -25.50 -47.47 -6.23
N LEU A 16 -25.34 -47.89 -7.50
CA LEU A 16 -25.89 -47.21 -8.67
C LEU A 16 -27.43 -47.27 -8.72
N HIS A 17 -28.02 -48.28 -8.05
CA HIS A 17 -29.46 -48.50 -7.94
C HIS A 17 -30.13 -47.42 -7.07
N GLU A 18 -29.36 -46.83 -6.11
CA GLU A 18 -29.82 -45.79 -5.18
C GLU A 18 -30.18 -44.48 -5.91
N PHE A 19 -29.50 -44.18 -7.03
CA PHE A 19 -29.75 -42.98 -7.84
C PHE A 19 -31.07 -43.12 -8.61
N ASP A 20 -31.36 -44.34 -9.11
CA ASP A 20 -32.59 -44.66 -9.85
C ASP A 20 -33.79 -44.71 -8.91
N ALA A 21 -33.57 -45.12 -7.64
CA ALA A 21 -34.59 -45.24 -6.59
C ALA A 21 -35.18 -43.87 -6.19
N LEU A 22 -34.39 -42.79 -6.34
CA LEU A 22 -34.80 -41.41 -6.03
C LEU A 22 -35.90 -40.92 -6.97
N LYS A 23 -35.90 -41.39 -8.24
CA LYS A 23 -36.85 -41.06 -9.31
C LYS A 23 -36.91 -39.55 -9.61
N ASP A 24 -35.74 -38.87 -9.50
CA ASP A 24 -35.57 -37.44 -9.72
C ASP A 24 -35.12 -37.16 -11.17
N PRO A 25 -35.77 -36.22 -11.90
CA PRO A 25 -35.34 -35.94 -13.29
C PRO A 25 -33.96 -35.30 -13.42
N GLU A 26 -33.52 -34.53 -12.40
CA GLU A 26 -32.22 -33.85 -12.37
C GLU A 26 -31.07 -34.87 -12.28
N VAL A 27 -31.26 -35.93 -11.46
CA VAL A 27 -30.29 -37.00 -11.25
C VAL A 27 -30.13 -37.85 -12.52
N ASN A 28 -31.27 -38.22 -13.15
CA ASN A 28 -31.31 -39.02 -14.38
C ASN A 28 -30.72 -38.29 -15.59
N GLU A 29 -30.97 -36.97 -15.72
CA GLU A 29 -30.46 -36.15 -16.82
C GLU A 29 -28.95 -35.91 -16.71
N PHE A 30 -28.43 -35.77 -15.48
CA PHE A 30 -27.00 -35.55 -15.23
C PHE A 30 -26.19 -36.80 -15.57
N ARG A 31 -26.68 -37.99 -15.15
CA ARG A 31 -26.05 -39.28 -15.41
C ARG A 31 -25.99 -39.59 -16.91
N ARG A 32 -27.05 -39.18 -17.65
CA ARG A 32 -27.18 -39.35 -19.10
C ARG A 32 -26.19 -38.44 -19.85
N LYS A 33 -26.10 -37.15 -19.44
CA LYS A 33 -25.21 -36.15 -20.03
C LYS A 33 -23.73 -36.43 -19.78
N MET A 34 -23.38 -36.87 -18.55
CA MET A 34 -21.99 -37.18 -18.17
C MET A 34 -21.47 -38.47 -18.79
N ARG A 35 -22.39 -39.38 -19.21
CA ARG A 35 -22.04 -40.64 -19.86
C ARG A 35 -21.48 -40.39 -21.27
N LYS A 36 -21.95 -39.31 -21.93
CA LYS A 36 -21.50 -38.87 -23.25
C LYS A 36 -20.04 -38.38 -23.17
N PHE A 37 -19.71 -37.65 -22.08
CA PHE A 37 -18.36 -37.14 -21.80
C PHE A 37 -17.41 -38.27 -21.43
N SER A 38 -17.93 -39.29 -20.70
CA SER A 38 -17.17 -40.46 -20.26
C SER A 38 -16.82 -41.39 -21.43
N GLU A 39 -17.80 -41.66 -22.32
CA GLU A 39 -17.63 -42.53 -23.50
C GLU A 39 -16.73 -41.90 -24.58
N ALA A 40 -16.73 -40.56 -24.69
CA ALA A 40 -15.90 -39.82 -25.65
C ALA A 40 -14.42 -39.91 -25.26
N LYS A 41 -14.15 -40.00 -23.94
CA LYS A 41 -12.81 -40.13 -23.38
C LYS A 41 -12.23 -41.52 -23.64
N ILE A 42 -13.10 -42.54 -23.66
CA ILE A 42 -12.76 -43.95 -23.94
C ILE A 42 -12.34 -44.08 -25.42
N GLN A 43 -13.15 -43.49 -26.33
CA GLN A 43 -12.94 -43.49 -27.78
C GLN A 43 -11.65 -42.79 -28.23
N SER A 44 -11.22 -41.76 -27.48
CA SER A 44 -9.99 -41.01 -27.75
C SER A 44 -8.74 -41.82 -27.36
N LEU A 45 -8.88 -42.73 -26.37
CA LEU A 45 -7.81 -43.58 -25.86
C LEU A 45 -7.46 -44.75 -26.78
N VAL A 46 -8.48 -45.39 -27.42
CA VAL A 46 -8.29 -46.52 -28.34
C VAL A 46 -7.59 -46.10 -29.64
N GLY A 47 -7.76 -44.83 -30.03
CA GLY A 47 -7.14 -44.24 -31.21
C GLY A 47 -5.63 -44.13 -31.08
N LEU A 48 -5.15 -43.79 -29.88
CA LEU A 48 -3.72 -43.67 -29.55
C LEU A 48 -3.11 -45.07 -29.37
N SER A 49 -1.90 -45.29 -29.90
CA SER A 49 -1.22 -46.58 -29.82
C SER A 49 0.28 -46.52 -29.51
N TRP A 50 0.81 -47.61 -28.92
CA TRP A 50 2.21 -47.84 -28.54
C TRP A 50 2.73 -46.83 -27.49
N ILE A 51 3.76 -46.02 -27.84
CA ILE A 51 4.41 -45.02 -26.98
C ILE A 51 3.47 -43.86 -26.62
N ASP A 52 2.48 -43.55 -27.49
CA ASP A 52 1.49 -42.48 -27.31
C ASP A 52 0.67 -42.59 -26.00
N TRP A 53 0.54 -43.82 -25.45
CA TRP A 53 -0.17 -44.09 -24.20
C TRP A 53 0.57 -43.47 -23.01
N LEU A 54 1.91 -43.64 -22.94
CA LEU A 54 2.74 -43.06 -21.88
C LEU A 54 2.83 -41.53 -22.03
N LYS A 55 2.89 -41.04 -23.28
CA LYS A 55 2.96 -39.61 -23.62
C LYS A 55 1.71 -38.83 -23.15
N HIS A 56 0.60 -39.54 -22.83
CA HIS A 56 -0.63 -38.95 -22.33
C HIS A 56 -0.86 -39.24 -20.84
N THR A 57 -0.62 -40.49 -20.39
CA THR A 57 -0.82 -40.92 -19.00
C THR A 57 0.29 -40.39 -18.07
N TYR A 58 1.56 -40.77 -18.33
CA TYR A 58 2.71 -40.34 -17.52
C TYR A 58 3.76 -39.63 -18.40
N PRO A 59 3.55 -38.36 -18.82
CA PRO A 59 4.54 -37.71 -19.70
C PRO A 59 5.79 -37.24 -18.95
N PRO A 60 7.00 -37.29 -19.59
CA PRO A 60 8.20 -36.85 -18.89
C PRO A 60 8.28 -35.32 -18.80
N GLU A 61 8.41 -34.80 -17.57
CA GLU A 61 8.47 -33.36 -17.30
C GLU A 61 9.86 -32.83 -17.70
N HIS A 62 9.90 -31.76 -18.51
CA HIS A 62 11.14 -31.15 -18.99
C HIS A 62 11.09 -29.63 -19.11
N GLU A 63 12.25 -28.97 -18.91
CA GLU A 63 12.40 -27.51 -18.99
C GLU A 63 13.66 -27.15 -19.80
N PRO A 64 13.57 -26.24 -20.80
CA PRO A 64 14.75 -25.91 -21.61
C PRO A 64 15.72 -24.88 -20.98
N SER A 65 15.45 -24.45 -19.74
CA SER A 65 16.25 -23.47 -19.00
C SER A 65 17.65 -23.99 -18.60
N VAL A 66 18.51 -23.08 -18.09
CA VAL A 66 19.88 -23.39 -17.66
C VAL A 66 19.99 -23.33 -16.11
N LEU A 67 20.84 -24.21 -15.53
CA LEU A 67 21.04 -24.30 -14.07
C LEU A 67 22.27 -23.52 -13.61
N GLU A 68 22.17 -22.91 -12.41
CA GLU A 68 23.24 -22.13 -11.79
C GLU A 68 24.22 -23.04 -11.05
N ASN A 69 25.54 -22.77 -11.20
CA ASN A 69 26.67 -23.51 -10.59
C ASN A 69 26.67 -24.99 -11.01
N LEU A 70 26.56 -25.23 -12.33
CA LEU A 70 26.51 -26.55 -12.94
C LEU A 70 27.85 -27.30 -12.89
N GLU A 71 28.99 -26.57 -13.02
CA GLU A 71 30.34 -27.13 -13.02
C GLU A 71 30.71 -27.79 -11.68
N ASP A 72 30.42 -27.11 -10.56
CA ASP A 72 30.71 -27.60 -9.20
C ASP A 72 29.78 -28.71 -8.74
N LYS A 73 28.48 -28.60 -9.08
CA LYS A 73 27.44 -29.58 -8.71
C LYS A 73 27.62 -30.96 -9.35
N LEU A 74 28.20 -31.02 -10.56
CA LEU A 74 28.44 -32.27 -11.30
C LEU A 74 29.79 -32.90 -10.97
N TYR A 75 29.84 -34.24 -11.01
CA TYR A 75 31.06 -35.02 -10.77
C TYR A 75 31.94 -34.94 -12.04
N GLY A 76 32.74 -33.88 -12.11
CA GLY A 76 33.63 -33.59 -13.23
C GLY A 76 32.90 -33.33 -14.53
N GLY A 77 31.80 -32.59 -14.45
CA GLY A 77 30.95 -32.25 -15.58
C GLY A 77 30.15 -33.42 -16.10
N LYS A 78 29.82 -34.38 -15.21
CA LYS A 78 29.05 -35.59 -15.54
C LYS A 78 28.08 -36.00 -14.43
N LEU A 79 26.98 -36.67 -14.82
CA LEU A 79 25.95 -37.18 -13.91
C LEU A 79 26.27 -38.61 -13.51
N VAL A 80 26.05 -38.95 -12.22
CA VAL A 80 26.27 -40.30 -11.71
C VAL A 80 24.90 -40.93 -11.45
N VAL A 81 24.57 -42.00 -12.19
CA VAL A 81 23.29 -42.70 -12.07
C VAL A 81 23.44 -44.16 -11.67
N ALA A 82 22.51 -44.65 -10.83
CA ALA A 82 22.44 -46.03 -10.36
C ALA A 82 21.27 -46.71 -11.09
N VAL A 83 21.54 -47.80 -11.84
CA VAL A 83 20.54 -48.51 -12.65
C VAL A 83 20.58 -50.04 -12.47
N HIS A 84 19.41 -50.69 -12.30
CA HIS A 84 19.26 -52.14 -12.23
C HIS A 84 18.05 -52.62 -13.04
N PHE A 85 18.11 -53.87 -13.53
CA PHE A 85 17.04 -54.48 -14.34
C PHE A 85 15.89 -55.01 -13.48
N GLU A 86 14.71 -55.24 -14.10
CA GLU A 86 13.46 -55.70 -13.50
C GLU A 86 13.62 -56.88 -12.51
N ASN A 87 14.41 -57.92 -12.88
CA ASN A 87 14.63 -59.10 -12.05
C ASN A 87 16.01 -59.15 -11.39
N SER A 88 16.98 -58.35 -11.89
CA SER A 88 18.35 -58.31 -11.37
C SER A 88 18.51 -57.33 -10.20
N GLN A 89 19.10 -57.80 -9.10
CA GLN A 89 19.35 -57.00 -7.90
C GLN A 89 20.69 -56.23 -8.01
N ASP A 90 21.52 -56.58 -9.01
CA ASP A 90 22.82 -55.97 -9.26
C ASP A 90 22.66 -54.57 -9.86
N VAL A 91 23.03 -53.53 -9.09
CA VAL A 91 22.95 -52.14 -9.57
C VAL A 91 24.27 -51.76 -10.27
N PHE A 92 24.18 -50.94 -11.32
CA PHE A 92 25.33 -50.49 -12.08
C PHE A 92 25.51 -48.98 -11.92
N SER A 93 26.61 -48.58 -11.26
CA SER A 93 26.91 -47.17 -11.03
C SER A 93 27.88 -46.69 -12.11
N PHE A 94 27.42 -45.73 -12.94
CA PHE A 94 28.21 -45.19 -14.06
C PHE A 94 28.00 -43.69 -14.30
N GLN A 95 28.94 -43.07 -15.04
CA GLN A 95 28.91 -41.65 -15.39
C GLN A 95 28.32 -41.43 -16.78
N VAL A 96 27.38 -40.47 -16.89
CA VAL A 96 26.71 -40.11 -18.14
C VAL A 96 26.74 -38.58 -18.29
N SER A 97 27.05 -38.07 -19.49
CA SER A 97 27.11 -36.63 -19.79
C SER A 97 25.70 -36.01 -19.76
N PRO A 98 25.53 -34.80 -19.17
CA PRO A 98 24.18 -34.19 -19.10
C PRO A 98 23.59 -33.76 -20.44
N ASN A 99 24.44 -33.47 -21.44
CA ASN A 99 24.03 -33.04 -22.78
C ASN A 99 23.45 -34.17 -23.64
N LEU A 100 23.75 -35.44 -23.31
CA LEU A 100 23.28 -36.61 -24.04
C LEU A 100 21.84 -37.02 -23.70
N ASN A 101 21.18 -37.73 -24.63
CA ASN A 101 19.80 -38.23 -24.51
C ASN A 101 19.69 -39.39 -23.48
N PRO A 102 18.48 -39.72 -22.95
CA PRO A 102 18.38 -40.82 -21.98
C PRO A 102 18.73 -42.22 -22.51
N ILE A 103 18.79 -42.38 -23.86
CA ILE A 103 19.13 -43.64 -24.54
C ILE A 103 20.59 -44.08 -24.23
N LYS A 104 21.47 -43.11 -23.86
CA LYS A 104 22.86 -43.37 -23.50
C LYS A 104 22.98 -44.19 -22.22
N ILE A 105 22.04 -44.01 -21.27
CA ILE A 105 21.99 -44.75 -20.01
C ILE A 105 21.58 -46.21 -20.33
N ASN A 106 20.64 -46.39 -21.27
CA ASN A 106 20.13 -47.68 -21.74
C ASN A 106 21.24 -48.56 -22.34
N GLU A 107 22.09 -47.96 -23.22
CA GLU A 107 23.18 -48.68 -23.89
C GLU A 107 24.40 -48.92 -22.98
N LEU A 108 24.69 -48.00 -22.04
CA LEU A 108 25.83 -48.14 -21.13
C LEU A 108 25.58 -49.18 -20.03
N ALA A 109 24.29 -49.42 -19.68
CA ALA A 109 23.90 -50.40 -18.67
C ALA A 109 23.84 -51.82 -19.21
N ILE A 110 23.35 -52.01 -20.46
CA ILE A 110 23.26 -53.33 -21.11
C ILE A 110 24.65 -53.89 -21.42
N GLN A 111 25.62 -53.00 -21.73
CA GLN A 111 27.02 -53.36 -22.01
C GLN A 111 27.71 -53.88 -20.75
N LYS A 112 27.36 -53.30 -19.58
CA LYS A 112 27.89 -53.71 -18.27
C LYS A 112 27.34 -55.08 -17.87
N ARG A 113 26.09 -55.39 -18.26
CA ARG A 113 25.43 -56.67 -18.01
C ARG A 113 25.99 -57.74 -18.94
N LEU A 114 26.34 -57.35 -20.19
CA LEU A 114 26.90 -58.25 -21.21
C LEU A 114 28.32 -58.69 -20.86
N THR A 115 29.09 -57.83 -20.17
CA THR A 115 30.48 -58.12 -19.75
C THR A 115 30.54 -59.09 -18.57
N ILE A 116 29.65 -58.92 -17.57
CA ILE A 116 29.58 -59.75 -16.37
C ILE A 116 28.25 -60.49 -16.34
N ALA A 123 21.19 -58.22 -26.46
CA ALA A 123 20.18 -57.26 -26.02
C ALA A 123 20.40 -55.89 -26.67
N SER A 124 19.30 -55.25 -27.13
CA SER A 124 19.31 -53.94 -27.77
C SER A 124 18.80 -52.84 -26.84
N PRO A 125 19.42 -51.63 -26.82
CA PRO A 125 18.93 -50.57 -25.92
C PRO A 125 17.60 -49.93 -26.29
N CYS A 126 17.16 -50.10 -27.56
CA CYS A 126 15.91 -49.56 -28.09
C CYS A 126 14.67 -50.21 -27.47
N ASP A 127 14.75 -51.50 -27.07
CA ASP A 127 13.63 -52.21 -26.44
C ASP A 127 13.63 -52.08 -24.90
N TYR A 128 13.97 -50.89 -24.39
CA TYR A 128 14.02 -50.57 -22.96
C TYR A 128 13.60 -49.13 -22.69
N VAL A 129 12.86 -48.90 -21.59
CA VAL A 129 12.41 -47.59 -21.15
C VAL A 129 12.82 -47.34 -19.68
N LEU A 130 13.25 -46.11 -19.37
CA LEU A 130 13.70 -45.74 -18.03
C LEU A 130 12.54 -45.37 -17.11
N GLN A 131 12.44 -46.05 -15.96
CA GLN A 131 11.42 -45.85 -14.94
C GLN A 131 12.08 -45.38 -13.65
N VAL A 132 11.54 -44.29 -13.07
CA VAL A 132 12.01 -43.67 -11.82
C VAL A 132 11.80 -44.67 -10.67
N SER A 133 12.76 -44.74 -9.72
CA SER A 133 12.74 -45.68 -8.62
C SER A 133 11.58 -45.48 -7.67
N GLY A 134 10.82 -46.56 -7.53
CA GLY A 134 9.66 -46.66 -6.67
C GLY A 134 8.55 -45.69 -6.98
N ARG A 135 8.46 -45.21 -8.25
CA ARG A 135 7.45 -44.25 -8.71
C ARG A 135 6.95 -44.60 -10.10
N VAL A 136 5.66 -44.34 -10.40
CA VAL A 136 5.10 -44.59 -11.73
C VAL A 136 5.36 -43.34 -12.59
N GLU A 137 6.66 -43.03 -12.77
CA GLU A 137 7.20 -41.90 -13.54
C GLU A 137 8.22 -42.44 -14.56
N TYR A 138 8.22 -41.86 -15.77
CA TYR A 138 9.11 -42.31 -16.84
C TYR A 138 9.95 -41.19 -17.47
N VAL A 139 11.19 -41.52 -17.84
CA VAL A 139 12.14 -40.60 -18.48
C VAL A 139 12.51 -41.17 -19.86
N PHE A 140 11.99 -40.54 -20.93
CA PHE A 140 12.18 -40.92 -22.33
C PHE A 140 12.00 -39.75 -23.30
N GLY A 141 12.52 -39.92 -24.52
CA GLY A 141 12.44 -38.95 -25.59
C GLY A 141 13.75 -38.48 -26.18
N ASP A 142 13.65 -37.73 -27.29
CA ASP A 142 14.79 -37.15 -28.03
C ASP A 142 15.12 -35.76 -27.46
N HIS A 143 15.29 -35.71 -26.11
CA HIS A 143 15.59 -34.51 -25.34
C HIS A 143 16.85 -34.77 -24.49
N PRO A 144 17.74 -33.77 -24.25
CA PRO A 144 18.92 -34.03 -23.40
C PRO A 144 18.54 -34.33 -21.95
N LEU A 145 19.36 -35.13 -21.24
CA LEU A 145 19.13 -35.55 -19.86
C LEU A 145 19.02 -34.40 -18.85
N ILE A 146 19.75 -33.30 -19.07
CA ILE A 146 19.75 -32.13 -18.19
C ILE A 146 18.38 -31.38 -18.23
N GLN A 147 17.63 -31.53 -19.34
CA GLN A 147 16.32 -30.91 -19.52
C GLN A 147 15.23 -31.52 -18.63
N PHE A 148 15.27 -32.85 -18.41
CA PHE A 148 14.31 -33.59 -17.59
C PHE A 148 14.27 -33.12 -16.14
N GLN A 149 13.05 -32.96 -15.59
CA GLN A 149 12.78 -32.48 -14.24
C GLN A 149 13.34 -33.37 -13.12
N TYR A 150 13.21 -34.71 -13.24
CA TYR A 150 13.70 -35.66 -12.24
C TYR A 150 15.21 -35.56 -12.07
N ILE A 151 15.96 -35.40 -13.17
CA ILE A 151 17.41 -35.22 -13.18
C ILE A 151 17.76 -33.83 -12.59
N ARG A 152 17.00 -32.79 -13.00
CA ARG A 152 17.14 -31.40 -12.57
C ARG A 152 16.97 -31.26 -11.05
N ASN A 153 15.93 -31.92 -10.48
CA ASN A 153 15.64 -31.92 -9.04
C ASN A 153 16.72 -32.65 -8.25
N CYS A 154 17.26 -33.75 -8.82
CA CYS A 154 18.33 -34.57 -8.24
C CYS A 154 19.62 -33.78 -8.07
N VAL A 155 19.96 -32.90 -9.04
CA VAL A 155 21.16 -32.05 -9.00
C VAL A 155 21.00 -30.97 -7.90
N MET A 156 19.82 -30.32 -7.85
CA MET A 156 19.48 -29.27 -6.88
C MET A 156 19.42 -29.79 -5.43
N ASN A 157 18.83 -30.99 -5.22
CA ASN A 157 18.70 -31.63 -3.91
C ASN A 157 19.94 -32.49 -3.57
N ARG A 158 20.90 -32.58 -4.53
CA ARG A 158 22.17 -33.33 -4.47
C ARG A 158 22.00 -34.84 -4.63
N THR A 159 20.81 -35.39 -4.34
CA THR A 159 20.43 -36.82 -4.40
C THR A 159 20.81 -37.46 -5.75
N LEU A 160 21.25 -38.72 -5.74
CA LEU A 160 21.63 -39.45 -6.95
C LEU A 160 20.40 -40.04 -7.66
N PRO A 161 20.26 -39.87 -9.00
CA PRO A 161 19.08 -40.42 -9.69
C PRO A 161 19.13 -41.94 -9.83
N HIS A 162 18.02 -42.60 -9.48
CA HIS A 162 17.89 -44.05 -9.55
C HIS A 162 16.88 -44.45 -10.62
N PHE A 163 17.32 -45.31 -11.58
CA PHE A 163 16.48 -45.77 -12.69
C PHE A 163 16.36 -47.28 -12.77
N ILE A 164 15.19 -47.75 -13.23
CA ILE A 164 14.90 -49.17 -13.39
C ILE A 164 14.56 -49.42 -14.86
N LEU A 165 15.37 -50.25 -15.53
CA LEU A 165 15.19 -50.57 -16.94
C LEU A 165 14.05 -51.56 -17.16
N VAL A 166 12.93 -51.05 -17.71
CA VAL A 166 11.74 -51.84 -18.00
C VAL A 166 11.69 -52.10 -19.51
N GLU A 167 11.61 -53.38 -19.89
CA GLU A 167 11.56 -53.83 -21.29
C GLU A 167 10.28 -53.35 -21.97
N CYS A 168 10.38 -53.03 -23.27
CA CYS A 168 9.25 -52.55 -24.10
C CYS A 168 8.10 -53.54 -24.18
N CYS A 169 8.40 -54.86 -24.12
CA CYS A 169 7.43 -55.94 -24.14
C CYS A 169 6.58 -55.97 -22.86
N LYS A 170 7.20 -55.63 -21.70
CA LYS A 170 6.52 -55.57 -20.39
C LYS A 170 5.58 -54.36 -20.34
N ILE A 171 5.99 -53.24 -20.97
CA ILE A 171 5.20 -52.00 -21.08
C ILE A 171 4.03 -52.25 -22.03
N LYS A 172 4.28 -53.03 -23.12
CA LYS A 172 3.28 -53.44 -24.11
C LYS A 172 2.22 -54.31 -23.43
N LYS A 173 2.65 -55.21 -22.52
CA LYS A 173 1.79 -56.11 -21.73
C LYS A 173 0.92 -55.30 -20.76
N MET A 174 1.48 -54.21 -20.19
CA MET A 174 0.80 -53.29 -19.27
C MET A 174 -0.22 -52.44 -20.05
N TYR A 175 0.16 -52.01 -21.28
CA TYR A 175 -0.66 -51.20 -22.18
C TYR A 175 -1.87 -51.98 -22.73
N GLU A 176 -1.62 -53.21 -23.25
CA GLU A 176 -2.65 -54.08 -23.83
C GLU A 176 -3.73 -54.50 -22.83
N GLN A 177 -3.32 -54.88 -21.60
CA GLN A 177 -4.23 -55.29 -20.51
C GLN A 177 -5.24 -54.21 -20.15
N GLU A 178 -4.81 -52.94 -20.16
CA GLU A 178 -5.68 -51.78 -19.89
C GLU A 178 -6.60 -51.52 -21.08
N MET A 179 -6.08 -51.66 -22.32
CA MET A 179 -6.80 -51.46 -23.58
C MET A 179 -7.99 -52.41 -23.78
N ILE A 180 -7.89 -53.65 -23.28
CA ILE A 180 -8.96 -54.66 -23.35
C ILE A 180 -10.16 -54.20 -22.52
N ALA A 181 -9.89 -53.64 -21.31
CA ALA A 181 -10.90 -53.09 -20.41
C ALA A 181 -11.55 -51.83 -21.00
N ILE A 182 -10.77 -51.03 -21.75
CA ILE A 182 -11.22 -49.81 -22.42
C ILE A 182 -12.11 -50.20 -23.62
N GLU A 183 -11.72 -51.25 -24.37
CA GLU A 183 -12.47 -51.78 -25.51
C GLU A 183 -13.76 -52.50 -25.08
N ALA A 184 -13.82 -52.98 -23.82
CA ALA A 184 -14.98 -53.67 -23.25
C ALA A 184 -16.18 -52.75 -22.95
N ALA A 185 -15.99 -51.42 -23.07
CA ALA A 185 -17.01 -50.39 -22.83
C ALA A 185 -18.13 -50.37 -23.89
N ILE A 186 -17.95 -51.10 -25.02
CA ILE A 186 -18.92 -51.19 -26.14
C ILE A 186 -20.22 -51.88 -25.72
N ILE A 208 -43.12 -14.39 -18.24
CA ILE A 208 -42.14 -14.17 -17.18
C ILE A 208 -41.90 -12.65 -16.99
N TRP A 209 -41.18 -11.98 -17.92
CA TRP A 209 -40.95 -10.53 -17.89
C TRP A 209 -42.22 -9.70 -18.14
N ASP A 210 -43.22 -10.28 -18.82
CA ASP A 210 -44.50 -9.63 -19.10
C ASP A 210 -45.44 -9.65 -17.88
N ASN A 211 -45.22 -10.61 -16.95
CA ASN A 211 -46.01 -10.78 -15.73
C ASN A 211 -45.78 -9.64 -14.73
N ASN A 212 -46.82 -8.82 -14.50
CA ASN A 212 -46.81 -7.68 -13.60
C ASN A 212 -47.25 -8.04 -12.17
N ASN A 213 -47.91 -9.22 -12.01
CA ASN A 213 -48.41 -9.76 -10.75
C ASN A 213 -47.29 -10.01 -9.71
N PRO A 214 -47.54 -9.75 -8.39
CA PRO A 214 -46.48 -9.98 -7.40
C PRO A 214 -46.32 -11.46 -7.01
N PHE A 215 -45.11 -11.84 -6.58
CA PHE A 215 -44.78 -13.21 -6.15
C PHE A 215 -45.39 -13.52 -4.80
N GLN A 216 -46.05 -14.69 -4.69
CA GLN A 216 -46.70 -15.15 -3.45
C GLN A 216 -46.74 -16.68 -3.33
N ILE A 217 -46.48 -17.19 -2.12
CA ILE A 217 -46.48 -18.62 -1.79
C ILE A 217 -47.41 -18.93 -0.61
N THR A 218 -48.06 -20.10 -0.64
CA THR A 218 -49.00 -20.51 0.41
C THR A 218 -48.38 -21.50 1.39
N LEU A 219 -48.36 -21.15 2.69
CA LEU A 219 -47.86 -21.98 3.79
C LEU A 219 -49.09 -22.74 4.31
N VAL A 220 -49.05 -24.10 4.30
CA VAL A 220 -50.22 -24.88 4.69
C VAL A 220 -50.02 -25.73 5.98
N LYS A 221 -49.01 -26.64 6.06
CA LYS A 221 -48.87 -27.52 7.22
C LYS A 221 -47.41 -27.87 7.58
N GLY A 222 -47.15 -27.95 8.89
CA GLY A 222 -45.89 -28.37 9.48
C GLY A 222 -46.07 -29.74 10.08
N ASN A 223 -45.75 -30.79 9.29
CA ASN A 223 -45.93 -32.21 9.63
C ASN A 223 -45.27 -32.67 10.94
N LYS A 224 -43.92 -32.82 10.96
CA LYS A 224 -43.19 -33.29 12.14
C LYS A 224 -42.71 -32.15 13.05
N LEU A 225 -43.65 -31.28 13.48
CA LEU A 225 -43.37 -30.15 14.36
C LEU A 225 -43.40 -30.57 15.82
N ASN A 226 -42.38 -30.14 16.60
CA ASN A 226 -42.25 -30.45 18.02
C ASN A 226 -42.26 -29.18 18.86
N HIS A 234 -44.54 -19.82 14.68
CA HIS A 234 -44.69 -19.10 13.42
C HIS A 234 -43.49 -19.32 12.47
N VAL A 235 -43.73 -19.17 11.16
CA VAL A 235 -42.72 -19.37 10.11
C VAL A 235 -42.34 -18.03 9.48
N ARG A 236 -41.03 -17.73 9.45
CA ARG A 236 -40.45 -16.53 8.88
C ARG A 236 -39.94 -16.83 7.46
N ALA A 237 -40.34 -16.01 6.47
CA ALA A 237 -39.95 -16.19 5.07
C ALA A 237 -39.33 -14.91 4.48
N GLY A 238 -38.34 -15.10 3.61
CA GLY A 238 -37.64 -14.01 2.93
C GLY A 238 -36.88 -14.46 1.69
N LEU A 239 -36.81 -13.57 0.68
CA LEU A 239 -36.11 -13.82 -0.58
C LEU A 239 -34.69 -13.27 -0.57
N PHE A 240 -33.72 -14.10 -0.98
CA PHE A 240 -32.29 -13.76 -1.02
C PHE A 240 -31.63 -14.09 -2.35
N HIS A 241 -30.51 -13.40 -2.65
CA HIS A 241 -29.67 -13.63 -3.83
C HIS A 241 -28.22 -13.49 -3.36
N GLY A 242 -27.78 -14.52 -2.62
CA GLY A 242 -26.46 -14.57 -2.00
C GLY A 242 -26.56 -14.11 -0.56
N THR A 243 -26.21 -12.84 -0.33
CA THR A 243 -26.29 -12.19 0.98
C THR A 243 -27.38 -11.10 0.97
N GLU A 244 -27.60 -10.48 -0.21
CA GLU A 244 -28.55 -9.40 -0.44
C GLU A 244 -30.00 -9.83 -0.28
N LEU A 245 -30.80 -8.97 0.37
CA LEU A 245 -32.23 -9.16 0.60
C LEU A 245 -32.98 -8.53 -0.58
N LEU A 246 -33.69 -9.35 -1.36
CA LEU A 246 -34.44 -8.91 -2.55
C LEU A 246 -35.64 -8.02 -2.23
N CYS A 247 -36.40 -8.36 -1.17
CA CYS A 247 -37.58 -7.63 -0.70
C CYS A 247 -37.78 -7.81 0.81
N LYS A 248 -38.65 -6.97 1.42
CA LYS A 248 -38.97 -7.00 2.85
C LYS A 248 -39.43 -8.39 3.31
N THR A 249 -38.94 -8.83 4.50
CA THR A 249 -39.25 -10.14 5.09
C THR A 249 -40.72 -10.24 5.51
N VAL A 250 -41.31 -11.44 5.34
CA VAL A 250 -42.72 -11.73 5.66
C VAL A 250 -42.81 -12.71 6.85
N VAL A 251 -43.63 -12.36 7.86
CA VAL A 251 -43.84 -13.16 9.07
C VAL A 251 -45.29 -13.68 9.09
N SER A 252 -45.47 -15.00 9.34
CA SER A 252 -46.77 -15.65 9.43
C SER A 252 -47.34 -15.55 10.85
N SER A 253 -48.67 -15.72 11.01
CA SER A 253 -49.35 -15.65 12.30
C SER A 253 -48.98 -16.82 13.22
N GLU A 254 -48.89 -16.53 14.54
CA GLU A 254 -48.51 -17.50 15.58
C GLU A 254 -49.60 -18.55 15.82
N ILE A 255 -49.20 -19.83 15.95
CA ILE A 255 -50.09 -20.96 16.19
C ILE A 255 -49.68 -21.65 17.50
N ILE A 262 -50.59 -26.44 10.84
CA ILE A 262 -51.73 -25.86 10.12
C ILE A 262 -51.64 -24.33 10.10
N TRP A 263 -51.64 -23.74 8.88
CA TRP A 263 -51.58 -22.30 8.67
C TRP A 263 -52.60 -21.83 7.63
N ASN A 264 -52.52 -22.37 6.38
CA ASN A 264 -53.37 -22.05 5.22
C ASN A 264 -53.40 -20.53 4.94
N GLU A 265 -52.20 -19.90 4.95
CA GLU A 265 -52.01 -18.47 4.74
C GLU A 265 -51.21 -18.17 3.47
N GLN A 266 -51.59 -17.10 2.77
CA GLN A 266 -50.94 -16.64 1.55
C GLN A 266 -49.88 -15.59 1.93
N LEU A 267 -48.59 -15.97 1.79
CA LEU A 267 -47.46 -15.08 2.11
C LEU A 267 -47.06 -14.30 0.85
N GLU A 268 -47.42 -13.00 0.81
CA GLU A 268 -47.13 -12.11 -0.31
C GLU A 268 -45.85 -11.32 -0.09
N PHE A 269 -44.94 -11.36 -1.08
CA PHE A 269 -43.66 -10.66 -1.06
C PHE A 269 -43.71 -9.35 -1.84
N ASP A 270 -42.86 -8.36 -1.45
CA ASP A 270 -42.78 -7.04 -2.09
C ASP A 270 -41.90 -7.08 -3.35
N ILE A 271 -42.20 -8.02 -4.27
CA ILE A 271 -41.49 -8.25 -5.54
C ILE A 271 -42.41 -8.95 -6.56
N ASN A 272 -42.24 -8.64 -7.84
CA ASN A 272 -43.00 -9.23 -8.95
C ASN A 272 -42.20 -10.41 -9.55
N ILE A 273 -42.90 -11.31 -10.28
CA ILE A 273 -42.29 -12.49 -10.93
C ILE A 273 -41.24 -12.06 -11.98
N CYS A 274 -41.51 -10.95 -12.71
CA CYS A 274 -40.63 -10.37 -13.72
C CYS A 274 -39.28 -9.90 -13.14
N ASP A 275 -39.31 -9.32 -11.93
CA ASP A 275 -38.14 -8.80 -11.23
C ASP A 275 -37.27 -9.87 -10.55
N LEU A 276 -37.82 -11.09 -10.37
CA LEU A 276 -37.13 -12.20 -9.71
C LEU A 276 -35.92 -12.72 -10.51
N PRO A 277 -34.73 -12.86 -9.87
CA PRO A 277 -33.57 -13.38 -10.60
C PRO A 277 -33.61 -14.91 -10.75
N ARG A 278 -32.79 -15.45 -11.67
CA ARG A 278 -32.69 -16.88 -11.98
C ARG A 278 -32.32 -17.74 -10.76
N MET A 279 -31.27 -17.34 -10.02
CA MET A 279 -30.78 -18.09 -8.86
C MET A 279 -31.29 -17.50 -7.53
N ALA A 280 -32.59 -17.17 -7.48
CA ALA A 280 -33.25 -16.61 -6.29
C ALA A 280 -33.48 -17.69 -5.24
N ARG A 281 -33.12 -17.38 -3.98
CA ARG A 281 -33.25 -18.27 -2.83
C ARG A 281 -34.46 -17.91 -1.97
N LEU A 282 -35.26 -18.92 -1.62
CA LEU A 282 -36.45 -18.78 -0.78
C LEU A 282 -36.15 -19.49 0.55
N CYS A 283 -35.85 -18.68 1.59
CA CYS A 283 -35.47 -19.17 2.92
C CYS A 283 -36.62 -19.17 3.92
N PHE A 284 -36.67 -20.22 4.77
CA PHE A 284 -37.67 -20.41 5.81
C PHE A 284 -37.03 -20.70 7.17
N ALA A 285 -37.68 -20.24 8.26
CA ALA A 285 -37.23 -20.44 9.64
C ALA A 285 -38.44 -20.53 10.58
N VAL A 286 -38.50 -21.60 11.39
CA VAL A 286 -39.59 -21.86 12.33
C VAL A 286 -39.15 -21.56 13.76
N TYR A 287 -39.81 -20.59 14.41
CA TYR A 287 -39.54 -20.17 15.80
C TYR A 287 -40.74 -19.47 16.41
N TYR A 318 -35.66 -20.06 21.10
CA TYR A 318 -36.82 -20.22 20.20
C TYR A 318 -36.60 -20.99 18.86
N PRO A 319 -35.37 -21.15 18.25
CA PRO A 319 -35.30 -21.84 16.94
C PRO A 319 -35.74 -23.30 16.96
N VAL A 320 -36.57 -23.70 15.98
CA VAL A 320 -37.10 -25.06 15.86
C VAL A 320 -36.50 -25.77 14.62
N ALA A 321 -36.78 -25.26 13.41
CA ALA A 321 -36.31 -25.84 12.14
C ALA A 321 -36.20 -24.80 11.01
N TRP A 322 -35.15 -24.93 10.18
CA TRP A 322 -34.88 -24.06 9.03
C TRP A 322 -34.79 -24.87 7.73
N VAL A 323 -35.22 -24.27 6.60
CA VAL A 323 -35.18 -24.90 5.28
C VAL A 323 -35.06 -23.85 4.16
N ASN A 324 -34.20 -24.12 3.16
CA ASN A 324 -33.97 -23.26 2.01
C ASN A 324 -34.39 -23.97 0.73
N THR A 325 -34.98 -23.24 -0.21
CA THR A 325 -35.44 -23.78 -1.50
C THR A 325 -35.21 -22.79 -2.63
N MET A 326 -35.07 -23.30 -3.87
CA MET A 326 -34.87 -22.48 -5.05
C MET A 326 -36.21 -22.14 -5.71
N VAL A 327 -36.36 -20.89 -6.17
CA VAL A 327 -37.57 -20.38 -6.83
C VAL A 327 -37.70 -21.04 -8.22
N PHE A 328 -36.60 -21.05 -8.99
CA PHE A 328 -36.51 -21.65 -10.32
C PHE A 328 -35.74 -22.98 -10.24
N ASP A 329 -36.22 -24.01 -10.96
CA ASP A 329 -35.59 -25.33 -10.98
C ASP A 329 -34.35 -25.38 -11.90
N PHE A 330 -33.73 -26.58 -12.05
CA PHE A 330 -32.53 -26.81 -12.87
C PHE A 330 -32.72 -26.45 -14.35
N LYS A 331 -33.94 -26.62 -14.88
CA LYS A 331 -34.28 -26.30 -16.27
C LYS A 331 -34.45 -24.78 -16.45
N GLY A 332 -34.81 -24.08 -15.37
CA GLY A 332 -35.02 -22.65 -15.35
C GLY A 332 -36.47 -22.24 -15.27
N GLN A 333 -37.37 -23.21 -15.04
CA GLN A 333 -38.82 -23.02 -14.95
C GLN A 333 -39.23 -22.54 -13.56
N LEU A 334 -40.21 -21.62 -13.50
CA LEU A 334 -40.78 -21.10 -12.25
C LEU A 334 -41.64 -22.22 -11.66
N ARG A 335 -41.29 -22.70 -10.46
CA ARG A 335 -41.96 -23.80 -9.76
C ARG A 335 -43.43 -23.54 -9.48
N SER A 336 -44.27 -24.58 -9.73
CA SER A 336 -45.72 -24.54 -9.54
C SER A 336 -46.23 -25.85 -8.94
N GLY A 337 -47.10 -25.74 -7.94
CA GLY A 337 -47.70 -26.89 -7.25
C GLY A 337 -47.25 -27.06 -5.82
N ASP A 338 -47.67 -28.18 -5.20
CA ASP A 338 -47.34 -28.54 -3.82
C ASP A 338 -45.92 -29.07 -3.71
N VAL A 339 -45.12 -28.49 -2.80
CA VAL A 339 -43.71 -28.86 -2.57
C VAL A 339 -43.49 -29.16 -1.08
N ILE A 340 -42.99 -30.37 -0.77
CA ILE A 340 -42.68 -30.83 0.59
C ILE A 340 -41.21 -30.53 0.87
N LEU A 341 -40.92 -29.80 1.95
CA LEU A 341 -39.56 -29.42 2.32
C LEU A 341 -39.15 -29.98 3.69
N HIS A 342 -38.13 -30.86 3.70
CA HIS A 342 -37.60 -31.48 4.90
C HIS A 342 -36.54 -30.56 5.52
N SER A 343 -36.91 -29.93 6.66
CA SER A 343 -36.09 -28.96 7.38
C SER A 343 -34.93 -29.58 8.19
N TRP A 344 -33.95 -28.74 8.57
CA TRP A 344 -32.76 -29.12 9.34
C TRP A 344 -32.89 -28.72 10.82
N SER A 345 -32.29 -29.52 11.72
CA SER A 345 -32.33 -29.31 13.17
C SER A 345 -31.24 -28.38 13.72
N SER A 346 -29.99 -28.53 13.24
CA SER A 346 -28.84 -27.73 13.69
C SER A 346 -28.88 -26.31 13.11
N PHE A 347 -28.73 -25.30 13.99
CA PHE A 347 -28.76 -23.87 13.64
C PHE A 347 -27.38 -23.21 13.76
N PRO A 348 -26.95 -22.38 12.77
CA PRO A 348 -25.65 -21.71 12.91
C PRO A 348 -25.72 -20.51 13.86
N ASP A 349 -24.55 -20.08 14.38
CA ASP A 349 -24.43 -18.95 15.30
C ASP A 349 -24.80 -17.61 14.67
N GLU A 350 -24.43 -17.41 13.38
CA GLU A 350 -24.71 -16.18 12.64
C GLU A 350 -25.90 -16.37 11.70
N LEU A 351 -26.90 -15.47 11.79
CA LEU A 351 -28.12 -15.49 10.98
C LEU A 351 -28.40 -14.11 10.37
N GLU A 352 -28.84 -14.09 9.10
CA GLU A 352 -29.18 -12.86 8.38
C GLU A 352 -30.69 -12.68 8.37
N GLU A 353 -31.19 -11.62 9.06
CA GLU A 353 -32.61 -11.26 9.20
C GLU A 353 -33.46 -12.44 9.75
N MET A 354 -32.93 -13.10 10.81
CA MET A 354 -33.51 -14.28 11.50
C MET A 354 -33.67 -15.50 10.57
N LEU A 355 -32.92 -15.50 9.46
CA LEU A 355 -32.92 -16.56 8.45
C LEU A 355 -31.49 -17.00 8.13
N ASN A 356 -31.33 -18.18 7.48
CA ASN A 356 -30.03 -18.72 7.11
C ASN A 356 -29.85 -18.81 5.57
N PRO A 357 -29.46 -17.70 4.89
CA PRO A 357 -29.26 -17.78 3.43
C PRO A 357 -27.97 -18.50 3.01
N MET A 358 -27.01 -18.63 3.96
CA MET A 358 -25.72 -19.29 3.77
C MET A 358 -25.87 -20.81 3.64
N GLY A 359 -26.92 -21.36 4.26
CA GLY A 359 -27.23 -22.79 4.26
C GLY A 359 -27.61 -23.35 2.90
N THR A 360 -27.49 -24.68 2.78
CA THR A 360 -27.80 -25.42 1.55
C THR A 360 -29.30 -25.45 1.23
N VAL A 361 -29.64 -25.59 -0.07
CA VAL A 361 -31.01 -25.65 -0.56
C VAL A 361 -31.54 -27.09 -0.60
N GLN A 362 -30.65 -28.07 -0.31
CA GLN A 362 -30.98 -29.50 -0.28
C GLN A 362 -31.77 -29.83 0.99
N THR A 363 -32.86 -30.59 0.85
CA THR A 363 -33.73 -31.01 1.96
C THR A 363 -33.11 -32.16 2.77
N ASN A 364 -33.62 -32.40 3.99
CA ASN A 364 -33.14 -33.46 4.89
C ASN A 364 -33.44 -34.85 4.30
N PRO A 365 -32.42 -35.71 4.09
CA PRO A 365 -32.66 -37.02 3.46
C PRO A 365 -33.38 -38.05 4.33
N TYR A 366 -33.58 -37.77 5.65
CA TYR A 366 -34.27 -38.65 6.60
C TYR A 366 -35.69 -38.99 6.13
N ALA A 367 -35.91 -40.27 5.78
CA ALA A 367 -37.19 -40.78 5.27
C ALA A 367 -38.28 -40.82 6.34
N GLU A 368 -39.11 -39.75 6.38
CA GLU A 368 -40.25 -39.54 7.29
C GLU A 368 -39.86 -39.67 8.78
N ASN A 369 -38.87 -38.87 9.23
CA ASN A 369 -38.37 -38.85 10.60
C ASN A 369 -38.03 -37.43 11.09
N ALA A 370 -37.66 -36.53 10.16
CA ALA A 370 -37.31 -35.13 10.45
C ALA A 370 -38.48 -34.17 10.19
N THR A 371 -38.38 -32.93 10.73
CA THR A 371 -39.37 -31.85 10.59
C THR A 371 -39.63 -31.52 9.11
N ALA A 372 -40.90 -31.53 8.70
CA ALA A 372 -41.32 -31.26 7.33
C ALA A 372 -42.28 -30.07 7.24
N LEU A 373 -42.00 -29.16 6.29
CA LEU A 373 -42.79 -27.96 6.04
C LEU A 373 -43.41 -28.05 4.64
N HIS A 374 -44.76 -28.07 4.58
CA HIS A 374 -45.50 -28.15 3.32
C HIS A 374 -45.86 -26.75 2.81
N ILE A 375 -45.49 -26.46 1.56
CA ILE A 375 -45.73 -25.18 0.90
C ILE A 375 -46.29 -25.38 -0.51
N THR A 376 -47.18 -24.47 -0.95
CA THR A 376 -47.81 -24.54 -2.27
C THR A 376 -47.45 -23.33 -3.13
N PHE A 377 -46.82 -23.58 -4.29
CA PHE A 377 -46.43 -22.58 -5.27
C PHE A 377 -47.63 -22.26 -6.20
N PRO A 378 -47.75 -21.04 -6.78
CA PRO A 378 -48.90 -20.76 -7.66
C PRO A 378 -48.94 -21.62 -8.93
N GLU A 379 -49.91 -22.55 -8.97
CA GLU A 379 -50.11 -23.50 -10.07
C GLU A 379 -51.32 -23.14 -10.96
N ASN A 380 -51.93 -21.95 -10.73
CA ASN A 380 -53.09 -21.43 -11.47
C ASN A 380 -52.79 -21.06 -12.92
N LYS A 381 -51.50 -20.92 -13.29
CA LYS A 381 -51.03 -20.55 -14.64
C LYS A 381 -51.36 -21.62 -15.68
N LYS A 382 -51.73 -21.18 -16.90
CA LYS A 382 -52.08 -22.04 -18.03
C LYS A 382 -50.87 -22.79 -18.59
N GLN A 383 -49.80 -22.05 -18.95
CA GLN A 383 -48.56 -22.59 -19.50
C GLN A 383 -47.40 -22.34 -18.53
N PRO A 384 -46.55 -23.37 -18.21
CA PRO A 384 -45.43 -23.14 -17.28
C PRO A 384 -44.38 -22.19 -17.85
N CYS A 385 -44.14 -21.07 -17.15
CA CYS A 385 -43.20 -20.03 -17.55
C CYS A 385 -41.77 -20.29 -17.08
N TYR A 386 -40.81 -20.21 -18.03
CA TYR A 386 -39.38 -20.40 -17.81
C TYR A 386 -38.69 -19.03 -17.73
N TYR A 387 -37.44 -19.00 -17.22
CA TYR A 387 -36.63 -17.79 -17.12
C TYR A 387 -36.16 -17.42 -18.55
N PRO A 388 -36.12 -16.11 -18.93
CA PRO A 388 -35.74 -15.76 -20.32
C PRO A 388 -34.37 -16.29 -20.78
N PRO A 389 -34.28 -16.81 -22.04
CA PRO A 389 -32.98 -17.32 -22.53
C PRO A 389 -31.94 -16.22 -22.76
N PHE A 390 -30.68 -16.62 -23.04
CA PHE A 390 -29.55 -15.71 -23.25
C PHE A 390 -29.77 -14.64 -24.31
N ASP A 391 -30.40 -14.98 -25.44
CA ASP A 391 -30.70 -14.03 -26.52
C ASP A 391 -31.69 -12.95 -26.07
N LYS A 392 -32.66 -13.32 -25.21
CA LYS A 392 -33.68 -12.41 -24.69
C LYS A 392 -33.14 -11.42 -23.66
N ILE A 393 -32.12 -11.82 -22.88
CA ILE A 393 -31.48 -10.99 -21.85
C ILE A 393 -30.72 -9.81 -22.50
N ILE A 394 -29.93 -10.11 -23.56
CA ILE A 394 -29.14 -9.13 -24.31
C ILE A 394 -30.06 -8.19 -25.12
N GLU A 395 -31.22 -8.70 -25.58
CA GLU A 395 -32.23 -7.96 -26.33
C GLU A 395 -32.82 -6.81 -25.49
N LYS A 396 -33.06 -7.08 -24.18
CA LYS A 396 -33.60 -6.10 -23.23
C LYS A 396 -32.53 -5.06 -22.86
N ALA A 397 -31.25 -5.47 -22.81
CA ALA A 397 -30.11 -4.61 -22.49
C ALA A 397 -29.87 -3.56 -23.59
N ALA A 398 -30.06 -3.95 -24.86
CA ALA A 398 -29.91 -3.06 -26.03
C ALA A 398 -31.07 -2.06 -26.09
N GLU A 399 -32.26 -2.47 -25.59
CA GLU A 399 -33.47 -1.65 -25.53
C GLU A 399 -33.33 -0.52 -24.48
N LEU A 400 -32.53 -0.77 -23.43
CA LEU A 400 -32.28 0.20 -22.35
C LEU A 400 -31.22 1.23 -22.73
N ALA A 401 -30.13 0.79 -23.39
CA ALA A 401 -29.03 1.66 -23.81
C ALA A 401 -29.39 2.50 -25.03
N SER A 402 -30.21 1.95 -25.96
CA SER A 402 -30.62 2.64 -27.18
C SER A 402 -32.10 2.44 -27.48
N LYS A 414 -19.57 15.11 -12.91
CA LYS A 414 -18.21 14.99 -12.39
C LYS A 414 -17.95 13.58 -11.85
N LYS A 415 -16.89 12.92 -12.36
CA LYS A 415 -16.50 11.56 -11.98
C LYS A 415 -15.59 11.53 -10.76
N PHE A 416 -15.89 10.64 -9.80
CA PHE A 416 -15.11 10.48 -8.58
C PHE A 416 -14.30 9.17 -8.65
N LEU A 417 -13.11 9.23 -9.28
CA LEU A 417 -12.21 8.10 -9.49
C LEU A 417 -11.50 7.61 -8.24
N ALA A 418 -11.03 8.53 -7.38
CA ALA A 418 -10.31 8.22 -6.14
C ALA A 418 -11.15 7.43 -5.13
N VAL A 419 -12.46 7.77 -5.02
CA VAL A 419 -13.38 7.08 -4.10
C VAL A 419 -13.78 5.70 -4.66
N LEU A 420 -13.76 5.53 -6.00
CA LEU A 420 -14.08 4.28 -6.68
C LEU A 420 -12.89 3.31 -6.54
N LYS A 421 -11.65 3.84 -6.64
CA LYS A 421 -10.39 3.10 -6.54
C LYS A 421 -10.23 2.43 -5.16
N GLU A 422 -10.76 3.06 -4.09
CA GLU A 422 -10.72 2.53 -2.72
C GLU A 422 -11.65 1.32 -2.60
N ILE A 423 -12.92 1.45 -3.05
CA ILE A 423 -13.95 0.41 -3.05
C ILE A 423 -13.48 -0.83 -3.83
N LEU A 424 -12.81 -0.61 -4.97
CA LEU A 424 -12.24 -1.61 -5.85
C LEU A 424 -11.10 -2.41 -5.19
N ASP A 425 -10.31 -1.74 -4.32
CA ASP A 425 -9.17 -2.32 -3.61
C ASP A 425 -9.53 -3.09 -2.33
N ARG A 426 -10.83 -3.09 -1.95
CA ARG A 426 -11.35 -3.76 -0.74
C ARG A 426 -11.31 -5.28 -0.83
N ASP A 427 -11.17 -5.94 0.33
CA ASP A 427 -11.12 -7.40 0.47
C ASP A 427 -12.51 -8.05 0.20
N PRO A 428 -12.60 -9.37 -0.12
CA PRO A 428 -13.92 -9.98 -0.41
C PRO A 428 -14.95 -9.99 0.73
N LEU A 429 -14.49 -9.95 2.01
CA LEU A 429 -15.40 -9.96 3.17
C LEU A 429 -16.18 -8.66 3.36
N SER A 430 -15.63 -7.53 2.87
CA SER A 430 -16.24 -6.20 2.98
C SER A 430 -17.62 -6.09 2.30
N GLN A 431 -18.56 -5.42 2.97
CA GLN A 431 -19.93 -5.21 2.48
C GLN A 431 -20.06 -3.82 1.86
N LEU A 432 -20.99 -3.66 0.89
CA LEU A 432 -21.22 -2.40 0.20
C LEU A 432 -22.52 -1.71 0.61
N CYS A 433 -22.47 -0.37 0.72
CA CYS A 433 -23.61 0.48 1.08
C CYS A 433 -24.40 0.85 -0.18
N GLU A 434 -25.67 1.30 -0.02
CA GLU A 434 -26.55 1.72 -1.11
C GLU A 434 -25.92 2.83 -1.95
N ASN A 435 -25.33 3.84 -1.28
CA ASN A 435 -24.64 4.97 -1.89
C ASN A 435 -23.37 4.54 -2.64
N GLU A 436 -22.65 3.54 -2.09
CA GLU A 436 -21.42 2.98 -2.68
C GLU A 436 -21.76 2.17 -3.92
N MET A 437 -22.86 1.40 -3.87
CA MET A 437 -23.38 0.55 -4.95
C MET A 437 -23.79 1.36 -6.18
N ASP A 438 -24.42 2.54 -5.95
CA ASP A 438 -24.87 3.45 -7.00
C ASP A 438 -23.69 4.07 -7.77
N LEU A 439 -22.56 4.30 -7.07
CA LEU A 439 -21.33 4.87 -7.64
C LEU A 439 -20.68 3.91 -8.65
N ILE A 440 -20.55 2.61 -8.30
CA ILE A 440 -19.97 1.58 -9.17
C ILE A 440 -20.86 1.37 -10.41
N TRP A 441 -22.19 1.38 -10.20
CA TRP A 441 -23.19 1.21 -11.26
C TRP A 441 -23.20 2.37 -12.26
N THR A 442 -23.05 3.62 -11.78
CA THR A 442 -23.01 4.81 -12.65
C THR A 442 -21.68 4.89 -13.41
N LEU A 443 -20.60 4.36 -12.81
CA LEU A 443 -19.25 4.34 -13.40
C LEU A 443 -18.91 2.95 -13.98
N ARG A 444 -19.93 2.20 -14.45
CA ARG A 444 -19.78 0.86 -15.04
C ARG A 444 -18.97 0.88 -16.35
N GLN A 445 -19.09 1.96 -17.14
CA GLN A 445 -18.37 2.15 -18.40
C GLN A 445 -16.87 2.43 -18.16
N ASP A 446 -16.56 3.16 -17.07
CA ASP A 446 -15.20 3.49 -16.65
C ASP A 446 -14.53 2.25 -16.06
N CYS A 447 -15.32 1.42 -15.36
CA CYS A 447 -14.89 0.15 -14.76
C CYS A 447 -14.51 -0.84 -15.85
N ARG A 448 -15.31 -0.91 -16.92
CA ARG A 448 -15.11 -1.79 -18.08
C ARG A 448 -13.87 -1.40 -18.90
N GLU A 449 -13.67 -0.10 -19.13
CA GLU A 449 -12.59 0.46 -19.96
C GLU A 449 -11.25 0.66 -19.26
N ASN A 450 -11.23 0.92 -17.93
CA ASN A 450 -9.98 1.20 -17.22
C ASN A 450 -9.55 0.17 -16.18
N PHE A 451 -10.49 -0.43 -15.42
CA PHE A 451 -10.14 -1.38 -14.36
C PHE A 451 -10.81 -2.76 -14.51
N PRO A 452 -10.11 -3.78 -15.09
CA PRO A 452 -10.74 -5.11 -15.23
C PRO A 452 -10.97 -5.85 -13.92
N GLN A 453 -10.24 -5.46 -12.84
CA GLN A 453 -10.32 -6.05 -11.50
C GLN A 453 -11.57 -5.59 -10.70
N SER A 454 -12.39 -4.68 -11.29
CA SER A 454 -13.59 -4.12 -10.68
C SER A 454 -14.82 -5.04 -10.68
N LEU A 455 -14.85 -6.04 -11.60
CA LEU A 455 -15.96 -6.97 -11.79
C LEU A 455 -16.53 -7.60 -10.48
N PRO A 456 -15.73 -8.14 -9.51
CA PRO A 456 -16.35 -8.67 -8.28
C PRO A 456 -17.21 -7.65 -7.52
N LYS A 457 -16.76 -6.38 -7.49
CA LYS A 457 -17.47 -5.28 -6.83
C LYS A 457 -18.62 -4.77 -7.70
N LEU A 458 -18.47 -4.84 -9.05
CA LEU A 458 -19.46 -4.41 -10.04
C LEU A 458 -20.69 -5.33 -10.03
N LEU A 459 -20.49 -6.64 -9.80
CA LEU A 459 -21.57 -7.63 -9.76
C LEU A 459 -22.43 -7.50 -8.50
N LEU A 460 -21.87 -6.86 -7.44
CA LEU A 460 -22.56 -6.61 -6.17
C LEU A 460 -23.09 -5.17 -6.07
N SER A 461 -22.94 -4.37 -7.14
CA SER A 461 -23.40 -2.98 -7.21
C SER A 461 -24.93 -2.87 -7.40
N ILE A 462 -25.59 -3.99 -7.72
CA ILE A 462 -27.04 -4.08 -7.90
C ILE A 462 -27.66 -5.05 -6.90
N LYS A 463 -28.93 -4.80 -6.50
CA LYS A 463 -29.66 -5.63 -5.54
C LYS A 463 -30.26 -6.90 -6.19
N TRP A 464 -30.24 -6.99 -7.54
CA TRP A 464 -30.77 -8.07 -8.37
C TRP A 464 -32.31 -8.21 -8.26
N ASN A 465 -32.98 -7.18 -7.73
CA ASN A 465 -34.43 -7.11 -7.53
C ASN A 465 -35.15 -6.34 -8.66
N LYS A 466 -34.45 -6.14 -9.79
CA LYS A 466 -34.95 -5.43 -10.97
C LYS A 466 -34.36 -6.07 -12.23
N LEU A 467 -35.23 -6.45 -13.20
CA LEU A 467 -34.83 -7.09 -14.46
C LEU A 467 -33.96 -6.20 -15.35
N GLU A 468 -34.15 -4.86 -15.27
CA GLU A 468 -33.41 -3.85 -16.05
C GLU A 468 -31.94 -3.80 -15.63
N ASP A 469 -31.67 -3.88 -14.30
CA ASP A 469 -30.33 -3.85 -13.73
C ASP A 469 -29.56 -5.14 -14.02
N VAL A 470 -30.25 -6.30 -13.99
CA VAL A 470 -29.67 -7.63 -14.25
C VAL A 470 -29.23 -7.75 -15.72
N ALA A 471 -30.15 -7.46 -16.68
CA ALA A 471 -29.91 -7.52 -18.12
C ALA A 471 -28.71 -6.67 -18.59
N GLN A 472 -28.57 -5.45 -18.05
CA GLN A 472 -27.48 -4.53 -18.37
C GLN A 472 -26.13 -5.05 -17.84
N LEU A 473 -26.14 -5.70 -16.66
CA LEU A 473 -24.96 -6.27 -16.02
C LEU A 473 -24.49 -7.53 -16.75
N GLN A 474 -25.44 -8.35 -17.25
CA GLN A 474 -25.15 -9.59 -17.99
C GLN A 474 -24.52 -9.30 -19.35
N ALA A 475 -24.92 -8.17 -19.97
CA ALA A 475 -24.42 -7.68 -21.28
C ALA A 475 -22.96 -7.23 -21.16
N LEU A 476 -22.58 -6.66 -20.00
CA LEU A 476 -21.23 -6.20 -19.70
C LEU A 476 -20.30 -7.35 -19.34
N LEU A 477 -20.86 -8.52 -18.97
CA LEU A 477 -20.14 -9.72 -18.54
C LEU A 477 -19.40 -10.46 -19.67
N GLN A 478 -19.99 -10.57 -20.88
CA GLN A 478 -19.34 -11.29 -21.99
C GLN A 478 -18.23 -10.48 -22.63
N ILE A 479 -18.44 -9.15 -22.75
CA ILE A 479 -17.48 -8.21 -23.33
C ILE A 479 -16.32 -7.92 -22.36
N TRP A 480 -16.46 -8.35 -21.09
CA TRP A 480 -15.45 -8.20 -20.04
C TRP A 480 -14.27 -9.16 -20.26
N PRO A 481 -13.00 -8.68 -20.15
CA PRO A 481 -11.86 -9.60 -20.34
C PRO A 481 -11.70 -10.58 -19.19
N LYS A 482 -11.10 -11.75 -19.47
CA LYS A 482 -10.88 -12.82 -18.47
C LYS A 482 -9.95 -12.39 -17.34
N LEU A 483 -10.45 -12.52 -16.09
CA LEU A 483 -9.72 -12.19 -14.87
C LEU A 483 -8.68 -13.29 -14.56
N PRO A 484 -7.57 -13.00 -13.83
CA PRO A 484 -6.60 -14.06 -13.51
C PRO A 484 -7.22 -15.17 -12.63
N PRO A 485 -6.76 -16.45 -12.74
CA PRO A 485 -7.37 -17.53 -11.94
C PRO A 485 -7.45 -17.31 -10.43
N ARG A 486 -6.47 -16.58 -9.84
CA ARG A 486 -6.44 -16.27 -8.41
C ARG A 486 -7.59 -15.33 -8.00
N GLU A 487 -7.90 -14.33 -8.86
CA GLU A 487 -8.99 -13.38 -8.65
C GLU A 487 -10.35 -13.98 -9.05
N ALA A 488 -10.32 -14.97 -9.96
CA ALA A 488 -11.50 -15.68 -10.46
C ALA A 488 -12.18 -16.55 -9.40
N LEU A 489 -11.39 -17.07 -8.43
CA LEU A 489 -11.86 -17.92 -7.34
C LEU A 489 -12.87 -17.24 -6.42
N GLU A 490 -12.83 -15.89 -6.35
CA GLU A 490 -13.72 -15.05 -5.57
C GLU A 490 -15.16 -15.10 -6.11
N LEU A 491 -15.31 -15.25 -7.45
CA LEU A 491 -16.62 -15.30 -8.12
C LEU A 491 -17.35 -16.65 -7.95
N LEU A 492 -16.81 -17.56 -7.14
CA LEU A 492 -17.40 -18.87 -6.86
C LEU A 492 -17.93 -19.03 -5.42
N ASP A 493 -17.81 -17.98 -4.58
CA ASP A 493 -18.30 -18.03 -3.21
C ASP A 493 -19.81 -17.71 -3.10
N PHE A 494 -20.32 -17.67 -1.86
CA PHE A 494 -21.72 -17.40 -1.48
C PHE A 494 -22.30 -16.10 -2.06
N ASN A 495 -21.45 -15.07 -2.25
CA ASN A 495 -21.85 -13.75 -2.77
C ASN A 495 -22.31 -13.76 -4.24
N TYR A 496 -21.87 -14.74 -5.04
CA TYR A 496 -22.18 -14.83 -6.47
C TYR A 496 -22.93 -16.12 -6.84
N PRO A 497 -24.29 -16.15 -6.71
CA PRO A 497 -25.02 -17.37 -7.03
C PRO A 497 -25.41 -17.58 -8.50
N ASP A 498 -25.46 -16.49 -9.30
CA ASP A 498 -25.84 -16.48 -10.73
C ASP A 498 -25.03 -17.45 -11.59
N GLN A 499 -25.72 -18.17 -12.49
CA GLN A 499 -25.17 -19.15 -13.42
C GLN A 499 -24.16 -18.58 -14.40
N TYR A 500 -24.52 -17.46 -15.10
CA TYR A 500 -23.67 -16.79 -16.08
C TYR A 500 -22.39 -16.21 -15.47
N VAL A 501 -22.47 -15.75 -14.21
CA VAL A 501 -21.35 -15.22 -13.44
C VAL A 501 -20.38 -16.38 -13.11
N ARG A 502 -20.93 -17.51 -12.66
CA ARG A 502 -20.18 -18.72 -12.32
C ARG A 502 -19.58 -19.41 -13.55
N GLU A 503 -20.26 -19.31 -14.71
CA GLU A 503 -19.80 -19.85 -16.00
C GLU A 503 -18.58 -19.07 -16.48
N TYR A 504 -18.53 -17.76 -16.18
CA TYR A 504 -17.43 -16.87 -16.52
C TYR A 504 -16.21 -17.21 -15.65
N ALA A 505 -16.43 -17.38 -14.32
CA ALA A 505 -15.41 -17.69 -13.32
C ALA A 505 -14.62 -18.96 -13.64
N VAL A 506 -15.33 -20.06 -13.98
CA VAL A 506 -14.74 -21.36 -14.35
C VAL A 506 -13.93 -21.23 -15.66
N GLY A 507 -14.43 -20.39 -16.58
CA GLY A 507 -13.79 -20.09 -17.86
C GLY A 507 -12.43 -19.43 -17.68
N CYS A 508 -12.31 -18.59 -16.64
CA CYS A 508 -11.07 -17.91 -16.27
C CYS A 508 -10.11 -18.92 -15.63
N LEU A 509 -10.66 -19.94 -14.94
CA LEU A 509 -9.89 -21.01 -14.28
C LEU A 509 -9.38 -22.05 -15.28
N ARG A 510 -9.88 -22.02 -16.53
CA ARG A 510 -9.47 -22.93 -17.60
C ARG A 510 -8.09 -22.52 -18.13
N GLN A 511 -7.68 -21.26 -17.89
CA GLN A 511 -6.40 -20.67 -18.30
C GLN A 511 -5.22 -21.30 -17.55
N MET A 512 -5.41 -21.64 -16.26
CA MET A 512 -4.37 -22.23 -15.41
C MET A 512 -4.06 -23.69 -15.77
N SER A 513 -2.85 -24.16 -15.40
CA SER A 513 -2.38 -25.52 -15.64
C SER A 513 -2.90 -26.47 -14.56
N ASP A 514 -2.68 -27.80 -14.73
CA ASP A 514 -3.08 -28.83 -13.79
C ASP A 514 -2.34 -28.69 -12.45
N GLU A 515 -1.04 -28.29 -12.51
CA GLU A 515 -0.18 -28.06 -11.35
C GLU A 515 -0.74 -26.93 -10.48
N GLU A 516 -1.27 -25.87 -11.12
CA GLU A 516 -1.88 -24.71 -10.45
C GLU A 516 -3.25 -25.09 -9.87
N LEU A 517 -4.01 -25.93 -10.61
CA LEU A 517 -5.36 -26.40 -10.23
C LEU A 517 -5.35 -27.29 -8.97
N SER A 518 -4.32 -28.15 -8.83
CA SER A 518 -4.16 -29.06 -7.69
C SER A 518 -4.01 -28.33 -6.35
N GLN A 519 -3.49 -27.09 -6.38
CA GLN A 519 -3.28 -26.22 -5.21
C GLN A 519 -4.61 -25.73 -4.62
N TYR A 520 -5.57 -25.39 -5.50
CA TYR A 520 -6.90 -24.87 -5.12
C TYR A 520 -8.00 -25.93 -5.27
N LEU A 521 -7.62 -27.20 -5.54
CA LEU A 521 -8.54 -28.33 -5.73
C LEU A 521 -9.41 -28.63 -4.50
N LEU A 522 -8.85 -28.46 -3.29
CA LEU A 522 -9.55 -28.68 -2.01
C LEU A 522 -10.74 -27.74 -1.86
N GLN A 523 -10.57 -26.46 -2.25
CA GLN A 523 -11.60 -25.42 -2.18
C GLN A 523 -12.72 -25.65 -3.20
N LEU A 524 -12.35 -26.01 -4.46
CA LEU A 524 -13.28 -26.26 -5.57
C LEU A 524 -14.26 -27.41 -5.31
N VAL A 525 -13.83 -28.45 -4.57
CA VAL A 525 -14.65 -29.61 -4.20
C VAL A 525 -15.74 -29.18 -3.21
N GLN A 526 -15.41 -28.26 -2.29
CA GLN A 526 -16.34 -27.73 -1.28
C GLN A 526 -17.36 -26.75 -1.88
N VAL A 527 -17.07 -26.17 -3.07
CA VAL A 527 -17.97 -25.25 -3.78
C VAL A 527 -19.16 -26.05 -4.34
N LEU A 528 -18.93 -27.34 -4.71
CA LEU A 528 -19.95 -28.28 -5.21
C LEU A 528 -21.08 -28.50 -4.19
N LYS A 529 -20.75 -28.39 -2.88
CA LYS A 529 -21.69 -28.52 -1.76
C LYS A 529 -22.67 -27.34 -1.78
N TYR A 530 -22.16 -26.12 -2.10
CA TYR A 530 -22.96 -24.90 -2.18
C TYR A 530 -23.83 -24.90 -3.46
N GLU A 531 -23.32 -25.52 -4.56
CA GLU A 531 -23.98 -25.61 -5.86
C GLU A 531 -25.41 -26.17 -5.74
N PRO A 532 -26.43 -25.38 -6.17
CA PRO A 532 -27.83 -25.84 -6.04
C PRO A 532 -28.22 -26.96 -7.00
N PHE A 533 -27.72 -26.92 -8.24
CA PHE A 533 -28.02 -27.93 -9.26
C PHE A 533 -26.80 -28.77 -9.61
N LEU A 534 -27.03 -30.05 -9.95
CA LEU A 534 -26.00 -31.03 -10.32
C LEU A 534 -25.23 -30.62 -11.57
N ASP A 535 -25.94 -30.30 -12.67
CA ASP A 535 -25.34 -29.91 -13.93
C ASP A 535 -24.94 -28.43 -13.92
N CYS A 536 -23.68 -28.18 -13.55
CA CYS A 536 -23.08 -26.85 -13.49
C CYS A 536 -21.74 -26.83 -14.21
N ALA A 537 -21.22 -25.64 -14.54
CA ALA A 537 -19.95 -25.44 -15.23
C ALA A 537 -18.74 -25.91 -14.40
N LEU A 538 -18.84 -25.84 -13.06
CA LEU A 538 -17.79 -26.26 -12.13
C LEU A 538 -17.59 -27.78 -12.13
N SER A 539 -18.70 -28.56 -12.02
CA SER A 539 -18.69 -30.02 -12.02
C SER A 539 -18.17 -30.60 -13.35
N ARG A 540 -18.53 -29.96 -14.47
CA ARG A 540 -18.12 -30.34 -15.83
C ARG A 540 -16.62 -30.13 -16.03
N PHE A 541 -16.09 -28.99 -15.55
CA PHE A 541 -14.67 -28.63 -15.65
C PHE A 541 -13.79 -29.50 -14.76
N LEU A 542 -14.25 -29.79 -13.51
CA LEU A 542 -13.51 -30.63 -12.56
C LEU A 542 -13.36 -32.05 -13.08
N LEU A 543 -14.41 -32.59 -13.76
CA LEU A 543 -14.40 -33.92 -14.35
C LEU A 543 -13.49 -33.97 -15.59
N GLU A 544 -13.55 -32.92 -16.45
CA GLU A 544 -12.76 -32.78 -17.67
C GLU A 544 -11.25 -32.82 -17.39
N ARG A 545 -10.81 -32.18 -16.29
CA ARG A 545 -9.40 -32.13 -15.88
C ARG A 545 -8.96 -33.41 -15.15
N ALA A 546 -9.87 -34.03 -14.38
CA ALA A 546 -9.62 -35.26 -13.63
C ALA A 546 -9.42 -36.48 -14.55
N LEU A 547 -10.13 -36.50 -15.69
CA LEU A 547 -10.06 -37.58 -16.67
C LEU A 547 -8.77 -37.50 -17.50
N ASP A 548 -8.33 -36.26 -17.82
CA ASP A 548 -7.12 -35.99 -18.61
C ASP A 548 -5.83 -36.13 -17.80
N ASN A 549 -5.90 -35.98 -16.45
CA ASN A 549 -4.75 -36.08 -15.56
C ASN A 549 -5.07 -36.94 -14.33
N ARG A 550 -4.34 -38.07 -14.17
CA ARG A 550 -4.53 -39.04 -13.08
C ARG A 550 -4.18 -38.51 -11.68
N ARG A 551 -3.26 -37.53 -11.58
CA ARG A 551 -2.87 -36.91 -10.31
C ARG A 551 -4.04 -36.08 -9.78
N ILE A 552 -4.77 -35.40 -10.68
CA ILE A 552 -5.96 -34.61 -10.37
C ILE A 552 -7.13 -35.57 -10.10
N GLY A 553 -7.20 -36.63 -10.92
CA GLY A 553 -8.21 -37.68 -10.85
C GLY A 553 -8.25 -38.47 -9.56
N GLN A 554 -7.05 -38.91 -9.07
CA GLN A 554 -6.92 -39.67 -7.82
C GLN A 554 -7.26 -38.79 -6.60
N PHE A 555 -6.86 -37.50 -6.65
CA PHE A 555 -7.12 -36.53 -5.59
C PHE A 555 -8.62 -36.18 -5.50
N LEU A 556 -9.28 -35.93 -6.65
CA LEU A 556 -10.70 -35.62 -6.73
C LEU A 556 -11.55 -36.80 -6.24
N PHE A 557 -11.12 -38.04 -6.57
CA PHE A 557 -11.77 -39.29 -6.17
C PHE A 557 -11.92 -39.37 -4.65
N TRP A 558 -10.82 -39.17 -3.91
CA TRP A 558 -10.80 -39.24 -2.44
C TRP A 558 -11.46 -38.05 -1.76
N HIS A 559 -11.45 -36.85 -2.42
CA HIS A 559 -12.09 -35.64 -1.91
C HIS A 559 -13.61 -35.84 -1.85
N LEU A 560 -14.18 -36.53 -2.87
CA LEU A 560 -15.60 -36.82 -2.98
C LEU A 560 -16.01 -38.07 -2.19
N ARG A 561 -15.14 -39.11 -2.16
CA ARG A 561 -15.40 -40.37 -1.44
C ARG A 561 -15.39 -40.20 0.09
N SER A 562 -14.67 -39.19 0.60
CA SER A 562 -14.61 -38.91 2.04
C SER A 562 -15.93 -38.38 2.59
N GLU A 563 -16.74 -37.73 1.73
CA GLU A 563 -18.04 -37.17 2.09
C GLU A 563 -19.22 -37.84 1.34
N VAL A 564 -18.97 -38.99 0.69
CA VAL A 564 -20.00 -39.73 -0.06
C VAL A 564 -21.01 -40.41 0.90
N HIS A 565 -20.57 -40.74 2.14
CA HIS A 565 -21.41 -41.36 3.15
C HIS A 565 -22.26 -40.33 3.91
N THR A 566 -21.93 -39.03 3.78
CA THR A 566 -22.66 -37.92 4.39
C THR A 566 -23.98 -37.77 3.60
N PRO A 567 -25.16 -37.94 4.26
CA PRO A 567 -26.43 -37.89 3.51
C PRO A 567 -26.74 -36.58 2.79
N ALA A 568 -26.25 -35.44 3.32
CA ALA A 568 -26.45 -34.10 2.74
C ALA A 568 -25.85 -33.93 1.34
N VAL A 569 -24.76 -34.66 1.02
CA VAL A 569 -24.07 -34.57 -0.27
C VAL A 569 -23.87 -35.95 -0.95
N SER A 570 -24.52 -37.01 -0.42
CA SER A 570 -24.44 -38.39 -0.94
C SER A 570 -24.85 -38.52 -2.41
N VAL A 571 -25.91 -37.81 -2.82
CA VAL A 571 -26.44 -37.83 -4.19
C VAL A 571 -25.51 -37.05 -5.13
N GLN A 572 -25.13 -35.81 -4.74
CA GLN A 572 -24.27 -34.89 -5.49
C GLN A 572 -22.85 -35.46 -5.73
N PHE A 573 -22.19 -35.92 -4.67
CA PHE A 573 -20.83 -36.46 -4.75
C PHE A 573 -20.76 -37.83 -5.42
N GLY A 574 -21.86 -38.60 -5.35
CA GLY A 574 -21.97 -39.93 -5.93
C GLY A 574 -22.00 -39.95 -7.45
N VAL A 575 -22.78 -39.04 -8.06
CA VAL A 575 -22.93 -38.93 -9.52
C VAL A 575 -21.64 -38.44 -10.21
N ILE A 576 -20.86 -37.58 -9.53
CA ILE A 576 -19.58 -37.07 -10.05
C ILE A 576 -18.54 -38.20 -10.01
N LEU A 577 -18.56 -39.00 -8.92
CA LEU A 577 -17.67 -40.15 -8.72
C LEU A 577 -17.96 -41.25 -9.77
N GLU A 578 -19.24 -41.45 -10.13
CA GLU A 578 -19.70 -42.42 -11.12
C GLU A 578 -19.23 -42.02 -12.53
N ALA A 579 -19.33 -40.71 -12.84
CA ALA A 579 -18.93 -40.13 -14.13
C ALA A 579 -17.42 -40.27 -14.39
N TYR A 580 -16.59 -40.13 -13.34
CA TYR A 580 -15.13 -40.26 -13.43
C TYR A 580 -14.70 -41.71 -13.65
N CYS A 581 -15.29 -42.66 -12.89
CA CYS A 581 -14.99 -44.09 -12.98
C CYS A 581 -15.34 -44.70 -14.34
N ARG A 582 -16.43 -44.19 -14.97
CA ARG A 582 -16.87 -44.65 -16.29
C ARG A 582 -15.92 -44.19 -17.40
N GLY A 583 -15.40 -42.97 -17.27
CA GLY A 583 -14.45 -42.38 -18.21
C GLY A 583 -13.01 -42.80 -17.99
N SER A 584 -12.72 -43.46 -16.85
CA SER A 584 -11.40 -43.95 -16.49
C SER A 584 -11.48 -45.39 -15.94
N VAL A 585 -11.77 -46.35 -16.83
CA VAL A 585 -11.89 -47.78 -16.53
C VAL A 585 -10.51 -48.38 -16.17
N GLY A 586 -9.47 -47.88 -16.83
CA GLY A 586 -8.09 -48.31 -16.62
C GLY A 586 -7.54 -47.94 -15.25
N HIS A 587 -7.96 -46.78 -14.73
CA HIS A 587 -7.53 -46.27 -13.42
C HIS A 587 -8.30 -46.91 -12.24
N MET A 588 -9.44 -47.58 -12.54
CA MET A 588 -10.29 -48.26 -11.55
C MET A 588 -9.56 -49.35 -10.78
N LYS A 589 -8.63 -50.08 -11.45
CA LYS A 589 -7.81 -51.14 -10.85
C LYS A 589 -6.84 -50.57 -9.80
N VAL A 590 -6.30 -49.36 -10.07
CA VAL A 590 -5.38 -48.64 -9.19
C VAL A 590 -6.16 -48.15 -7.94
N LEU A 591 -7.36 -47.59 -8.16
CA LEU A 591 -8.25 -47.09 -7.10
C LEU A 591 -8.81 -48.21 -6.23
N SER A 592 -9.10 -49.39 -6.84
CA SER A 592 -9.64 -50.57 -6.13
C SER A 592 -8.67 -51.11 -5.09
N LYS A 593 -7.36 -51.11 -5.41
CA LYS A 593 -6.28 -51.56 -4.52
C LYS A 593 -6.16 -50.64 -3.30
N GLN A 594 -6.41 -49.33 -3.50
CA GLN A 594 -6.38 -48.30 -2.46
C GLN A 594 -7.54 -48.48 -1.47
N VAL A 595 -8.77 -48.68 -1.99
CA VAL A 595 -10.00 -48.91 -1.21
C VAL A 595 -9.85 -50.18 -0.36
N GLU A 596 -9.30 -51.26 -0.97
CA GLU A 596 -9.06 -52.54 -0.31
C GLU A 596 -8.00 -52.43 0.79
N ALA A 597 -6.93 -51.63 0.56
CA ALA A 597 -5.85 -51.41 1.52
C ALA A 597 -6.33 -50.64 2.76
N LEU A 598 -7.15 -49.58 2.54
CA LEU A 598 -7.71 -48.76 3.61
C LEU A 598 -8.75 -49.49 4.46
N ASN A 599 -9.47 -50.46 3.84
CA ASN A 599 -10.47 -51.29 4.53
C ASN A 599 -9.78 -52.23 5.53
N LYS A 600 -8.58 -52.75 5.17
CA LYS A 600 -7.77 -53.61 6.02
C LYS A 600 -7.19 -52.78 7.17
N LEU A 601 -6.83 -51.51 6.88
CA LEU A 601 -6.31 -50.55 7.86
C LEU A 601 -7.39 -50.20 8.88
N LYS A 602 -8.66 -50.03 8.41
CA LYS A 602 -9.83 -49.74 9.23
C LYS A 602 -10.14 -50.93 10.15
N THR A 603 -9.94 -52.17 9.65
CA THR A 603 -10.15 -53.41 10.38
C THR A 603 -9.06 -53.58 11.46
N LEU A 604 -7.78 -53.34 11.09
CA LEU A 604 -6.61 -53.42 11.98
C LEU A 604 -6.72 -52.40 13.12
N ASN A 605 -7.21 -51.18 12.82
CA ASN A 605 -7.42 -50.10 13.79
C ASN A 605 -8.51 -50.50 14.79
N SER A 606 -9.58 -51.17 14.30
CA SER A 606 -10.70 -51.64 15.12
C SER A 606 -10.30 -52.81 16.02
N LEU A 607 -9.44 -53.72 15.54
CA LEU A 607 -8.95 -54.88 16.27
C LEU A 607 -8.12 -54.50 17.50
N ILE A 608 -7.24 -53.50 17.34
CA ILE A 608 -6.37 -53.00 18.42
C ILE A 608 -7.19 -52.25 19.49
N LYS A 609 -8.28 -51.56 19.07
CA LYS A 609 -9.20 -50.84 19.95
C LYS A 609 -9.90 -51.78 20.93
N LEU A 610 -10.21 -53.02 20.48
CA LEU A 610 -10.87 -54.06 21.26
C LEU A 610 -9.86 -54.81 22.15
N ASN A 611 -8.64 -55.08 21.63
CA ASN A 611 -7.56 -55.79 22.32
C ASN A 611 -6.78 -54.92 23.33
N ALA A 612 -7.07 -53.60 23.38
CA ALA A 612 -6.42 -52.63 24.26
C ALA A 612 -6.61 -52.90 25.75
N VAL A 613 -7.84 -53.26 26.16
CA VAL A 613 -8.20 -53.53 27.55
C VAL A 613 -7.74 -54.95 27.99
N LYS A 614 -7.54 -55.87 27.04
CA LYS A 614 -7.14 -57.26 27.30
C LYS A 614 -5.62 -57.47 27.27
N LEU A 615 -4.95 -57.01 26.19
CA LEU A 615 -3.51 -57.17 25.98
C LEU A 615 -2.67 -55.97 26.42
N SER A 616 -1.38 -56.21 26.74
CA SER A 616 -0.41 -55.20 27.15
C SER A 616 0.25 -54.52 25.94
N ARG A 617 1.14 -53.52 26.16
CA ARG A 617 1.83 -52.79 25.10
C ARG A 617 2.82 -53.68 24.34
N ALA A 618 3.62 -54.49 25.07
CA ALA A 618 4.60 -55.40 24.50
C ALA A 618 3.94 -56.54 23.71
N LYS A 619 2.78 -57.04 24.21
CA LYS A 619 2.01 -58.11 23.57
C LYS A 619 1.18 -57.59 22.40
N GLY A 620 0.68 -56.36 22.53
CA GLY A 620 -0.12 -55.69 21.51
C GLY A 620 0.64 -55.40 20.22
N LYS A 621 1.94 -55.05 20.35
CA LYS A 621 2.85 -54.78 19.23
C LYS A 621 3.10 -56.08 18.46
N GLU A 622 3.23 -57.21 19.18
CA GLU A 622 3.44 -58.55 18.63
C GLU A 622 2.18 -59.00 17.88
N ALA A 623 0.99 -58.64 18.40
CA ALA A 623 -0.31 -58.96 17.81
C ALA A 623 -0.49 -58.23 16.47
N MET A 624 0.03 -57.00 16.36
CA MET A 624 -0.01 -56.18 15.15
C MET A 624 0.92 -56.76 14.08
N HIS A 625 2.15 -57.17 14.49
CA HIS A 625 3.14 -57.79 13.60
C HIS A 625 2.64 -59.11 13.00
N THR A 626 1.98 -59.95 13.83
CA THR A 626 1.40 -61.24 13.43
C THR A 626 0.24 -61.04 12.43
N CYS A 627 -0.57 -59.99 12.66
CA CYS A 627 -1.72 -59.64 11.82
C CYS A 627 -1.30 -59.13 10.43
N LEU A 628 -0.21 -58.33 10.37
CA LEU A 628 0.33 -57.79 9.11
C LEU A 628 1.04 -58.87 8.28
N LYS A 629 1.63 -59.88 8.95
CA LYS A 629 2.33 -61.00 8.32
C LYS A 629 1.40 -61.98 7.59
N GLN A 630 0.08 -61.91 7.90
CA GLN A 630 -0.97 -62.74 7.29
C GLN A 630 -1.08 -62.42 5.80
N SER A 631 -1.30 -63.47 4.97
CA SER A 631 -1.42 -63.40 3.52
C SER A 631 -2.51 -62.44 3.03
N ALA A 632 -3.64 -62.36 3.76
CA ALA A 632 -4.77 -61.48 3.45
C ALA A 632 -4.41 -60.00 3.60
N TYR A 633 -3.61 -59.67 4.65
CA TYR A 633 -3.16 -58.31 4.94
C TYR A 633 -1.95 -57.90 4.13
N ARG A 634 -1.03 -58.83 3.86
CA ARG A 634 0.20 -58.59 3.09
C ARG A 634 -0.08 -58.26 1.62
N GLU A 635 -0.91 -59.08 0.95
CA GLU A 635 -1.29 -58.90 -0.45
C GLU A 635 -2.09 -57.63 -0.72
N ALA A 636 -2.94 -57.22 0.24
CA ALA A 636 -3.80 -56.04 0.13
C ALA A 636 -3.07 -54.71 0.39
N LEU A 637 -2.01 -54.72 1.22
CA LEU A 637 -1.24 -53.52 1.56
C LEU A 637 0.07 -53.34 0.76
N SER A 638 0.49 -54.37 0.00
CA SER A 638 1.71 -54.32 -0.80
C SER A 638 1.46 -54.19 -2.31
N ASP A 639 2.46 -53.63 -3.03
CA ASP A 639 2.49 -53.42 -4.47
C ASP A 639 1.26 -52.65 -5.00
N LEU A 640 1.16 -51.35 -4.63
CA LEU A 640 0.10 -50.43 -5.05
C LEU A 640 0.50 -48.95 -4.89
N GLN A 641 -0.12 -48.06 -5.70
CA GLN A 641 0.13 -46.62 -5.70
C GLN A 641 -0.48 -45.95 -4.47
N SER A 642 0.31 -45.09 -3.79
CA SER A 642 -0.09 -44.38 -2.58
C SER A 642 -1.23 -43.38 -2.85
N PRO A 643 -2.26 -43.32 -1.96
CA PRO A 643 -3.36 -42.37 -2.17
C PRO A 643 -2.94 -40.91 -1.96
N LEU A 644 -1.87 -40.67 -1.17
CA LEU A 644 -1.33 -39.34 -0.89
C LEU A 644 -0.57 -38.82 -2.12
N ASN A 645 0.35 -39.65 -2.67
CA ASN A 645 1.15 -39.31 -3.85
C ASN A 645 0.90 -40.37 -4.94
N PRO A 646 0.20 -40.03 -6.05
CA PRO A 646 -0.11 -41.04 -7.09
C PRO A 646 1.10 -41.70 -7.76
N CYS A 647 2.27 -41.02 -7.78
CA CYS A 647 3.49 -41.56 -8.38
C CYS A 647 4.14 -42.64 -7.52
N VAL A 648 4.42 -42.31 -6.24
CA VAL A 648 5.04 -43.18 -5.22
C VAL A 648 4.34 -44.55 -5.10
N ILE A 649 5.12 -45.63 -5.22
CA ILE A 649 4.65 -47.02 -5.12
C ILE A 649 4.98 -47.56 -3.72
N LEU A 650 3.95 -48.11 -3.06
CA LEU A 650 4.09 -48.71 -1.74
C LEU A 650 4.40 -50.20 -1.97
N SER A 651 5.67 -50.58 -1.74
CA SER A 651 6.17 -51.94 -1.95
C SER A 651 5.79 -52.88 -0.80
N GLU A 652 6.71 -53.79 -0.39
CA GLU A 652 6.49 -54.74 0.70
C GLU A 652 6.59 -53.99 2.04
N LEU A 653 5.70 -54.29 2.98
CA LEU A 653 5.68 -53.66 4.30
C LEU A 653 6.78 -54.16 5.21
N TYR A 654 7.56 -53.22 5.79
CA TYR A 654 8.60 -53.56 6.76
C TYR A 654 7.90 -53.71 8.11
N VAL A 655 7.39 -54.93 8.37
CA VAL A 655 6.61 -55.36 9.55
C VAL A 655 7.30 -54.98 10.88
N GLU A 656 8.63 -55.20 10.98
CA GLU A 656 9.45 -54.91 12.16
C GLU A 656 9.40 -53.45 12.62
N LYS A 657 9.37 -52.50 11.66
CA LYS A 657 9.33 -51.05 11.92
C LYS A 657 7.92 -50.49 12.09
N CYS A 658 6.87 -51.29 11.78
CA CYS A 658 5.47 -50.90 11.92
C CYS A 658 5.06 -50.80 13.39
N LYS A 659 4.39 -49.69 13.76
CA LYS A 659 3.96 -49.45 15.15
C LYS A 659 2.58 -48.74 15.23
N TYR A 660 2.09 -48.54 16.46
CA TYR A 660 0.83 -47.86 16.74
C TYR A 660 0.92 -47.05 18.03
N MET A 661 0.15 -45.95 18.12
CA MET A 661 0.12 -45.10 19.31
C MET A 661 -0.90 -45.68 20.29
N ASP A 662 -0.56 -45.70 21.60
CA ASP A 662 -1.40 -46.25 22.67
C ASP A 662 -2.53 -45.28 23.12
N SER A 663 -2.90 -44.31 22.26
CA SER A 663 -3.98 -43.36 22.53
C SER A 663 -5.37 -43.99 22.29
N LYS A 664 -6.45 -43.26 22.64
CA LYS A 664 -7.85 -43.70 22.51
C LYS A 664 -8.24 -44.15 21.09
N MET A 665 -7.80 -43.43 20.05
CA MET A 665 -8.12 -43.73 18.65
C MET A 665 -7.18 -44.74 17.98
N LYS A 666 -6.04 -45.05 18.63
CA LYS A 666 -5.00 -46.01 18.19
C LYS A 666 -4.53 -45.79 16.72
N PRO A 667 -3.88 -44.65 16.36
CA PRO A 667 -3.43 -44.48 14.96
C PRO A 667 -2.29 -45.41 14.56
N LEU A 668 -2.30 -45.88 13.31
CA LEU A 668 -1.30 -46.80 12.78
C LEU A 668 -0.15 -46.09 12.06
N TRP A 669 1.07 -46.62 12.23
CA TRP A 669 2.30 -46.12 11.60
C TRP A 669 2.84 -47.26 10.73
N LEU A 670 2.87 -47.05 9.41
CA LEU A 670 3.31 -48.05 8.44
C LEU A 670 4.61 -47.63 7.76
N VAL A 671 5.62 -48.53 7.78
CA VAL A 671 6.94 -48.30 7.18
C VAL A 671 7.11 -49.31 6.03
N TYR A 672 7.41 -48.80 4.82
CA TYR A 672 7.60 -49.64 3.65
C TYR A 672 9.07 -49.87 3.34
N SER A 673 9.40 -51.12 2.96
CA SER A 673 10.76 -51.56 2.62
C SER A 673 11.29 -50.85 1.37
N SER A 674 12.56 -50.45 1.41
CA SER A 674 13.24 -49.76 0.31
C SER A 674 13.68 -50.74 -0.79
N ARG A 675 14.04 -50.22 -1.97
CA ARG A 675 14.53 -51.00 -3.10
C ARG A 675 16.06 -51.13 -3.09
N ALA A 676 16.62 -51.81 -4.11
CA ALA A 676 18.05 -52.10 -4.28
C ALA A 676 19.01 -50.88 -4.28
N PHE A 677 18.50 -49.66 -4.55
CA PHE A 677 19.33 -48.46 -4.64
C PHE A 677 19.77 -47.86 -3.30
N GLY A 678 18.80 -47.59 -2.43
CA GLY A 678 19.04 -47.01 -1.12
C GLY A 678 18.22 -47.66 -0.04
N GLU A 679 17.23 -46.96 0.56
CA GLU A 679 16.80 -45.57 0.35
C GLU A 679 15.98 -45.13 1.57
N ASP A 680 15.48 -43.88 1.59
CA ASP A 680 14.65 -43.38 2.69
C ASP A 680 13.29 -44.09 2.63
N SER A 681 13.01 -44.91 3.66
CA SER A 681 11.78 -45.71 3.77
C SER A 681 10.52 -44.87 3.73
N VAL A 682 9.61 -45.21 2.80
CA VAL A 682 8.33 -44.51 2.61
C VAL A 682 7.41 -44.86 3.77
N GLY A 683 7.06 -43.84 4.56
CA GLY A 683 6.20 -43.99 5.72
C GLY A 683 4.82 -43.38 5.50
N VAL A 684 3.80 -43.98 6.14
CA VAL A 684 2.41 -43.52 6.04
C VAL A 684 1.66 -43.77 7.38
N ILE A 685 0.98 -42.72 7.90
CA ILE A 685 0.20 -42.79 9.14
C ILE A 685 -1.28 -42.91 8.80
N PHE A 686 -1.94 -43.94 9.35
CA PHE A 686 -3.38 -44.15 9.18
C PHE A 686 -4.08 -43.73 10.48
N LYS A 687 -4.97 -42.73 10.40
CA LYS A 687 -5.72 -42.23 11.55
C LYS A 687 -7.22 -42.46 11.36
N ASN A 688 -7.85 -43.19 12.31
CA ASN A 688 -9.28 -43.48 12.29
C ASN A 688 -9.95 -43.00 13.58
N GLY A 689 -11.05 -42.27 13.42
CA GLY A 689 -11.81 -41.70 14.52
C GLY A 689 -11.52 -40.22 14.74
N ASP A 690 -10.37 -39.74 14.21
CA ASP A 690 -9.92 -38.35 14.29
C ASP A 690 -10.20 -37.62 12.98
N ASP A 691 -10.68 -36.36 13.08
CA ASP A 691 -10.97 -35.55 11.90
C ASP A 691 -9.67 -34.92 11.38
N LEU A 692 -9.37 -35.14 10.08
CA LEU A 692 -8.16 -34.61 9.45
C LEU A 692 -8.42 -33.52 8.40
N ARG A 693 -9.67 -32.98 8.37
CA ARG A 693 -10.07 -31.92 7.45
C ARG A 693 -9.34 -30.61 7.76
N GLN A 694 -9.07 -30.35 9.06
CA GLN A 694 -8.35 -29.17 9.57
C GLN A 694 -6.88 -29.25 9.15
N ASP A 695 -6.28 -30.45 9.26
CA ASP A 695 -4.88 -30.73 8.89
C ASP A 695 -4.67 -30.55 7.39
N MET A 696 -5.67 -30.97 6.57
CA MET A 696 -5.67 -30.87 5.11
C MET A 696 -5.65 -29.41 4.67
N LEU A 697 -6.47 -28.56 5.32
CA LEU A 697 -6.58 -27.13 5.03
C LEU A 697 -5.32 -26.37 5.43
N THR A 698 -4.77 -26.65 6.64
CA THR A 698 -3.55 -26.01 7.16
C THR A 698 -2.33 -26.27 6.27
N LEU A 699 -2.11 -27.55 5.88
CA LEU A 699 -0.99 -27.95 5.02
C LEU A 699 -1.13 -27.42 3.59
N GLN A 700 -2.38 -27.18 3.13
CA GLN A 700 -2.69 -26.59 1.82
C GLN A 700 -2.28 -25.11 1.85
N MET A 701 -2.50 -24.44 2.99
CA MET A 701 -2.14 -23.03 3.23
C MET A 701 -0.63 -22.89 3.32
N LEU A 702 0.05 -23.87 3.96
CA LEU A 702 1.51 -23.93 4.11
C LEU A 702 2.17 -24.09 2.73
N ARG A 703 1.53 -24.89 1.85
CA ARG A 703 1.97 -25.12 0.46
C ARG A 703 1.83 -23.83 -0.34
N LEU A 704 0.72 -23.08 -0.13
CA LEU A 704 0.42 -21.81 -0.79
C LEU A 704 1.39 -20.72 -0.32
N MET A 705 1.70 -20.69 1.00
CA MET A 705 2.64 -19.74 1.59
C MET A 705 4.03 -19.94 1.02
N ASP A 706 4.48 -21.21 0.90
CA ASP A 706 5.77 -21.59 0.34
C ASP A 706 5.85 -21.25 -1.15
N LEU A 707 4.71 -21.36 -1.87
CA LEU A 707 4.62 -21.05 -3.30
C LEU A 707 4.69 -19.53 -3.55
N LEU A 708 3.96 -18.73 -2.75
CA LEU A 708 3.95 -17.27 -2.85
C LEU A 708 5.29 -16.65 -2.44
N TRP A 709 6.01 -17.29 -1.50
CA TRP A 709 7.34 -16.86 -1.03
C TRP A 709 8.38 -17.08 -2.13
N LYS A 710 8.27 -18.22 -2.85
CA LYS A 710 9.17 -18.60 -3.95
C LYS A 710 9.02 -17.67 -5.16
N GLU A 711 7.80 -17.12 -5.37
CA GLU A 711 7.49 -16.17 -6.45
C GLU A 711 8.22 -14.85 -6.23
N ALA A 712 8.45 -14.49 -4.94
CA ALA A 712 9.18 -13.29 -4.52
C ALA A 712 10.70 -13.54 -4.49
N GLY A 713 11.08 -14.80 -4.70
CA GLY A 713 12.48 -15.24 -4.72
C GLY A 713 13.02 -15.61 -3.36
N LEU A 714 12.17 -16.21 -2.52
CA LEU A 714 12.54 -16.63 -1.16
C LEU A 714 12.11 -18.07 -0.87
N ASP A 715 13.08 -19.00 -0.87
CA ASP A 715 12.86 -20.42 -0.58
C ASP A 715 13.19 -20.65 0.89
N LEU A 716 12.15 -20.78 1.72
CA LEU A 716 12.30 -20.96 3.17
C LEU A 716 12.40 -22.43 3.60
N ARG A 717 12.65 -23.35 2.63
CA ARG A 717 12.81 -24.80 2.82
C ARG A 717 11.67 -25.40 3.67
N MET A 718 10.42 -25.13 3.27
CA MET A 718 9.20 -25.59 3.94
C MET A 718 8.97 -27.09 3.69
N LEU A 719 8.38 -27.79 4.67
CA LEU A 719 8.02 -29.20 4.55
C LEU A 719 6.50 -29.42 4.72
N PRO A 720 5.64 -28.96 3.76
CA PRO A 720 4.21 -29.19 3.93
C PRO A 720 3.85 -30.59 3.42
N TYR A 721 4.00 -31.59 4.32
CA TYR A 721 3.74 -33.02 4.07
C TYR A 721 2.29 -33.30 3.66
N GLY A 722 2.11 -34.38 2.92
CA GLY A 722 0.80 -34.80 2.43
C GLY A 722 -0.15 -35.29 3.50
N CYS A 723 -1.41 -34.86 3.39
CA CYS A 723 -2.52 -35.24 4.27
C CYS A 723 -3.78 -35.33 3.43
N LEU A 724 -4.47 -36.47 3.50
CA LEU A 724 -5.66 -36.72 2.70
C LEU A 724 -6.72 -37.48 3.50
N ALA A 725 -7.95 -36.93 3.56
CA ALA A 725 -9.08 -37.57 4.22
C ALA A 725 -9.68 -38.57 3.23
N THR A 726 -9.62 -39.86 3.57
CA THR A 726 -10.08 -40.96 2.72
C THR A 726 -11.56 -41.30 2.94
N GLY A 727 -12.03 -41.12 4.17
CA GLY A 727 -13.41 -41.38 4.56
C GLY A 727 -13.88 -40.53 5.72
N ASP A 728 -15.05 -40.88 6.31
CA ASP A 728 -15.63 -40.17 7.45
C ASP A 728 -14.80 -40.42 8.71
N ARG A 729 -14.08 -39.37 9.17
CA ARG A 729 -13.17 -39.36 10.33
C ARG A 729 -11.97 -40.33 10.15
N SER A 730 -11.64 -40.67 8.89
CA SER A 730 -10.51 -41.54 8.54
C SER A 730 -9.71 -40.92 7.39
N GLY A 731 -8.39 -41.02 7.49
CA GLY A 731 -7.48 -40.46 6.50
C GLY A 731 -6.04 -40.95 6.61
N LEU A 732 -5.17 -40.41 5.74
CA LEU A 732 -3.75 -40.78 5.69
C LEU A 732 -2.82 -39.57 5.80
N ILE A 733 -1.63 -39.77 6.41
CA ILE A 733 -0.60 -38.74 6.61
C ILE A 733 0.77 -39.22 6.10
N GLU A 734 1.45 -38.37 5.31
CA GLU A 734 2.77 -38.64 4.75
C GLU A 734 3.83 -38.45 5.85
N VAL A 735 4.77 -39.41 5.97
CA VAL A 735 5.85 -39.35 6.96
C VAL A 735 7.10 -38.72 6.36
N VAL A 736 7.64 -37.71 7.04
CA VAL A 736 8.88 -37.03 6.65
C VAL A 736 10.01 -37.87 7.25
N SER A 737 10.82 -38.49 6.37
CA SER A 737 11.94 -39.36 6.75
C SER A 737 13.03 -38.67 7.57
N THR A 738 13.63 -39.42 8.51
CA THR A 738 14.71 -39.02 9.43
C THR A 738 14.35 -37.73 10.21
N SER A 739 13.19 -37.74 10.90
CA SER A 739 12.70 -36.61 11.67
C SER A 739 12.22 -37.01 13.06
N GLU A 740 12.51 -36.18 14.07
CA GLU A 740 12.10 -36.41 15.46
C GLU A 740 11.58 -35.13 16.10
N THR A 741 10.69 -35.29 17.11
CA THR A 741 10.09 -34.20 17.87
C THR A 741 11.14 -33.58 18.81
N ILE A 742 10.88 -32.35 19.30
CA ILE A 742 11.76 -31.64 20.25
C ILE A 742 11.89 -32.51 21.53
N ALA A 743 10.77 -33.14 21.94
CA ALA A 743 10.69 -34.05 23.08
C ALA A 743 11.60 -35.27 22.92
N ASP A 744 11.65 -35.88 21.71
CA ASP A 744 12.50 -37.02 21.38
C ASP A 744 13.98 -36.63 21.35
N ILE A 745 14.27 -35.39 20.92
CA ILE A 745 15.63 -34.83 20.85
C ILE A 745 16.15 -34.59 22.28
N GLN A 746 15.25 -34.11 23.18
CA GLN A 746 15.54 -33.86 24.60
C GLN A 746 15.71 -35.18 25.36
N LEU A 747 14.91 -36.21 24.99
CA LEU A 747 14.98 -37.56 25.57
C LEU A 747 15.83 -38.42 24.64
N ASN A 748 17.17 -38.16 24.64
CA ASN A 748 18.20 -38.80 23.82
C ASN A 748 17.95 -40.28 23.49
N SER A 749 17.79 -40.58 22.18
CA SER A 749 17.54 -41.92 21.66
C SER A 749 18.82 -42.77 21.71
N SER A 750 18.70 -44.03 22.22
CA SER A 750 19.78 -45.02 22.38
C SER A 750 20.97 -44.45 23.19
N ASN A 751 22.20 -44.45 22.62
CA ASN A 751 23.39 -43.92 23.28
C ASN A 751 24.19 -43.01 22.33
N VAL A 752 23.94 -41.70 22.45
CA VAL A 752 24.57 -40.64 21.66
C VAL A 752 25.35 -39.74 22.65
N ALA A 753 26.47 -39.11 22.20
CA ALA A 753 27.28 -38.20 23.01
C ALA A 753 26.49 -36.91 23.29
N ALA A 754 25.63 -36.96 24.33
CA ALA A 754 24.75 -35.89 24.75
C ALA A 754 25.26 -35.12 25.97
N THR A 755 26.21 -35.71 26.73
CA THR A 755 26.80 -35.12 27.94
C THR A 755 27.44 -33.75 27.61
N ALA A 756 26.65 -32.68 27.85
CA ALA A 756 27.01 -31.29 27.61
C ALA A 756 26.88 -30.33 28.84
N ALA A 757 26.32 -30.73 30.01
CA ALA A 757 25.80 -32.04 30.41
C ALA A 757 24.26 -32.06 30.61
N PHE A 758 23.69 -33.26 30.90
CA PHE A 758 22.25 -33.54 31.08
C PHE A 758 21.46 -33.28 29.78
N ASN A 759 22.14 -33.40 28.62
CA ASN A 759 21.63 -33.15 27.26
C ASN A 759 21.20 -31.67 27.10
N LYS A 760 22.06 -30.75 27.56
CA LYS A 760 21.86 -29.30 27.48
C LYS A 760 22.03 -28.85 26.03
N ASP A 761 21.11 -27.98 25.55
CA ASP A 761 21.06 -27.44 24.18
C ASP A 761 21.03 -28.60 23.17
N ALA A 762 20.12 -29.57 23.43
CA ALA A 762 19.92 -30.82 22.69
C ALA A 762 19.74 -30.66 21.18
N LEU A 763 19.09 -29.57 20.72
CA LEU A 763 18.83 -29.33 19.29
C LEU A 763 20.08 -29.14 18.45
N LEU A 764 21.06 -28.36 18.95
CA LEU A 764 22.33 -28.10 18.25
C LEU A 764 23.21 -29.35 18.24
N ASN A 765 23.28 -30.07 19.39
CA ASN A 765 24.06 -31.31 19.56
C ASN A 765 23.52 -32.45 18.70
N TRP A 766 22.18 -32.48 18.48
CA TRP A 766 21.50 -33.47 17.65
C TRP A 766 21.86 -33.28 16.18
N LEU A 767 21.89 -32.01 15.72
CA LEU A 767 22.24 -31.64 14.35
C LEU A 767 23.73 -31.82 14.06
N LYS A 768 24.58 -31.63 15.09
CA LYS A 768 26.04 -31.79 14.99
C LYS A 768 26.44 -33.25 14.82
N GLU A 769 25.62 -34.19 15.32
CA GLU A 769 25.84 -35.63 15.25
C GLU A 769 25.67 -36.18 13.82
N TYR A 770 24.67 -35.66 13.07
CA TYR A 770 24.36 -36.11 11.71
C TYR A 770 24.91 -35.20 10.61
N ASN A 771 25.40 -33.99 10.96
CA ASN A 771 25.96 -33.02 10.01
C ASN A 771 27.31 -32.49 10.51
N SER A 772 28.34 -32.55 9.65
CA SER A 772 29.70 -32.10 9.98
C SER A 772 30.32 -31.25 8.88
N GLY A 773 31.11 -30.25 9.28
CA GLY A 773 31.81 -29.34 8.39
C GLY A 773 30.90 -28.43 7.60
N ASP A 774 30.95 -28.54 6.26
CA ASP A 774 30.14 -27.76 5.33
C ASP A 774 28.65 -28.10 5.44
N ASP A 775 28.34 -29.39 5.66
CA ASP A 775 26.97 -29.91 5.82
C ASP A 775 26.29 -29.36 7.08
N LEU A 776 27.08 -29.02 8.12
CA LEU A 776 26.59 -28.43 9.37
C LEU A 776 26.10 -27.01 9.10
N ASP A 777 26.86 -26.25 8.27
CA ASP A 777 26.53 -24.87 7.87
C ASP A 777 25.24 -24.84 7.05
N ARG A 778 25.01 -25.89 6.22
CA ARG A 778 23.80 -26.02 5.39
C ARG A 778 22.62 -26.41 6.29
N ALA A 779 22.88 -27.16 7.37
CA ALA A 779 21.87 -27.59 8.34
C ALA A 779 21.38 -26.43 9.20
N ILE A 780 22.29 -25.50 9.57
CA ILE A 780 21.97 -24.29 10.34
C ILE A 780 21.13 -23.35 9.45
N GLU A 781 21.55 -23.18 8.17
CA GLU A 781 20.89 -22.36 7.17
C GLU A 781 19.48 -22.86 6.88
N GLU A 782 19.30 -24.20 6.75
CA GLU A 782 18.00 -24.82 6.51
C GLU A 782 17.09 -24.69 7.72
N PHE A 783 17.67 -24.69 8.94
CA PHE A 783 16.93 -24.54 10.19
C PHE A 783 16.41 -23.10 10.32
N THR A 784 17.29 -22.09 10.17
CA THR A 784 16.93 -20.67 10.31
C THR A 784 15.87 -20.22 9.27
N LEU A 785 15.89 -20.79 8.05
CA LEU A 785 14.89 -20.48 7.02
C LEU A 785 13.54 -21.15 7.33
N SER A 786 13.56 -22.45 7.69
CA SER A 786 12.36 -23.22 8.03
C SER A 786 11.68 -22.73 9.31
N CYS A 787 12.49 -22.37 10.33
CA CYS A 787 11.99 -21.84 11.60
C CYS A 787 11.27 -20.51 11.37
N ALA A 788 11.87 -19.64 10.52
CA ALA A 788 11.32 -18.32 10.16
C ALA A 788 9.97 -18.44 9.46
N GLY A 789 9.86 -19.40 8.54
CA GLY A 789 8.66 -19.68 7.76
C GLY A 789 7.51 -20.18 8.60
N TYR A 790 7.77 -21.18 9.47
CA TYR A 790 6.78 -21.78 10.36
C TYR A 790 6.35 -20.85 11.50
N CYS A 791 7.23 -19.93 11.94
CA CYS A 791 6.93 -18.95 12.98
C CYS A 791 5.92 -17.92 12.47
N VAL A 792 6.09 -17.49 11.21
CA VAL A 792 5.19 -16.54 10.53
C VAL A 792 3.86 -17.25 10.21
N ALA A 793 3.94 -18.49 9.67
CA ALA A 793 2.79 -19.32 9.31
C ALA A 793 1.87 -19.63 10.49
N SER A 794 2.45 -19.98 11.65
CA SER A 794 1.69 -20.28 12.88
C SER A 794 1.05 -19.03 13.49
N TYR A 795 1.67 -17.86 13.27
CA TYR A 795 1.17 -16.56 13.75
C TYR A 795 0.01 -16.07 12.88
N VAL A 796 0.15 -16.16 11.54
CA VAL A 796 -0.85 -15.73 10.55
C VAL A 796 -2.09 -16.64 10.59
N LEU A 797 -1.90 -17.97 10.43
CA LEU A 797 -2.98 -18.96 10.44
C LEU A 797 -3.59 -19.18 11.83
N GLY A 798 -2.86 -18.79 12.88
CA GLY A 798 -3.31 -18.93 14.26
C GLY A 798 -3.24 -20.35 14.79
N ILE A 799 -2.13 -21.04 14.49
CA ILE A 799 -1.89 -22.42 14.93
C ILE A 799 -1.39 -22.35 16.39
N GLY A 800 -2.28 -22.66 17.34
CA GLY A 800 -1.99 -22.64 18.76
C GLY A 800 -1.59 -23.97 19.35
N ASP A 801 -1.53 -24.03 20.70
CA ASP A 801 -1.16 -25.20 21.50
C ASP A 801 0.18 -25.83 21.09
N ARG A 802 1.21 -24.98 20.90
CA ARG A 802 2.54 -25.42 20.48
C ARG A 802 3.37 -25.92 21.65
N HIS A 803 3.98 -27.11 21.49
CA HIS A 803 4.84 -27.76 22.49
C HIS A 803 5.93 -28.61 21.83
N SER A 804 6.70 -29.37 22.65
CA SER A 804 7.80 -30.22 22.20
C SER A 804 7.40 -31.42 21.33
N ASP A 805 6.14 -31.89 21.45
CA ASP A 805 5.63 -33.04 20.72
C ASP A 805 5.03 -32.72 19.33
N ASN A 806 4.65 -31.45 19.07
CA ASN A 806 4.07 -31.08 17.77
C ASN A 806 5.04 -30.32 16.83
N ILE A 807 6.30 -30.14 17.25
CA ILE A 807 7.33 -29.51 16.43
C ILE A 807 8.44 -30.52 16.17
N MET A 808 8.66 -30.85 14.88
CA MET A 808 9.66 -31.83 14.47
C MET A 808 10.81 -31.21 13.69
N VAL A 809 12.00 -31.83 13.80
CA VAL A 809 13.23 -31.40 13.12
C VAL A 809 13.77 -32.58 12.29
N LYS A 810 13.95 -32.36 10.97
CA LYS A 810 14.51 -33.35 10.06
C LYS A 810 16.03 -33.33 10.21
N LYS A 811 16.71 -34.48 9.95
CA LYS A 811 18.17 -34.63 10.06
C LYS A 811 18.96 -33.70 9.12
N THR A 812 18.31 -33.19 8.04
CA THR A 812 18.92 -32.26 7.09
C THR A 812 19.00 -30.82 7.65
N GLY A 813 18.22 -30.54 8.70
CA GLY A 813 18.18 -29.25 9.37
C GLY A 813 16.80 -28.62 9.44
N GLN A 814 15.94 -28.92 8.45
CA GLN A 814 14.57 -28.40 8.30
C GLN A 814 13.67 -28.64 9.52
N LEU A 815 13.02 -27.57 10.00
CA LEU A 815 12.07 -27.58 11.11
C LEU A 815 10.66 -27.52 10.53
N PHE A 816 9.73 -28.34 11.07
CA PHE A 816 8.34 -28.37 10.61
C PHE A 816 7.35 -28.69 11.73
N HIS A 817 6.13 -28.15 11.59
CA HIS A 817 5.04 -28.34 12.55
C HIS A 817 4.13 -29.51 12.14
N ILE A 818 3.63 -30.25 13.14
CA ILE A 818 2.73 -31.39 12.96
C ILE A 818 1.49 -31.29 13.85
N ASP A 819 0.48 -32.16 13.61
CA ASP A 819 -0.77 -32.27 14.36
C ASP A 819 -1.51 -30.93 14.52
N PHE A 820 -2.18 -30.50 13.43
CA PHE A 820 -2.95 -29.25 13.40
C PHE A 820 -4.41 -29.56 13.74
N GLY A 821 -4.75 -29.43 15.03
CA GLY A 821 -6.08 -29.71 15.54
C GLY A 821 -7.10 -28.65 15.20
N HIS A 822 -6.80 -27.39 15.59
CA HIS A 822 -7.69 -26.24 15.37
C HIS A 822 -6.98 -25.12 14.60
N ILE A 823 -7.78 -24.24 13.96
CA ILE A 823 -7.26 -23.12 13.16
C ILE A 823 -7.92 -21.78 13.50
N LEU A 824 -7.22 -20.67 13.16
CA LEU A 824 -7.60 -19.27 13.35
C LEU A 824 -7.86 -18.91 14.84
N GLY A 825 -7.02 -19.49 15.71
CA GLY A 825 -7.07 -19.27 17.16
C GLY A 825 -8.33 -19.77 17.84
N ASN A 826 -8.98 -20.80 17.26
CA ASN A 826 -10.22 -21.38 17.78
C ASN A 826 -9.97 -22.63 18.64
N PHE A 827 -8.74 -22.76 19.19
CA PHE A 827 -8.32 -23.86 20.06
C PHE A 827 -8.97 -23.73 21.45
N ARG A 837 -5.23 -13.19 19.07
CA ARG A 837 -5.44 -14.22 20.08
C ARG A 837 -4.15 -15.03 20.32
N VAL A 838 -3.69 -15.80 19.31
CA VAL A 838 -2.47 -16.60 19.41
C VAL A 838 -1.24 -15.71 19.10
N PRO A 839 -0.35 -15.48 20.09
CA PRO A 839 0.82 -14.62 19.84
C PRO A 839 1.95 -15.33 19.10
N PHE A 840 2.99 -14.56 18.70
CA PHE A 840 4.19 -15.07 18.04
C PHE A 840 4.97 -15.91 19.04
N ILE A 841 5.33 -17.15 18.66
CA ILE A 841 6.04 -18.08 19.54
C ILE A 841 7.46 -18.33 19.06
N LEU A 842 8.43 -18.18 19.98
CA LEU A 842 9.87 -18.38 19.75
C LEU A 842 10.52 -18.92 21.03
N THR A 843 11.40 -19.94 20.89
CA THR A 843 12.11 -20.55 22.03
C THR A 843 13.63 -20.38 21.88
N TYR A 844 14.37 -20.45 23.02
CA TYR A 844 15.83 -20.32 23.06
C TYR A 844 16.54 -21.47 22.33
N ASP A 845 15.92 -22.67 22.31
CA ASP A 845 16.43 -23.88 21.63
C ASP A 845 16.67 -23.59 20.15
N PHE A 846 15.78 -22.80 19.52
CA PHE A 846 15.88 -22.40 18.11
C PHE A 846 16.99 -21.36 17.94
N ILE A 847 17.01 -20.33 18.82
CA ILE A 847 17.97 -19.21 18.85
C ILE A 847 19.41 -19.73 18.98
N HIS A 848 19.62 -20.77 19.83
CA HIS A 848 20.92 -21.42 20.06
C HIS A 848 21.46 -22.07 18.77
N VAL A 849 20.56 -22.61 17.93
CA VAL A 849 20.90 -23.24 16.65
C VAL A 849 21.28 -22.17 15.61
N ILE A 850 20.45 -21.11 15.50
CA ILE A 850 20.65 -19.97 14.56
C ILE A 850 21.99 -19.26 14.84
N GLN A 851 22.28 -18.99 16.14
CA GLN A 851 23.51 -18.33 16.59
C GLN A 851 24.73 -19.27 16.65
N GLN A 852 24.53 -20.58 16.34
CA GLN A 852 25.55 -21.65 16.31
C GLN A 852 26.23 -21.89 17.68
N GLY A 853 25.46 -21.68 18.77
CA GLY A 853 25.94 -21.87 20.13
C GLY A 853 26.55 -20.66 20.79
N LYS A 854 27.02 -19.66 20.00
CA LYS A 854 27.63 -18.45 20.53
C LYS A 854 26.59 -17.35 20.80
N THR A 855 26.58 -16.83 22.05
CA THR A 855 25.67 -15.76 22.49
C THR A 855 25.98 -14.40 21.85
N GLY A 856 27.25 -14.17 21.50
CA GLY A 856 27.72 -12.95 20.87
C GLY A 856 27.62 -12.93 19.35
N ASN A 857 26.87 -13.91 18.78
CA ASN A 857 26.66 -14.04 17.33
C ASN A 857 25.29 -13.41 16.97
N THR A 858 25.19 -12.09 17.17
CA THR A 858 23.97 -11.30 16.90
C THR A 858 23.65 -11.17 15.42
N GLU A 859 24.68 -11.18 14.55
CA GLU A 859 24.56 -11.05 13.08
C GLU A 859 23.68 -12.13 12.45
N LYS A 860 23.79 -13.38 12.94
CA LYS A 860 23.01 -14.53 12.46
C LYS A 860 21.54 -14.43 12.86
N PHE A 861 21.26 -13.99 14.10
CA PHE A 861 19.89 -13.82 14.60
C PHE A 861 19.22 -12.59 13.96
N GLY A 862 20.01 -11.57 13.64
CA GLY A 862 19.54 -10.35 12.98
C GLY A 862 19.01 -10.64 11.59
N ARG A 863 19.67 -11.57 10.88
CA ARG A 863 19.29 -12.05 9.55
C ARG A 863 17.99 -12.83 9.65
N PHE A 864 17.82 -13.63 10.73
CA PHE A 864 16.62 -14.43 11.01
C PHE A 864 15.41 -13.54 11.33
N ARG A 865 15.64 -12.45 12.10
CA ARG A 865 14.62 -11.47 12.47
C ARG A 865 14.08 -10.76 11.22
N GLN A 866 15.00 -10.36 10.31
CA GLN A 866 14.68 -9.70 9.04
C GLN A 866 13.99 -10.66 8.08
N CYS A 867 14.32 -11.97 8.19
CA CYS A 867 13.75 -13.06 7.38
C CYS A 867 12.27 -13.25 7.73
N CYS A 868 11.93 -13.20 9.04
CA CYS A 868 10.56 -13.31 9.56
C CYS A 868 9.75 -12.11 9.08
N GLU A 869 10.36 -10.91 9.16
CA GLU A 869 9.79 -9.63 8.75
C GLU A 869 9.52 -9.61 7.23
N ASP A 870 10.46 -10.17 6.44
CA ASP A 870 10.36 -10.25 4.97
C ASP A 870 9.24 -11.19 4.55
N ALA A 871 9.17 -12.40 5.17
CA ALA A 871 8.15 -13.42 4.91
C ALA A 871 6.73 -12.94 5.23
N TYR A 872 6.58 -12.15 6.31
CA TYR A 872 5.31 -11.58 6.77
C TYR A 872 4.77 -10.53 5.78
N LEU A 873 5.67 -9.71 5.18
CA LEU A 873 5.31 -8.68 4.22
C LEU A 873 4.86 -9.22 2.86
N ILE A 874 5.42 -10.37 2.43
CA ILE A 874 5.07 -11.04 1.16
C ILE A 874 3.64 -11.61 1.30
N LEU A 875 3.34 -12.21 2.47
CA LEU A 875 2.04 -12.79 2.82
C LEU A 875 0.93 -11.74 2.87
N ARG A 876 1.28 -10.49 3.21
CA ARG A 876 0.38 -9.34 3.30
C ARG A 876 -0.12 -8.91 1.92
N ARG A 877 0.75 -8.98 0.89
CA ARG A 877 0.46 -8.62 -0.50
C ARG A 877 -0.65 -9.49 -1.10
N HIS A 878 -0.68 -10.78 -0.73
CA HIS A 878 -1.66 -11.74 -1.22
C HIS A 878 -2.78 -12.00 -0.18
N GLY A 879 -3.07 -10.99 0.64
CA GLY A 879 -4.09 -11.02 1.69
C GLY A 879 -5.47 -11.38 1.21
N ASN A 880 -5.90 -10.81 0.05
CA ASN A 880 -7.21 -11.07 -0.57
C ASN A 880 -7.37 -12.53 -1.03
N LEU A 881 -6.27 -13.16 -1.47
CA LEU A 881 -6.25 -14.56 -1.92
C LEU A 881 -6.50 -15.52 -0.74
N PHE A 882 -5.83 -15.27 0.41
CA PHE A 882 -5.98 -16.07 1.64
C PHE A 882 -7.42 -15.99 2.18
N ILE A 883 -8.05 -14.80 2.07
CA ILE A 883 -9.44 -14.55 2.49
C ILE A 883 -10.40 -15.32 1.58
N THR A 884 -10.17 -15.26 0.25
CA THR A 884 -10.94 -15.94 -0.79
C THR A 884 -10.99 -17.46 -0.55
N LEU A 885 -9.82 -18.07 -0.28
CA LEU A 885 -9.67 -19.51 -0.01
C LEU A 885 -10.43 -19.97 1.23
N PHE A 886 -10.44 -19.15 2.30
CA PHE A 886 -11.18 -19.47 3.54
C PHE A 886 -12.68 -19.27 3.36
N ALA A 887 -13.09 -18.34 2.47
CA ALA A 887 -14.49 -18.04 2.16
C ALA A 887 -15.17 -19.19 1.41
N LEU A 888 -14.40 -19.92 0.56
CA LEU A 888 -14.88 -21.06 -0.21
C LEU A 888 -14.98 -22.32 0.66
N MET A 889 -14.27 -22.33 1.80
CA MET A 889 -14.23 -23.45 2.76
C MET A 889 -15.30 -23.38 3.85
N LEU A 890 -16.23 -22.40 3.75
CA LEU A 890 -17.32 -22.23 4.74
C LEU A 890 -18.39 -23.32 4.65
N THR A 891 -18.54 -23.95 3.46
CA THR A 891 -19.51 -25.02 3.20
C THR A 891 -18.94 -26.42 3.53
N ALA A 892 -17.63 -26.50 3.86
CA ALA A 892 -16.93 -27.76 4.17
C ALA A 892 -17.47 -28.49 5.42
N GLY A 893 -17.95 -27.73 6.40
CA GLY A 893 -18.50 -28.26 7.64
C GLY A 893 -17.52 -28.34 8.79
N LEU A 894 -16.52 -27.44 8.80
CA LEU A 894 -15.50 -27.37 9.85
C LEU A 894 -16.07 -26.67 11.10
N PRO A 895 -15.79 -27.17 12.33
CA PRO A 895 -16.35 -26.51 13.53
C PRO A 895 -15.74 -25.14 13.83
N GLU A 896 -14.45 -24.95 13.48
CA GLU A 896 -13.69 -23.72 13.68
C GLU A 896 -14.04 -22.64 12.64
N LEU A 897 -14.49 -23.06 11.44
CA LEU A 897 -14.84 -22.18 10.33
C LEU A 897 -16.30 -22.41 9.88
N THR A 898 -17.21 -21.57 10.39
CA THR A 898 -18.65 -21.66 10.11
C THR A 898 -19.20 -20.40 9.43
N SER A 899 -18.88 -19.21 9.98
CA SER A 899 -19.35 -17.92 9.46
C SER A 899 -18.18 -17.02 9.02
N VAL A 900 -18.52 -15.84 8.44
CA VAL A 900 -17.57 -14.82 7.97
C VAL A 900 -16.72 -14.22 9.11
N LYS A 901 -17.24 -14.28 10.36
CA LYS A 901 -16.59 -13.78 11.57
C LYS A 901 -15.32 -14.58 11.94
N ASP A 902 -15.25 -15.86 11.51
CA ASP A 902 -14.11 -16.75 11.74
C ASP A 902 -12.88 -16.36 10.92
N ILE A 903 -13.11 -15.76 9.74
CA ILE A 903 -12.06 -15.31 8.80
C ILE A 903 -11.46 -13.95 9.24
N GLN A 904 -12.14 -13.23 10.15
CA GLN A 904 -11.71 -11.93 10.69
C GLN A 904 -10.34 -11.98 11.39
N TYR A 905 -9.98 -13.15 11.97
CA TYR A 905 -8.70 -13.39 12.66
C TYR A 905 -7.52 -13.21 11.70
N LEU A 906 -7.67 -13.73 10.45
CA LEU A 906 -6.68 -13.67 9.38
C LEU A 906 -6.39 -12.22 8.96
N LYS A 907 -7.43 -11.36 8.98
CA LYS A 907 -7.33 -9.93 8.67
C LYS A 907 -6.54 -9.20 9.76
N ASP A 908 -6.75 -9.60 11.04
CA ASP A 908 -6.08 -9.03 12.21
C ASP A 908 -4.62 -9.45 12.31
N SER A 909 -4.33 -10.75 12.07
CA SER A 909 -2.98 -11.32 12.11
C SER A 909 -2.08 -10.71 11.03
N LEU A 910 -2.63 -10.53 9.81
CA LEU A 910 -1.92 -9.92 8.68
C LEU A 910 -1.93 -8.39 8.77
N ALA A 911 -2.77 -7.82 9.69
CA ALA A 911 -2.95 -6.38 9.94
C ALA A 911 -3.27 -5.59 8.66
N LEU A 912 -4.22 -6.11 7.87
CA LEU A 912 -4.67 -5.54 6.59
C LEU A 912 -5.35 -4.17 6.75
N GLY A 913 -5.90 -3.90 7.93
CA GLY A 913 -6.55 -2.64 8.27
C GLY A 913 -5.55 -1.52 8.49
N LYS A 914 -4.31 -1.90 8.87
CA LYS A 914 -3.19 -0.98 9.11
C LYS A 914 -2.32 -0.89 7.85
N SER A 915 -1.56 0.20 7.71
CA SER A 915 -0.65 0.40 6.58
C SER A 915 0.59 -0.51 6.72
N GLU A 916 1.38 -0.64 5.64
CA GLU A 916 2.61 -1.47 5.58
C GLU A 916 3.61 -1.13 6.70
N GLU A 917 3.66 0.15 7.13
CA GLU A 917 4.54 0.64 8.19
C GLU A 917 4.09 0.15 9.57
N GLU A 918 2.80 0.35 9.92
CA GLU A 918 2.24 -0.05 11.21
C GLU A 918 2.04 -1.56 11.35
N ALA A 919 1.86 -2.28 10.22
CA ALA A 919 1.69 -3.73 10.19
C ALA A 919 2.99 -4.44 10.59
N LEU A 920 4.15 -3.92 10.14
CA LEU A 920 5.47 -4.46 10.47
C LEU A 920 5.82 -4.12 11.92
N LYS A 921 5.40 -2.93 12.40
CA LYS A 921 5.59 -2.45 13.78
C LYS A 921 4.83 -3.35 14.75
N GLN A 922 3.67 -3.87 14.33
CA GLN A 922 2.83 -4.79 15.09
C GLN A 922 3.52 -6.16 15.17
N PHE A 923 4.15 -6.60 14.06
CA PHE A 923 4.89 -7.86 13.95
C PHE A 923 6.16 -7.82 14.80
N LYS A 924 6.90 -6.69 14.75
CA LYS A 924 8.13 -6.47 15.53
C LYS A 924 7.89 -6.50 17.03
N GLN A 925 6.74 -5.92 17.49
CA GLN A 925 6.32 -5.86 18.89
C GLN A 925 6.08 -7.27 19.40
N LYS A 926 5.42 -8.12 18.58
CA LYS A 926 5.13 -9.52 18.90
C LYS A 926 6.40 -10.38 18.85
N PHE A 927 7.36 -10.01 17.97
CA PHE A 927 8.65 -10.69 17.82
C PHE A 927 9.52 -10.44 19.04
N ASP A 928 9.55 -9.18 19.54
CA ASP A 928 10.32 -8.76 20.71
C ASP A 928 9.73 -9.36 21.99
N GLU A 929 8.39 -9.52 22.04
CA GLU A 929 7.67 -10.14 23.16
C GLU A 929 7.99 -11.62 23.22
N ALA A 930 8.11 -12.28 22.05
CA ALA A 930 8.45 -13.70 21.91
C ALA A 930 9.89 -13.96 22.33
N LEU A 931 10.79 -13.00 22.06
CA LEU A 931 12.21 -13.06 22.39
C LEU A 931 12.41 -12.90 23.91
N ARG A 932 11.64 -11.99 24.54
CA ARG A 932 11.70 -11.74 25.98
C ARG A 932 11.07 -12.88 26.79
N GLU A 933 10.20 -13.68 26.13
CA GLU A 933 9.52 -14.85 26.71
C GLU A 933 10.07 -16.17 26.12
N SER A 934 11.24 -16.11 25.44
CA SER A 934 11.89 -17.28 24.81
C SER A 934 12.30 -18.35 25.82
N TRP A 935 12.77 -17.94 27.01
CA TRP A 935 13.14 -18.86 28.08
C TRP A 935 11.92 -19.40 28.80
N THR A 936 10.81 -18.62 28.81
CA THR A 936 9.53 -19.01 29.41
C THR A 936 8.90 -20.11 28.53
N THR A 937 9.00 -19.95 27.19
CA THR A 937 8.51 -20.90 26.17
C THR A 937 9.30 -22.20 26.29
N LYS A 938 10.63 -22.09 26.55
CA LYS A 938 11.57 -23.20 26.74
C LYS A 938 11.16 -24.03 27.96
N VAL A 939 10.75 -23.36 29.05
CA VAL A 939 10.30 -23.97 30.30
C VAL A 939 9.00 -24.75 30.11
N ASN A 940 7.96 -24.08 29.53
CA ASN A 940 6.64 -24.66 29.27
C ASN A 940 6.68 -25.91 28.38
N TRP A 941 7.60 -25.92 27.40
CA TRP A 941 7.79 -27.03 26.47
C TRP A 941 8.56 -28.18 27.13
N MET A 942 9.53 -27.85 28.01
CA MET A 942 10.32 -28.84 28.75
C MET A 942 9.46 -29.49 29.85
N ALA A 943 8.53 -28.72 30.44
CA ALA A 943 7.60 -29.18 31.47
C ALA A 943 6.62 -30.18 30.86
N HIS A 944 6.22 -29.96 29.59
CA HIS A 944 5.33 -30.80 28.79
C HIS A 944 6.00 -32.16 28.51
N THR A 945 7.35 -32.14 28.30
CA THR A 945 8.17 -33.32 28.05
C THR A 945 8.29 -34.15 29.34
N VAL A 946 8.34 -33.47 30.51
CA VAL A 946 8.44 -34.09 31.84
C VAL A 946 7.18 -34.91 32.19
N ARG A 947 5.98 -34.31 32.05
CA ARG A 947 4.70 -34.98 32.34
C ARG A 947 4.29 -35.95 31.21
N LYS A 948 5.14 -36.98 30.98
CA LYS A 948 4.98 -38.02 29.97
C LYS A 948 5.35 -39.38 30.57
N ASP A 949 4.55 -40.43 30.23
CA ASP A 949 4.67 -41.83 30.65
C ASP A 949 4.99 -42.00 32.14
N GLY B 1 27.81 53.35 -7.53
CA GLY B 1 28.75 54.13 -6.72
C GLY B 1 28.19 54.54 -5.37
N GLU B 2 28.44 55.80 -4.97
CA GLU B 2 27.98 56.36 -3.70
C GLU B 2 26.46 56.55 -3.66
N LYS B 3 25.88 57.03 -4.79
CA LYS B 3 24.44 57.27 -4.92
C LYS B 3 23.64 55.97 -4.99
N LEU B 4 24.14 54.96 -5.74
CA LEU B 4 23.50 53.64 -5.91
C LEU B 4 23.43 52.88 -4.58
N ASP B 5 24.55 52.86 -3.81
CA ASP B 5 24.66 52.21 -2.50
C ASP B 5 23.69 52.82 -1.47
N SER B 6 23.34 54.11 -1.65
CA SER B 6 22.40 54.82 -0.78
C SER B 6 20.95 54.47 -1.14
N LYS B 7 20.67 54.27 -2.46
CA LYS B 7 19.35 53.91 -3.00
C LYS B 7 18.92 52.52 -2.55
N ILE B 8 19.85 51.54 -2.58
CA ILE B 8 19.63 50.15 -2.18
C ILE B 8 19.33 50.07 -0.68
N GLY B 9 20.12 50.77 0.14
CA GLY B 9 20.00 50.81 1.59
C GLY B 9 18.61 51.13 2.12
N VAL B 10 18.02 52.24 1.63
CA VAL B 10 16.67 52.71 1.99
C VAL B 10 15.60 51.69 1.58
N LEU B 11 15.76 51.11 0.37
CA LEU B 11 14.84 50.14 -0.23
C LEU B 11 14.82 48.79 0.48
N ILE B 12 16.01 48.23 0.82
CA ILE B 12 16.11 46.92 1.48
C ILE B 12 15.80 46.99 2.99
N GLY B 13 15.83 48.20 3.55
CA GLY B 13 15.56 48.45 4.97
C GLY B 13 16.74 48.29 5.89
N LYS B 14 17.97 48.21 5.32
CA LYS B 14 19.23 48.07 6.05
C LYS B 14 20.35 48.80 5.29
N GLY B 15 21.13 49.59 6.02
CA GLY B 15 22.26 50.33 5.47
C GLY B 15 23.40 49.44 5.00
N LEU B 16 23.98 49.77 3.84
CA LEU B 16 25.10 49.02 3.25
C LEU B 16 26.40 49.14 4.07
N HIS B 17 26.51 50.21 4.88
CA HIS B 17 27.64 50.49 5.77
C HIS B 17 27.67 49.50 6.96
N GLU B 18 26.49 48.96 7.35
CA GLU B 18 26.33 48.00 8.45
C GLU B 18 27.03 46.67 8.18
N PHE B 19 27.10 46.25 6.89
CA PHE B 19 27.76 45.01 6.47
C PHE B 19 29.28 45.14 6.58
N ASP B 20 29.82 46.33 6.24
CA ASP B 20 31.24 46.65 6.31
C ASP B 20 31.71 46.80 7.76
N ALA B 21 30.81 47.30 8.63
CA ALA B 21 31.05 47.52 10.07
C ALA B 21 31.29 46.21 10.84
N LEU B 22 30.72 45.09 10.35
CA LEU B 22 30.85 43.76 10.94
C LEU B 22 32.29 43.23 10.85
N LYS B 23 33.02 43.62 9.78
CA LYS B 23 34.41 43.24 9.47
C LYS B 23 34.61 41.71 9.38
N ASP B 24 33.58 41.01 8.85
CA ASP B 24 33.57 39.56 8.68
C ASP B 24 34.01 39.16 7.26
N PRO B 25 34.96 38.19 7.11
CA PRO B 25 35.40 37.80 5.76
C PRO B 25 34.33 37.11 4.90
N GLU B 26 33.39 36.38 5.54
CA GLU B 26 32.29 35.66 4.89
C GLU B 26 31.30 36.65 4.24
N VAL B 27 31.00 37.76 4.92
CA VAL B 27 30.08 38.82 4.47
C VAL B 27 30.70 39.56 3.27
N ASN B 28 31.99 39.93 3.37
CA ASN B 28 32.75 40.65 2.33
C ASN B 28 32.93 39.82 1.05
N GLU B 29 33.21 38.51 1.19
CA GLU B 29 33.40 37.60 0.06
C GLU B 29 32.10 37.30 -0.69
N PHE B 30 30.96 37.23 0.04
CA PHE B 30 29.64 36.98 -0.54
C PHE B 30 29.19 38.17 -1.39
N ARG B 31 29.36 39.40 -0.86
CA ARG B 31 29.01 40.66 -1.53
C ARG B 31 29.83 40.86 -2.80
N ARG B 32 31.11 40.44 -2.78
CA ARG B 32 32.04 40.52 -3.91
C ARG B 32 31.64 39.53 -5.02
N LYS B 33 31.33 38.27 -4.64
CA LYS B 33 30.92 37.19 -5.55
C LYS B 33 29.56 37.44 -6.20
N MET B 34 28.57 37.95 -5.44
CA MET B 34 27.23 38.24 -5.93
C MET B 34 27.17 39.47 -6.83
N ARG B 35 28.16 40.38 -6.72
CA ARG B 35 28.27 41.59 -7.53
C ARG B 35 28.61 41.23 -8.98
N LYS B 36 29.35 40.12 -9.18
CA LYS B 36 29.74 39.60 -10.49
C LYS B 36 28.49 39.06 -11.22
N PHE B 37 27.58 38.40 -10.47
CA PHE B 37 26.32 37.86 -10.99
C PHE B 37 25.34 38.99 -11.30
N SER B 38 25.36 40.06 -10.47
CA SER B 38 24.52 41.25 -10.60
C SER B 38 24.89 42.09 -11.82
N GLU B 39 26.21 42.33 -12.03
CA GLU B 39 26.74 43.12 -13.14
C GLU B 39 26.62 42.41 -14.49
N ALA B 40 26.66 41.06 -14.50
CA ALA B 40 26.53 40.24 -15.71
C ALA B 40 25.09 40.33 -16.24
N LYS B 41 24.12 40.48 -15.34
CA LYS B 41 22.69 40.61 -15.65
C LYS B 41 22.39 41.97 -16.27
N ILE B 42 23.12 43.03 -15.86
CA ILE B 42 22.98 44.39 -16.38
C ILE B 42 23.54 44.45 -17.82
N GLN B 43 24.70 43.80 -18.06
CA GLN B 43 25.37 43.73 -19.36
C GLN B 43 24.56 42.98 -20.42
N SER B 44 23.77 41.98 -19.99
CA SER B 44 22.92 41.17 -20.89
C SER B 44 21.69 41.96 -21.34
N LEU B 45 21.24 42.94 -20.52
CA LEU B 45 20.09 43.79 -20.79
C LEU B 45 20.36 44.84 -21.90
N VAL B 46 21.65 45.13 -22.19
CA VAL B 46 22.09 46.10 -23.19
C VAL B 46 21.73 45.65 -24.62
N GLY B 47 22.36 44.57 -25.09
CA GLY B 47 22.14 44.02 -26.43
C GLY B 47 21.05 42.99 -26.45
N LEU B 48 19.82 43.40 -26.08
CA LEU B 48 18.65 42.53 -26.00
C LEU B 48 17.43 43.18 -26.66
N SER B 49 16.74 42.44 -27.55
CA SER B 49 15.55 42.90 -28.28
C SER B 49 14.33 43.04 -27.36
N TRP B 50 13.27 43.74 -27.83
CA TRP B 50 12.04 43.98 -27.07
C TRP B 50 11.36 42.70 -26.54
N ILE B 51 11.30 41.64 -27.36
CA ILE B 51 10.72 40.35 -26.96
C ILE B 51 11.62 39.58 -25.99
N ASP B 52 12.95 39.63 -26.23
CA ASP B 52 13.96 38.97 -25.41
C ASP B 52 14.07 39.64 -24.03
N TRP B 53 13.85 40.97 -23.96
CA TRP B 53 13.86 41.75 -22.72
C TRP B 53 12.69 41.33 -21.84
N LEU B 54 11.49 41.19 -22.45
CA LEU B 54 10.24 40.76 -21.80
C LEU B 54 10.38 39.37 -21.18
N LYS B 55 11.17 38.47 -21.81
CA LYS B 55 11.43 37.11 -21.33
C LYS B 55 12.16 37.08 -19.98
N HIS B 56 12.95 38.13 -19.72
CA HIS B 56 13.75 38.30 -18.49
C HIS B 56 13.10 39.30 -17.54
N THR B 57 12.17 40.15 -18.06
CA THR B 57 11.46 41.16 -17.30
C THR B 57 10.10 40.57 -16.83
N TYR B 58 9.07 40.54 -17.70
CA TYR B 58 7.76 39.98 -17.37
C TYR B 58 7.49 38.72 -18.22
N PRO B 59 7.96 37.53 -17.78
CA PRO B 59 7.78 36.31 -18.58
C PRO B 59 6.35 35.74 -18.54
N PRO B 60 5.86 35.09 -19.62
CA PRO B 60 4.50 34.54 -19.57
C PRO B 60 4.41 33.25 -18.75
N GLU B 61 3.43 33.21 -17.82
CA GLU B 61 3.19 32.05 -16.95
C GLU B 61 2.38 30.97 -17.68
N HIS B 62 2.94 29.74 -17.73
CA HIS B 62 2.32 28.59 -18.42
C HIS B 62 2.57 27.26 -17.71
N GLU B 63 1.60 26.34 -17.80
CA GLU B 63 1.66 25.01 -17.20
C GLU B 63 1.25 23.94 -18.24
N PRO B 64 2.04 22.85 -18.44
CA PRO B 64 1.65 21.84 -19.43
C PRO B 64 0.61 20.83 -18.96
N SER B 65 0.20 20.90 -17.67
CA SER B 65 -0.80 20.02 -17.07
C SER B 65 -2.21 20.35 -17.61
N VAL B 66 -2.58 19.72 -18.72
CA VAL B 66 -3.86 19.91 -19.42
C VAL B 66 -5.07 19.44 -18.57
N LEU B 67 -6.20 20.15 -18.70
CA LEU B 67 -7.45 19.86 -18.00
C LEU B 67 -8.61 19.73 -19.00
N GLU B 68 -9.48 18.73 -18.76
CA GLU B 68 -10.64 18.45 -19.62
C GLU B 68 -11.95 18.58 -18.84
N LEU B 74 -16.04 25.34 -23.33
CA LEU B 74 -15.60 25.96 -24.59
C LEU B 74 -16.75 26.15 -25.57
N TYR B 75 -16.68 27.23 -26.39
CA TYR B 75 -17.69 27.56 -27.40
C TYR B 75 -17.41 26.76 -28.67
N GLY B 76 -17.94 25.53 -28.69
CA GLY B 76 -17.76 24.59 -29.80
C GLY B 76 -16.32 24.15 -30.00
N GLY B 77 -15.63 23.92 -28.88
CA GLY B 77 -14.23 23.50 -28.85
C GLY B 77 -13.26 24.62 -29.22
N LYS B 78 -13.67 25.88 -29.02
CA LYS B 78 -12.89 27.08 -29.33
C LYS B 78 -12.99 28.15 -28.24
N LEU B 79 -11.93 28.97 -28.12
CA LEU B 79 -11.84 30.08 -27.16
C LEU B 79 -12.35 31.36 -27.80
N VAL B 80 -13.11 32.17 -27.04
CA VAL B 80 -13.62 33.46 -27.51
C VAL B 80 -12.83 34.57 -26.80
N VAL B 81 -12.07 35.36 -27.57
CA VAL B 81 -11.24 36.44 -27.02
C VAL B 81 -11.60 37.82 -27.57
N ALA B 82 -11.56 38.83 -26.70
CA ALA B 82 -11.83 40.23 -27.03
C ALA B 82 -10.49 40.96 -27.03
N VAL B 83 -10.12 41.54 -28.19
CA VAL B 83 -8.84 42.22 -28.35
C VAL B 83 -9.01 43.71 -28.67
N HIS B 84 -8.55 44.56 -27.75
CA HIS B 84 -8.56 46.03 -27.84
C HIS B 84 -7.23 46.47 -28.46
N PHE B 85 -7.16 47.73 -28.92
CA PHE B 85 -5.95 48.30 -29.51
C PHE B 85 -5.46 49.52 -28.73
N GLU B 86 -4.13 49.67 -28.64
CA GLU B 86 -3.49 50.79 -27.93
C GLU B 86 -3.56 52.08 -28.74
N ASN B 87 -3.13 52.03 -30.01
CA ASN B 87 -3.12 53.19 -30.93
C ASN B 87 -4.50 53.60 -31.44
N SER B 88 -5.34 52.61 -31.80
CA SER B 88 -6.69 52.86 -32.33
C SER B 88 -7.80 52.46 -31.35
N GLN B 89 -9.02 53.01 -31.55
CA GLN B 89 -10.20 52.74 -30.72
C GLN B 89 -10.85 51.38 -31.05
N ASP B 90 -10.31 50.68 -32.07
CA ASP B 90 -10.78 49.37 -32.55
C ASP B 90 -10.69 48.26 -31.49
N VAL B 91 -11.72 47.41 -31.46
CA VAL B 91 -11.87 46.27 -30.54
C VAL B 91 -12.70 45.17 -31.22
N PHE B 92 -12.15 43.94 -31.30
CA PHE B 92 -12.81 42.83 -31.98
C PHE B 92 -13.02 41.58 -31.11
N SER B 93 -14.07 40.79 -31.45
CA SER B 93 -14.46 39.53 -30.80
C SER B 93 -14.37 38.40 -31.84
N PHE B 94 -13.48 37.42 -31.61
CA PHE B 94 -13.26 36.31 -32.52
C PHE B 94 -12.95 34.98 -31.82
N GLN B 95 -13.10 33.87 -32.56
CA GLN B 95 -12.84 32.50 -32.08
C GLN B 95 -11.45 32.02 -32.45
N VAL B 96 -10.71 31.46 -31.48
CA VAL B 96 -9.36 30.93 -31.65
C VAL B 96 -9.29 29.53 -31.02
N SER B 97 -8.67 28.56 -31.72
CA SER B 97 -8.50 27.19 -31.25
C SER B 97 -7.53 27.12 -30.04
N PRO B 98 -7.84 26.32 -28.99
CA PRO B 98 -6.93 26.27 -27.82
C PRO B 98 -5.57 25.61 -28.08
N ASN B 99 -5.48 24.74 -29.09
CA ASN B 99 -4.25 24.03 -29.46
C ASN B 99 -3.22 24.91 -30.19
N LEU B 100 -3.67 26.04 -30.78
CA LEU B 100 -2.81 26.97 -31.51
C LEU B 100 -2.02 27.93 -30.60
N ASN B 101 -0.90 28.45 -31.12
CA ASN B 101 0.00 29.38 -30.44
C ASN B 101 -0.64 30.79 -30.27
N PRO B 102 -0.16 31.65 -29.33
CA PRO B 102 -0.78 32.98 -29.18
C PRO B 102 -0.62 33.93 -30.36
N ILE B 103 0.28 33.60 -31.31
CA ILE B 103 0.55 34.36 -32.53
C ILE B 103 -0.69 34.38 -33.47
N LYS B 104 -1.59 33.37 -33.35
CA LYS B 104 -2.82 33.26 -34.12
C LYS B 104 -3.80 34.39 -33.79
N ILE B 105 -3.82 34.85 -32.52
CA ILE B 105 -4.65 35.95 -32.04
C ILE B 105 -4.12 37.26 -32.65
N ASN B 106 -2.78 37.43 -32.67
CA ASN B 106 -2.08 38.57 -33.24
C ASN B 106 -2.36 38.67 -34.75
N GLU B 107 -2.42 37.50 -35.43
CA GLU B 107 -2.71 37.37 -36.86
C GLU B 107 -4.17 37.73 -37.18
N LEU B 108 -5.13 37.17 -36.42
CA LEU B 108 -6.57 37.37 -36.60
C LEU B 108 -7.04 38.80 -36.33
N ALA B 109 -6.48 39.46 -35.30
CA ALA B 109 -6.85 40.82 -34.90
C ALA B 109 -6.38 41.91 -35.87
N ILE B 110 -5.15 41.79 -36.43
CA ILE B 110 -4.59 42.76 -37.38
C ILE B 110 -5.32 42.71 -38.72
N GLN B 111 -5.77 41.50 -39.14
CA GLN B 111 -6.52 41.28 -40.38
C GLN B 111 -7.89 41.93 -40.32
N LYS B 112 -8.52 41.90 -39.12
CA LYS B 112 -9.83 42.51 -38.86
C LYS B 112 -9.73 44.04 -38.88
N ARG B 113 -8.58 44.59 -38.44
CA ARG B 113 -8.30 46.03 -38.43
C ARG B 113 -7.97 46.50 -39.85
N LEU B 114 -7.30 45.64 -40.65
CA LEU B 114 -6.93 45.92 -42.05
C LEU B 114 -8.15 45.97 -42.97
N THR B 115 -9.20 45.18 -42.66
CA THR B 115 -10.44 45.14 -43.44
C THR B 115 -11.30 46.39 -43.24
N ILE B 116 -11.30 46.96 -42.02
CA ILE B 116 -12.08 48.17 -41.69
C ILE B 116 -11.46 49.43 -42.32
N SER B 124 2.50 43.89 -39.28
CA SER B 124 2.98 42.53 -39.10
C SER B 124 2.62 41.98 -37.70
N PRO B 125 2.18 40.69 -37.59
CA PRO B 125 1.83 40.16 -36.25
C PRO B 125 3.01 39.89 -35.32
N CYS B 126 4.24 39.78 -35.88
CA CYS B 126 5.47 39.53 -35.13
C CYS B 126 5.87 40.71 -34.25
N ASP B 127 5.61 41.94 -34.74
CA ASP B 127 5.93 43.20 -34.08
C ASP B 127 4.91 43.58 -32.99
N TYR B 128 3.73 42.93 -33.01
CA TYR B 128 2.66 43.16 -32.03
C TYR B 128 2.66 42.10 -30.93
N VAL B 129 2.25 42.48 -29.69
CA VAL B 129 2.19 41.58 -28.54
C VAL B 129 0.89 41.81 -27.73
N LEU B 130 0.35 40.73 -27.12
CA LEU B 130 -0.87 40.76 -26.33
C LEU B 130 -0.58 41.13 -24.88
N GLN B 131 -1.32 42.12 -24.34
CA GLN B 131 -1.17 42.60 -22.96
C GLN B 131 -2.53 42.52 -22.23
N VAL B 132 -2.53 42.03 -20.98
CA VAL B 132 -3.77 41.93 -20.19
C VAL B 132 -4.15 43.33 -19.65
N SER B 133 -5.46 43.68 -19.68
CA SER B 133 -6.00 44.97 -19.20
C SER B 133 -5.73 45.19 -17.69
N GLY B 134 -5.15 46.35 -17.33
CA GLY B 134 -4.80 46.71 -15.96
C GLY B 134 -3.78 45.81 -15.29
N ARG B 135 -2.95 45.14 -16.11
CA ARG B 135 -1.92 44.19 -15.68
C ARG B 135 -0.67 44.29 -16.56
N VAL B 136 0.53 44.21 -15.94
CA VAL B 136 1.80 44.23 -16.69
C VAL B 136 2.17 42.76 -17.03
N GLU B 137 1.23 42.07 -17.71
CA GLU B 137 1.33 40.67 -18.09
C GLU B 137 1.19 40.53 -19.59
N TYR B 138 2.00 39.65 -20.20
CA TYR B 138 2.01 39.43 -21.65
C TYR B 138 1.91 37.93 -21.99
N VAL B 139 1.21 37.60 -23.10
CA VAL B 139 1.03 36.23 -23.58
C VAL B 139 1.72 36.07 -24.94
N PHE B 140 2.87 35.36 -24.97
CA PHE B 140 3.68 35.11 -26.17
C PHE B 140 4.56 33.85 -26.03
N GLY B 141 5.09 33.34 -27.14
CA GLY B 141 5.97 32.16 -27.15
C GLY B 141 5.49 31.04 -28.03
N ASP B 142 6.35 30.02 -28.26
CA ASP B 142 6.04 28.85 -29.08
C ASP B 142 5.38 27.75 -28.22
N HIS B 143 4.33 28.14 -27.48
CA HIS B 143 3.56 27.29 -26.57
C HIS B 143 2.08 27.38 -26.95
N PRO B 144 1.27 26.28 -26.84
CA PRO B 144 -0.17 26.40 -27.16
C PRO B 144 -0.91 27.29 -26.17
N LEU B 145 -1.99 27.96 -26.63
CA LEU B 145 -2.79 28.88 -25.82
C LEU B 145 -3.43 28.27 -24.58
N ILE B 146 -3.81 26.97 -24.64
CA ILE B 146 -4.43 26.25 -23.52
C ILE B 146 -3.44 26.04 -22.35
N GLN B 147 -2.11 26.08 -22.63
CA GLN B 147 -1.06 25.93 -21.62
C GLN B 147 -0.88 27.15 -20.72
N PHE B 148 -1.19 28.37 -21.23
CA PHE B 148 -1.07 29.64 -20.49
C PHE B 148 -2.04 29.70 -19.31
N GLN B 149 -1.53 30.10 -18.13
CA GLN B 149 -2.28 30.21 -16.87
C GLN B 149 -3.46 31.18 -16.94
N TYR B 150 -3.32 32.31 -17.66
CA TYR B 150 -4.37 33.31 -17.83
C TYR B 150 -5.58 32.74 -18.57
N ILE B 151 -5.32 31.94 -19.62
CA ILE B 151 -6.34 31.28 -20.44
C ILE B 151 -7.04 30.20 -19.59
N ARG B 152 -6.25 29.44 -18.80
CA ARG B 152 -6.72 28.36 -17.91
C ARG B 152 -7.68 28.89 -16.85
N ASN B 153 -7.32 30.00 -16.17
CA ASN B 153 -8.13 30.66 -15.13
C ASN B 153 -9.42 31.22 -15.72
N CYS B 154 -9.38 31.67 -16.99
CA CYS B 154 -10.52 32.21 -17.71
C CYS B 154 -11.57 31.15 -18.03
N VAL B 155 -11.13 29.93 -18.42
CA VAL B 155 -11.99 28.79 -18.74
C VAL B 155 -12.69 28.28 -17.46
N MET B 156 -11.91 28.13 -16.37
CA MET B 156 -12.39 27.65 -15.07
C MET B 156 -13.40 28.59 -14.42
N ASN B 157 -13.18 29.91 -14.51
CA ASN B 157 -14.06 30.94 -13.93
C ASN B 157 -15.14 31.46 -14.90
N ARG B 158 -15.19 30.89 -16.13
CA ARG B 158 -16.14 31.21 -17.22
C ARG B 158 -16.02 32.66 -17.75
N THR B 159 -15.01 33.43 -17.26
CA THR B 159 -14.72 34.80 -17.69
C THR B 159 -14.03 34.77 -19.07
N LEU B 160 -14.34 35.76 -19.93
CA LEU B 160 -13.74 35.87 -21.26
C LEU B 160 -12.36 36.55 -21.21
N PRO B 161 -11.32 35.99 -21.88
CA PRO B 161 -10.00 36.63 -21.84
C PRO B 161 -9.95 37.91 -22.66
N HIS B 162 -9.57 39.02 -22.00
CA HIS B 162 -9.46 40.36 -22.60
C HIS B 162 -7.99 40.76 -22.80
N PHE B 163 -7.68 41.36 -23.95
CA PHE B 163 -6.32 41.79 -24.30
C PHE B 163 -6.26 43.18 -24.96
N ILE B 164 -5.09 43.82 -24.91
CA ILE B 164 -4.75 45.09 -25.54
C ILE B 164 -3.53 44.83 -26.44
N LEU B 165 -3.66 45.02 -27.77
CA LEU B 165 -2.54 44.80 -28.67
C LEU B 165 -1.58 45.97 -28.64
N VAL B 166 -0.35 45.72 -28.15
CA VAL B 166 0.71 46.72 -28.02
C VAL B 166 1.79 46.46 -29.08
N GLU B 167 2.18 47.51 -29.82
CA GLU B 167 3.21 47.46 -30.85
C GLU B 167 4.62 47.41 -30.21
N CYS B 168 5.65 47.06 -31.02
CA CYS B 168 7.05 46.96 -30.60
C CYS B 168 7.65 48.29 -30.11
N CYS B 169 7.12 49.43 -30.64
CA CYS B 169 7.56 50.78 -30.28
C CYS B 169 7.31 51.15 -28.82
N LYS B 170 6.07 50.91 -28.32
CA LYS B 170 5.66 51.20 -26.94
C LYS B 170 6.41 50.33 -25.92
N ILE B 171 6.74 49.08 -26.30
CA ILE B 171 7.50 48.13 -25.47
C ILE B 171 8.94 48.66 -25.35
N LYS B 172 9.50 49.16 -26.48
CA LYS B 172 10.84 49.74 -26.55
C LYS B 172 10.89 51.08 -25.80
N LYS B 173 9.75 51.81 -25.75
CA LYS B 173 9.59 53.08 -25.02
C LYS B 173 9.70 52.82 -23.52
N MET B 174 9.13 51.69 -23.05
CA MET B 174 9.17 51.24 -21.65
C MET B 174 10.59 50.76 -21.32
N TYR B 175 11.27 50.15 -22.32
CA TYR B 175 12.63 49.63 -22.22
C TYR B 175 13.66 50.77 -22.08
N GLU B 176 13.60 51.78 -22.97
CA GLU B 176 14.52 52.93 -22.94
C GLU B 176 14.33 53.83 -21.71
N GLN B 177 13.09 53.95 -21.20
CA GLN B 177 12.77 54.75 -20.01
C GLN B 177 13.26 54.08 -18.74
N GLU B 178 13.44 52.74 -18.78
CA GLU B 178 13.92 51.93 -17.67
C GLU B 178 15.44 51.82 -17.71
N MET B 179 16.02 51.74 -18.93
CA MET B 179 17.47 51.64 -19.15
C MET B 179 18.23 52.93 -18.78
N ILE B 180 17.57 54.10 -18.91
CA ILE B 180 18.17 55.40 -18.56
C ILE B 180 18.34 55.54 -17.04
N ALA B 181 17.45 54.89 -16.26
CA ALA B 181 17.51 54.88 -14.79
C ALA B 181 18.66 53.99 -14.29
N ILE B 182 19.03 52.96 -15.08
CA ILE B 182 20.11 52.02 -14.77
C ILE B 182 21.48 52.71 -14.94
N GLU B 183 21.72 53.34 -16.10
CA GLU B 183 22.97 54.04 -16.43
C GLU B 183 23.22 55.29 -15.58
N ALA B 184 22.14 55.98 -15.14
CA ALA B 184 22.22 57.18 -14.29
C ALA B 184 22.63 56.81 -12.86
N ALA B 185 22.21 55.62 -12.39
CA ALA B 185 22.51 55.10 -11.06
C ALA B 185 23.92 54.48 -10.99
N ILE B 186 24.37 53.87 -12.12
CA ILE B 186 25.70 53.26 -12.23
C ILE B 186 26.61 54.16 -13.06
N ILE B 208 43.19 16.43 6.72
CA ILE B 208 42.67 16.03 8.03
C ILE B 208 42.58 14.51 8.20
N TRP B 209 42.53 13.76 7.09
CA TRP B 209 42.35 12.30 7.08
C TRP B 209 43.53 11.52 7.65
N ASP B 210 44.75 12.10 7.61
CA ASP B 210 45.96 11.49 8.15
C ASP B 210 46.04 11.61 9.69
N ASN B 211 45.33 12.61 10.26
CA ASN B 211 45.31 12.90 11.69
C ASN B 211 44.53 11.82 12.47
N ASN B 212 45.27 11.05 13.30
CA ASN B 212 44.72 9.96 14.13
C ASN B 212 44.27 10.45 15.52
N ASN B 213 44.73 11.65 15.92
CA ASN B 213 44.45 12.28 17.22
C ASN B 213 42.94 12.57 17.42
N PRO B 214 42.40 12.41 18.65
CA PRO B 214 40.96 12.68 18.85
C PRO B 214 40.63 14.17 18.97
N PHE B 215 39.39 14.54 18.60
CA PHE B 215 38.89 15.91 18.67
C PHE B 215 38.62 16.34 20.10
N GLN B 216 39.14 17.53 20.48
CA GLN B 216 38.98 18.11 21.82
C GLN B 216 38.95 19.64 21.82
N ILE B 217 38.06 20.23 22.64
CA ILE B 217 37.90 21.67 22.79
C ILE B 217 38.01 22.09 24.26
N THR B 218 38.57 23.28 24.53
CA THR B 218 38.76 23.80 25.88
C THR B 218 37.70 24.84 26.26
N LEU B 219 36.95 24.55 27.34
CA LEU B 219 35.93 25.43 27.90
C LEU B 219 36.64 26.29 28.95
N VAL B 220 36.76 27.62 28.68
CA VAL B 220 37.50 28.54 29.55
C VAL B 220 36.59 29.30 30.52
N LYS B 221 35.69 30.17 30.01
CA LYS B 221 34.84 31.00 30.87
C LYS B 221 33.40 31.16 30.35
N GLY B 222 32.47 31.31 31.29
CA GLY B 222 31.06 31.55 31.05
C GLY B 222 30.69 32.94 31.53
N ASN B 223 30.59 33.90 30.60
CA ASN B 223 30.30 35.30 30.89
C ASN B 223 28.82 35.67 30.89
N LYS B 224 28.46 36.63 31.77
CA LYS B 224 27.13 37.24 31.96
C LYS B 224 26.00 36.20 32.18
N LEU B 225 26.02 35.54 33.34
CA LEU B 225 25.01 34.57 33.75
C LEU B 225 24.66 34.73 35.24
N ASN B 226 23.35 34.75 35.56
CA ASN B 226 22.82 34.94 36.91
C ASN B 226 23.24 33.87 37.90
N THR B 227 23.73 34.31 39.07
CA THR B 227 24.21 33.46 40.17
C THR B 227 23.69 34.02 41.50
N VAL B 231 26.28 29.34 42.65
CA VAL B 231 25.36 28.24 42.34
C VAL B 231 26.04 27.17 41.46
N LYS B 232 25.54 25.92 41.52
CA LYS B 232 26.05 24.78 40.76
C LYS B 232 25.67 24.90 39.28
N VAL B 233 26.64 25.25 38.42
CA VAL B 233 26.43 25.40 36.98
C VAL B 233 27.42 24.56 36.16
N HIS B 234 26.92 23.90 35.10
CA HIS B 234 27.72 23.06 34.21
C HIS B 234 27.32 23.24 32.74
N VAL B 235 28.28 23.03 31.83
CA VAL B 235 28.06 23.14 30.38
C VAL B 235 28.09 21.75 29.74
N ARG B 236 27.02 21.40 29.01
CA ARG B 236 26.89 20.12 28.31
C ARG B 236 27.23 20.29 26.83
N ALA B 237 28.12 19.46 26.30
CA ALA B 237 28.58 19.52 24.91
C ALA B 237 28.41 18.19 24.18
N GLY B 238 28.08 18.28 22.89
CA GLY B 238 27.87 17.12 22.02
C GLY B 238 27.96 17.45 20.54
N LEU B 239 28.46 16.49 19.74
CA LEU B 239 28.60 16.64 18.29
C LEU B 239 27.41 16.03 17.54
N PHE B 240 26.86 16.80 16.58
CA PHE B 240 25.70 16.41 15.78
C PHE B 240 25.92 16.61 14.28
N HIS B 241 25.17 15.87 13.46
CA HIS B 241 25.14 15.97 12.01
C HIS B 241 23.67 15.83 11.58
N GLY B 242 22.92 16.89 11.85
CA GLY B 242 21.49 16.96 11.61
C GLY B 242 20.74 16.61 12.87
N THR B 243 20.29 15.34 12.97
CA THR B 243 19.60 14.79 14.15
C THR B 243 20.49 13.74 14.82
N GLU B 244 21.33 13.05 14.03
CA GLU B 244 22.23 11.98 14.46
C GLU B 244 23.35 12.46 15.38
N LEU B 245 23.63 11.68 16.44
CA LEU B 245 24.67 11.94 17.42
C LEU B 245 25.95 11.24 16.93
N LEU B 246 27.00 12.04 16.62
CA LEU B 246 28.28 11.54 16.11
C LEU B 246 29.07 10.72 17.12
N CYS B 247 29.10 11.15 18.39
CA CYS B 247 29.80 10.49 19.50
C CYS B 247 29.11 10.79 20.83
N LYS B 248 29.47 10.03 21.89
CA LYS B 248 28.92 10.17 23.26
C LYS B 248 29.06 11.61 23.78
N THR B 249 28.00 12.11 24.44
CA THR B 249 27.93 13.47 25.00
C THR B 249 28.91 13.65 26.17
N VAL B 250 29.50 14.86 26.28
CA VAL B 250 30.48 15.21 27.31
C VAL B 250 29.90 16.26 28.26
N VAL B 251 29.99 16.02 29.58
CA VAL B 251 29.49 16.92 30.63
C VAL B 251 30.68 17.48 31.43
N SER B 252 30.69 18.81 31.63
CA SER B 252 31.74 19.51 32.39
C SER B 252 31.40 19.52 33.89
N SER B 253 32.41 19.74 34.76
CA SER B 253 32.24 19.78 36.21
C SER B 253 31.44 20.98 36.68
N GLU B 254 30.66 20.81 37.76
CA GLU B 254 29.84 21.86 38.35
C GLU B 254 30.70 22.79 39.22
N ILE B 255 30.77 24.08 38.85
CA ILE B 255 31.55 25.09 39.55
C ILE B 255 30.70 26.29 39.98
N SER B 256 31.01 26.86 41.15
CA SER B 256 30.31 28.02 41.71
C SER B 256 30.87 29.33 41.14
N GLY B 257 30.17 30.44 41.41
CA GLY B 257 30.55 31.77 40.94
C GLY B 257 31.61 32.46 41.79
N LYS B 258 32.44 31.68 42.50
CA LYS B 258 33.53 32.18 43.36
C LYS B 258 34.70 32.67 42.51
N ASN B 259 35.09 31.88 41.49
CA ASN B 259 36.19 32.21 40.57
C ASN B 259 35.67 32.81 39.24
N ASP B 260 34.50 33.49 39.30
CA ASP B 260 33.81 34.16 38.18
C ASP B 260 33.54 33.23 36.98
N HIS B 261 33.13 31.98 37.28
CA HIS B 261 32.78 30.90 36.34
C HIS B 261 33.90 30.54 35.35
N ILE B 262 35.13 30.34 35.86
CA ILE B 262 36.28 29.93 35.05
C ILE B 262 36.44 28.41 35.16
N TRP B 263 36.14 27.69 34.07
CA TRP B 263 36.22 26.23 33.98
C TRP B 263 37.64 25.73 33.74
N ASN B 264 38.28 26.19 32.64
CA ASN B 264 39.64 25.80 32.20
C ASN B 264 39.80 24.27 32.11
N GLU B 265 38.80 23.62 31.47
CA GLU B 265 38.75 22.17 31.30
C GLU B 265 38.80 21.76 29.83
N GLN B 266 39.50 20.64 29.55
CA GLN B 266 39.65 20.08 28.21
C GLN B 266 38.54 19.03 28.00
N LEU B 267 37.56 19.35 27.14
CA LEU B 267 36.44 18.46 26.82
C LEU B 267 36.81 17.58 25.63
N GLU B 268 37.12 16.29 25.90
CA GLU B 268 37.51 15.32 24.88
C GLU B 268 36.32 14.50 24.39
N PHE B 269 36.14 14.43 23.06
CA PHE B 269 35.05 13.69 22.41
C PHE B 269 35.52 12.32 21.91
N ASP B 270 34.59 11.35 21.81
CA ASP B 270 34.87 10.00 21.35
C ASP B 270 34.85 9.91 19.80
N ILE B 271 35.63 10.80 19.14
CA ILE B 271 35.77 10.90 17.69
C ILE B 271 37.12 11.57 17.32
N ASN B 272 37.71 11.16 16.19
CA ASN B 272 38.96 11.71 15.68
C ASN B 272 38.66 12.80 14.64
N ILE B 273 39.66 13.68 14.37
CA ILE B 273 39.54 14.78 13.40
C ILE B 273 39.27 14.25 11.97
N CYS B 274 39.88 13.10 11.62
CA CYS B 274 39.72 12.42 10.33
C CYS B 274 38.29 11.94 10.07
N ASP B 275 37.62 11.45 11.14
CA ASP B 275 36.25 10.93 11.09
C ASP B 275 35.17 12.02 11.08
N LEU B 276 35.52 13.28 11.44
CA LEU B 276 34.60 14.40 11.50
C LEU B 276 34.06 14.83 10.12
N PRO B 277 32.72 14.96 9.96
CA PRO B 277 32.18 15.40 8.66
C PRO B 277 32.32 16.91 8.44
N ARG B 278 32.16 17.36 7.18
CA ARG B 278 32.28 18.77 6.77
C ARG B 278 31.30 19.70 7.48
N MET B 279 30.01 19.31 7.53
CA MET B 279 28.97 20.13 8.16
C MET B 279 28.62 19.64 9.58
N ALA B 280 29.66 19.37 10.38
CA ALA B 280 29.52 18.92 11.78
C ALA B 280 29.13 20.07 12.68
N ARG B 281 28.11 19.84 13.53
CA ARG B 281 27.57 20.81 14.48
C ARG B 281 28.07 20.55 15.90
N LEU B 282 28.55 21.61 16.56
CA LEU B 282 29.05 21.58 17.94
C LEU B 282 28.06 22.36 18.81
N CYS B 283 27.21 21.63 19.55
CA CYS B 283 26.16 22.20 20.38
C CYS B 283 26.53 22.31 21.86
N PHE B 284 26.11 23.42 22.50
CA PHE B 284 26.35 23.70 23.91
C PHE B 284 25.05 24.07 24.64
N ALA B 285 24.97 23.71 25.93
CA ALA B 285 23.81 23.99 26.81
C ALA B 285 24.28 24.18 28.26
N VAL B 286 23.87 25.31 28.87
CA VAL B 286 24.24 25.66 30.24
C VAL B 286 23.04 25.46 31.19
N TYR B 287 23.22 24.56 32.18
CA TYR B 287 22.19 24.22 33.17
C TYR B 287 22.59 24.60 34.61
N ALA B 288 21.59 24.63 35.52
CA ALA B 288 21.77 24.97 36.93
C ALA B 288 20.92 24.07 37.84
N VAL B 289 21.43 23.77 39.05
CA VAL B 289 20.75 22.94 40.06
C VAL B 289 20.86 23.54 41.46
N LEU B 290 19.81 23.36 42.29
CA LEU B 290 19.75 23.85 43.66
C LEU B 290 20.33 22.82 44.64
N LYS B 312 20.58 15.77 38.56
CA LYS B 312 19.71 15.63 39.73
C LYS B 312 18.22 15.56 39.32
N ALA B 313 17.70 14.39 38.89
CA ALA B 313 18.42 13.12 38.73
C ALA B 313 18.84 12.92 37.26
N GLY B 314 18.10 13.54 36.35
CA GLY B 314 18.34 13.50 34.92
C GLY B 314 17.63 14.63 34.20
N LYS B 315 16.33 14.47 33.95
CA LYS B 315 15.48 15.46 33.29
C LYS B 315 14.47 16.07 34.30
N VAL B 316 14.41 17.40 34.47
CA VAL B 316 15.22 18.42 33.78
C VAL B 316 15.81 19.44 34.78
N HIS B 317 17.05 19.92 34.50
CA HIS B 317 17.74 20.92 35.32
C HIS B 317 17.22 22.31 34.90
N TYR B 318 17.69 23.40 35.56
CA TYR B 318 17.25 24.76 35.25
C TYR B 318 18.00 25.30 34.01
N PRO B 319 17.35 25.41 32.83
CA PRO B 319 18.06 25.91 31.65
C PRO B 319 18.47 27.38 31.77
N VAL B 320 19.73 27.70 31.40
CA VAL B 320 20.27 29.06 31.48
C VAL B 320 20.47 29.65 30.08
N ALA B 321 21.39 29.06 29.28
CA ALA B 321 21.71 29.52 27.91
C ALA B 321 22.25 28.41 27.01
N TRP B 322 21.85 28.44 25.72
CA TRP B 322 22.27 27.48 24.70
C TRP B 322 22.93 28.19 23.52
N VAL B 323 23.93 27.53 22.88
CA VAL B 323 24.65 28.07 21.71
C VAL B 323 25.17 26.93 20.81
N ASN B 324 25.03 27.11 19.50
CA ASN B 324 25.49 26.15 18.48
C ASN B 324 26.56 26.79 17.61
N THR B 325 27.58 26.01 17.23
CA THR B 325 28.69 26.48 16.39
C THR B 325 29.14 25.40 15.40
N MET B 326 29.72 25.82 14.27
CA MET B 326 30.22 24.91 13.25
C MET B 326 31.69 24.56 13.50
N VAL B 327 32.06 23.29 13.29
CA VAL B 327 33.43 22.79 13.47
C VAL B 327 34.33 23.33 12.36
N PHE B 328 33.85 23.27 11.10
CA PHE B 328 34.54 23.77 9.92
C PHE B 328 33.88 25.07 9.45
N ASP B 329 34.69 26.07 9.05
CA ASP B 329 34.20 27.36 8.57
C ASP B 329 33.70 27.31 7.11
N PHE B 330 33.29 28.48 6.56
CA PHE B 330 32.77 28.62 5.19
C PHE B 330 33.75 28.15 4.10
N LYS B 331 35.07 28.34 4.34
CA LYS B 331 36.13 27.92 3.41
C LYS B 331 36.35 26.40 3.48
N GLY B 332 36.03 25.80 4.62
CA GLY B 332 36.17 24.37 4.86
C GLY B 332 37.33 24.01 5.78
N GLN B 333 37.94 25.03 6.40
CA GLN B 333 39.08 24.89 7.31
C GLN B 333 38.63 24.52 8.72
N LEU B 334 39.39 23.64 9.39
CA LEU B 334 39.15 23.23 10.78
C LEU B 334 39.55 24.41 11.67
N ARG B 335 38.58 24.96 12.42
CA ARG B 335 38.75 26.12 13.29
C ARG B 335 39.80 25.94 14.37
N SER B 336 40.64 26.97 14.57
CA SER B 336 41.73 27.00 15.55
C SER B 336 41.84 28.37 16.22
N GLY B 337 41.98 28.35 17.55
CA GLY B 337 42.10 29.56 18.36
C GLY B 337 40.92 29.82 19.27
N ASP B 338 40.93 31.00 19.93
CA ASP B 338 39.88 31.43 20.86
C ASP B 338 38.65 31.93 20.10
N VAL B 339 37.47 31.39 20.43
CA VAL B 339 36.18 31.73 19.82
C VAL B 339 35.16 32.10 20.90
N ILE B 340 34.58 33.30 20.79
CA ILE B 340 33.54 33.77 21.71
C ILE B 340 32.15 33.46 21.13
N LEU B 341 31.27 32.86 21.95
CA LEU B 341 29.93 32.47 21.49
C LEU B 341 28.81 33.12 22.28
N HIS B 342 28.04 34.00 21.63
CA HIS B 342 26.92 34.69 22.26
C HIS B 342 25.68 33.78 22.25
N SER B 343 25.34 33.24 23.43
CA SER B 343 24.24 32.30 23.64
C SER B 343 22.84 32.93 23.61
N TRP B 344 21.81 32.08 23.42
CA TRP B 344 20.39 32.46 23.36
C TRP B 344 19.66 32.18 24.68
N SER B 345 18.67 33.02 25.02
CA SER B 345 17.88 32.91 26.25
C SER B 345 16.67 32.00 26.16
N SER B 346 15.90 32.07 25.05
CA SER B 346 14.69 31.26 24.84
C SER B 346 15.03 29.81 24.49
N PHE B 347 14.41 28.85 25.20
CA PHE B 347 14.61 27.41 25.03
C PHE B 347 13.40 26.72 24.40
N PRO B 348 13.60 25.81 23.42
CA PRO B 348 12.44 25.10 22.84
C PRO B 348 11.94 23.97 23.75
N ASP B 349 10.68 23.54 23.56
CA ASP B 349 10.05 22.48 24.33
C ASP B 349 10.69 21.11 24.13
N GLU B 350 11.11 20.80 22.88
CA GLU B 350 11.75 19.54 22.52
C GLU B 350 13.27 19.71 22.41
N LEU B 351 14.02 18.84 23.12
CA LEU B 351 15.49 18.85 23.13
C LEU B 351 16.05 17.45 22.90
N GLU B 352 17.13 17.34 22.10
CA GLU B 352 17.80 16.08 21.80
C GLU B 352 19.06 15.95 22.66
N GLU B 353 19.06 14.96 23.59
CA GLU B 353 20.15 14.66 24.54
C GLU B 353 20.55 15.89 25.37
N MET B 354 19.53 16.61 25.91
CA MET B 354 19.63 17.85 26.71
C MET B 354 20.30 19.01 25.93
N LEU B 355 20.31 18.92 24.59
CA LEU B 355 20.90 19.90 23.68
C LEU B 355 19.90 20.27 22.58
N ASN B 356 20.15 21.38 21.86
CA ASN B 356 19.29 21.85 20.78
C ASN B 356 20.02 21.83 19.41
N PRO B 357 20.07 20.67 18.72
CA PRO B 357 20.74 20.63 17.41
C PRO B 357 19.92 21.27 16.28
N MET B 358 18.60 21.44 16.50
CA MET B 358 17.65 22.04 15.56
C MET B 358 17.86 23.55 15.43
N GLY B 359 18.38 24.18 16.49
CA GLY B 359 18.65 25.61 16.55
C GLY B 359 19.73 26.09 15.61
N THR B 360 19.73 27.41 15.33
CA THR B 360 20.69 28.07 14.44
C THR B 360 22.11 28.13 15.02
N VAL B 361 23.12 28.18 14.13
CA VAL B 361 24.54 28.25 14.50
C VAL B 361 25.00 29.72 14.66
N GLN B 362 24.11 30.67 14.32
CA GLN B 362 24.38 32.12 14.43
C GLN B 362 24.31 32.56 15.89
N THR B 363 25.30 33.36 16.32
CA THR B 363 25.38 33.88 17.69
C THR B 363 24.42 35.06 17.90
N ASN B 364 24.15 35.40 19.19
CA ASN B 364 23.26 36.50 19.57
C ASN B 364 23.86 37.86 19.14
N PRO B 365 23.13 38.66 18.32
CA PRO B 365 23.70 39.94 17.84
C PRO B 365 23.81 41.06 18.88
N TYR B 366 23.11 40.92 20.03
CA TYR B 366 23.14 41.92 21.10
C TYR B 366 23.23 41.25 22.47
N ALA B 370 22.87 39.37 27.84
CA ALA B 370 23.70 38.86 26.76
C ALA B 370 24.74 37.85 27.29
N THR B 371 24.34 36.57 27.40
CA THR B 371 25.20 35.50 27.91
C THR B 371 26.22 35.07 26.86
N ALA B 372 27.51 35.04 27.26
CA ALA B 372 28.63 34.65 26.39
C ALA B 372 29.35 33.41 26.90
N LEU B 373 29.84 32.57 25.98
CA LEU B 373 30.58 31.35 26.28
C LEU B 373 31.90 31.36 25.50
N HIS B 374 33.02 31.40 26.24
CA HIS B 374 34.37 31.44 25.67
C HIS B 374 34.98 30.04 25.56
N ILE B 375 35.20 29.57 24.32
CA ILE B 375 35.80 28.26 24.03
C ILE B 375 37.05 28.41 23.15
N THR B 376 38.07 27.57 23.42
CA THR B 376 39.34 27.58 22.69
C THR B 376 39.51 26.29 21.88
N PHE B 377 39.66 26.45 20.55
CA PHE B 377 39.88 25.36 19.59
C PHE B 377 41.38 25.03 19.54
N PRO B 378 41.80 23.76 19.22
CA PRO B 378 43.24 23.47 19.17
C PRO B 378 44.00 24.23 18.09
N GLU B 379 44.83 25.20 18.52
CA GLU B 379 45.65 26.07 17.66
C GLU B 379 47.14 25.68 17.64
N ASN B 380 47.49 24.53 18.26
CA ASN B 380 48.86 24.00 18.35
C ASN B 380 49.43 23.51 17.01
N LYS B 381 48.57 23.30 15.99
CA LYS B 381 48.94 22.83 14.65
C LYS B 381 49.81 23.84 13.90
N LYS B 382 50.80 23.32 13.14
CA LYS B 382 51.75 24.10 12.34
C LYS B 382 51.08 24.77 11.14
N GLN B 383 50.39 23.98 10.30
CA GLN B 383 49.68 24.46 9.11
C GLN B 383 48.16 24.24 9.27
N PRO B 384 47.32 25.26 8.97
CA PRO B 384 45.86 25.07 9.12
C PRO B 384 45.30 24.04 8.13
N CYS B 385 44.69 22.97 8.65
CA CYS B 385 44.14 21.87 7.86
C CYS B 385 42.68 22.12 7.43
N TYR B 386 42.44 21.94 6.13
CA TYR B 386 41.14 22.09 5.47
C TYR B 386 40.50 20.72 5.25
N TYR B 387 39.18 20.68 4.97
CA TYR B 387 38.44 19.45 4.68
C TYR B 387 38.86 18.95 3.28
N PRO B 388 39.04 17.62 3.05
CA PRO B 388 39.50 17.15 1.73
C PRO B 388 38.66 17.60 0.53
N PRO B 389 39.29 18.02 -0.60
CA PRO B 389 38.51 18.44 -1.77
C PRO B 389 37.77 17.29 -2.47
N PHE B 390 36.91 17.63 -3.45
CA PHE B 390 36.07 16.66 -4.18
C PHE B 390 36.84 15.52 -4.84
N ASP B 391 38.03 15.82 -5.44
CA ASP B 391 38.87 14.79 -6.08
C ASP B 391 39.41 13.80 -5.06
N LYS B 392 39.72 14.26 -3.83
CA LYS B 392 40.24 13.42 -2.75
C LYS B 392 39.20 12.48 -2.14
N ILE B 393 37.92 12.91 -2.12
CA ILE B 393 36.81 12.13 -1.57
C ILE B 393 36.54 10.88 -2.44
N ILE B 394 36.50 11.08 -3.78
CA ILE B 394 36.27 10.01 -4.77
C ILE B 394 37.47 9.05 -4.83
N GLU B 395 38.69 9.57 -4.60
CA GLU B 395 39.95 8.82 -4.58
C GLU B 395 39.94 7.76 -3.46
N LYS B 396 39.40 8.12 -2.28
CA LYS B 396 39.29 7.23 -1.11
C LYS B 396 38.19 6.18 -1.32
N ALA B 397 37.12 6.55 -2.05
CA ALA B 397 35.98 5.67 -2.36
C ALA B 397 36.38 4.54 -3.30
N ALA B 398 37.27 4.84 -4.28
CA ALA B 398 37.80 3.88 -5.25
C ALA B 398 38.77 2.90 -4.57
N GLU B 399 39.47 3.39 -3.52
CA GLU B 399 40.43 2.62 -2.72
C GLU B 399 39.72 1.57 -1.85
N LEU B 400 38.45 1.86 -1.45
CA LEU B 400 37.62 0.97 -0.63
C LEU B 400 36.95 -0.13 -1.46
N ALA B 401 36.43 0.23 -2.65
CA ALA B 401 35.76 -0.71 -3.56
C ALA B 401 36.77 -1.65 -4.26
N SER B 402 37.22 -2.67 -3.52
CA SER B 402 38.18 -3.68 -3.97
C SER B 402 37.51 -4.82 -4.71
N LYS B 414 21.61 -13.71 1.06
CA LYS B 414 20.20 -13.61 0.71
C LYS B 414 19.70 -12.17 0.90
N LYS B 415 19.13 -11.59 -0.17
CA LYS B 415 18.62 -10.21 -0.18
C LYS B 415 17.18 -10.12 0.30
N PHE B 416 16.89 -9.15 1.19
CA PHE B 416 15.55 -8.92 1.74
C PHE B 416 14.96 -7.64 1.13
N LEU B 417 14.33 -7.80 -0.06
CA LEU B 417 13.73 -6.71 -0.84
C LEU B 417 12.44 -6.16 -0.24
N ALA B 418 11.55 -7.03 0.27
CA ALA B 418 10.27 -6.66 0.86
C ALA B 418 10.40 -5.77 2.10
N VAL B 419 11.41 -6.05 2.96
CA VAL B 419 11.65 -5.28 4.18
C VAL B 419 12.32 -3.93 3.84
N LEU B 420 13.07 -3.85 2.72
CA LEU B 420 13.73 -2.64 2.24
C LEU B 420 12.69 -1.70 1.62
N LYS B 421 11.72 -2.28 0.87
CA LYS B 421 10.63 -1.57 0.19
C LYS B 421 9.73 -0.81 1.17
N GLU B 422 9.54 -1.35 2.39
CA GLU B 422 8.75 -0.73 3.47
C GLU B 422 9.46 0.52 3.98
N ILE B 423 10.76 0.40 4.35
CA ILE B 423 11.63 1.47 4.85
C ILE B 423 11.69 2.64 3.85
N LEU B 424 11.77 2.31 2.55
CA LEU B 424 11.82 3.24 1.42
C LEU B 424 10.52 4.03 1.26
N ASP B 425 9.37 3.41 1.59
CA ASP B 425 8.03 3.99 1.47
C ASP B 425 7.62 4.86 2.68
N ARG B 426 8.47 4.93 3.72
CA ARG B 426 8.23 5.70 4.95
C ARG B 426 8.27 7.22 4.73
N ASP B 427 7.51 7.96 5.57
CA ASP B 427 7.42 9.42 5.54
C ASP B 427 8.71 10.09 6.05
N PRO B 428 8.99 11.39 5.73
CA PRO B 428 10.25 12.02 6.18
C PRO B 428 10.45 12.15 7.70
N LEU B 429 9.36 12.18 8.49
CA LEU B 429 9.45 12.32 9.96
C LEU B 429 9.97 11.06 10.65
N SER B 430 9.79 9.88 10.03
CA SER B 430 10.20 8.58 10.58
C SER B 430 11.71 8.47 10.80
N GLN B 431 12.10 7.89 11.95
CA GLN B 431 13.49 7.68 12.34
C GLN B 431 13.94 6.25 12.02
N LEU B 432 15.24 6.05 11.75
CA LEU B 432 15.80 4.75 11.41
C LEU B 432 16.64 4.14 12.54
N CYS B 433 16.52 2.82 12.70
CA CYS B 433 17.25 2.04 13.71
C CYS B 433 18.60 1.60 13.14
N GLU B 434 19.56 1.21 14.03
CA GLU B 434 20.91 0.76 13.66
C GLU B 434 20.84 -0.44 12.69
N ASN B 435 19.96 -1.41 13.00
CA ASN B 435 19.72 -2.62 12.19
C ASN B 435 19.10 -2.29 10.83
N GLU B 436 18.21 -1.27 10.79
CA GLU B 436 17.53 -0.81 9.58
C GLU B 436 18.52 -0.07 8.67
N MET B 437 19.41 0.75 9.28
CA MET B 437 20.46 1.54 8.62
C MET B 437 21.47 0.65 7.92
N ASP B 438 21.86 -0.48 8.55
CA ASP B 438 22.81 -1.46 8.00
C ASP B 438 22.27 -2.17 6.75
N LEU B 439 20.93 -2.38 6.70
CA LEU B 439 20.23 -3.04 5.59
C LEU B 439 20.29 -2.18 4.31
N ILE B 440 19.99 -0.87 4.43
CA ILE B 440 20.01 0.09 3.31
C ILE B 440 21.44 0.24 2.78
N TRP B 441 22.43 0.29 3.70
CA TRP B 441 23.86 0.42 3.38
C TRP B 441 24.43 -0.81 2.66
N THR B 442 24.01 -2.02 3.06
CA THR B 442 24.45 -3.27 2.43
C THR B 442 23.80 -3.45 1.05
N LEU B 443 22.57 -2.93 0.89
CA LEU B 443 21.80 -2.99 -0.35
C LEU B 443 21.85 -1.67 -1.14
N ARG B 444 22.97 -0.91 -1.01
CA ARG B 444 23.18 0.38 -1.68
C ARG B 444 23.26 0.26 -3.20
N GLN B 445 23.79 -0.88 -3.71
CA GLN B 445 23.88 -1.16 -5.14
C GLN B 445 22.51 -1.53 -5.70
N ASP B 446 21.70 -2.24 -4.89
CA ASP B 446 20.33 -2.65 -5.22
C ASP B 446 19.41 -1.44 -5.22
N CYS B 447 19.70 -0.44 -4.37
CA CYS B 447 18.96 0.81 -4.24
C CYS B 447 19.18 1.68 -5.49
N ARG B 448 20.46 1.92 -5.84
CA ARG B 448 20.90 2.72 -6.98
C ARG B 448 20.39 2.20 -8.33
N GLU B 449 20.45 0.87 -8.54
CA GLU B 449 20.05 0.21 -9.79
C GLU B 449 18.54 0.00 -9.97
N ASN B 450 17.77 -0.16 -8.87
CA ASN B 450 16.33 -0.45 -8.97
C ASN B 450 15.39 0.65 -8.45
N PHE B 451 15.74 1.34 -7.35
CA PHE B 451 14.86 2.35 -6.75
C PHE B 451 15.53 3.74 -6.61
N PRO B 452 15.31 4.69 -7.55
CA PRO B 452 15.94 6.02 -7.42
C PRO B 452 15.38 6.87 -6.26
N GLN B 453 14.18 6.53 -5.76
CA GLN B 453 13.48 7.21 -4.67
C GLN B 453 14.06 6.85 -3.27
N SER B 454 15.05 5.94 -3.22
CA SER B 454 15.69 5.46 -1.99
C SER B 454 16.71 6.41 -1.37
N LEU B 455 17.27 7.34 -2.18
CA LEU B 455 18.31 8.30 -1.79
C LEU B 455 18.04 9.03 -0.44
N PRO B 456 16.84 9.62 -0.14
CA PRO B 456 16.66 10.26 1.19
C PRO B 456 16.92 9.33 2.37
N LYS B 457 16.51 8.04 2.25
CA LYS B 457 16.72 7.01 3.28
C LYS B 457 18.16 6.48 3.25
N LEU B 458 18.79 6.45 2.05
CA LEU B 458 20.16 5.99 1.84
C LEU B 458 21.19 6.95 2.47
N LEU B 459 20.90 8.27 2.44
CA LEU B 459 21.78 9.30 3.01
C LEU B 459 21.77 9.28 4.54
N LEU B 460 20.70 8.70 5.14
CA LEU B 460 20.54 8.56 6.59
C LEU B 460 20.90 7.15 7.09
N SER B 461 21.38 6.27 6.18
CA SER B 461 21.79 4.90 6.50
C SER B 461 23.15 4.83 7.23
N ILE B 462 23.88 5.95 7.24
CA ILE B 462 25.18 6.08 7.91
C ILE B 462 25.14 7.15 9.01
N LYS B 463 25.94 6.97 10.07
CA LYS B 463 26.01 7.90 11.20
C LYS B 463 26.88 9.13 10.91
N TRP B 464 27.63 9.12 9.78
CA TRP B 464 28.56 10.16 9.32
C TRP B 464 29.76 10.37 10.27
N ASN B 465 30.00 9.39 11.17
CA ASN B 465 31.08 9.39 12.16
C ASN B 465 32.30 8.58 11.69
N LYS B 466 32.36 8.27 10.39
CA LYS B 466 33.44 7.49 9.76
C LYS B 466 33.67 8.01 8.34
N LEU B 467 34.94 8.35 8.02
CA LEU B 467 35.33 8.89 6.70
C LEU B 467 35.12 7.90 5.54
N GLU B 468 35.21 6.59 5.83
CA GLU B 468 35.03 5.50 4.86
C GLU B 468 33.59 5.42 4.37
N ASP B 469 32.62 5.59 5.30
CA ASP B 469 31.18 5.55 5.02
C ASP B 469 30.72 6.80 4.24
N VAL B 470 31.30 7.97 4.56
CA VAL B 470 30.98 9.25 3.91
C VAL B 470 31.45 9.26 2.44
N ALA B 471 32.74 8.93 2.20
CA ALA B 471 33.37 8.88 0.88
C ALA B 471 32.65 7.96 -0.12
N GLN B 472 32.20 6.77 0.35
CA GLN B 472 31.46 5.80 -0.46
C GLN B 472 30.07 6.30 -0.83
N LEU B 473 29.42 7.03 0.09
CA LEU B 473 28.09 7.61 -0.09
C LEU B 473 28.13 8.80 -1.07
N GLN B 474 29.21 9.61 -1.00
CA GLN B 474 29.41 10.78 -1.88
C GLN B 474 29.67 10.37 -3.32
N ALA B 475 30.33 9.20 -3.52
CA ALA B 475 30.65 8.61 -4.82
C ALA B 475 29.38 8.13 -5.53
N LEU B 476 28.40 7.64 -4.75
CA LEU B 476 27.11 7.14 -5.23
C LEU B 476 26.16 8.29 -5.56
N LEU B 477 26.44 9.51 -5.02
CA LEU B 477 25.60 10.71 -5.18
C LEU B 477 25.65 11.33 -6.58
N GLN B 478 26.83 11.39 -7.24
CA GLN B 478 26.94 12.00 -8.58
C GLN B 478 26.37 11.10 -9.67
N ILE B 479 26.59 9.78 -9.54
CA ILE B 479 26.12 8.77 -10.49
C ILE B 479 24.61 8.51 -10.33
N TRP B 480 24.00 9.05 -9.24
CA TRP B 480 22.58 8.93 -8.93
C TRP B 480 21.74 9.82 -9.86
N PRO B 481 20.64 9.31 -10.45
CA PRO B 481 19.82 10.18 -11.33
C PRO B 481 19.05 11.24 -10.55
N LYS B 482 18.72 12.37 -11.21
CA LYS B 482 18.00 13.49 -10.61
C LYS B 482 16.58 13.12 -10.16
N LEU B 483 16.29 13.34 -8.87
CA LEU B 483 14.99 13.08 -8.26
C LEU B 483 13.97 14.16 -8.66
N PRO B 484 12.64 13.88 -8.68
CA PRO B 484 11.68 14.93 -9.05
C PRO B 484 11.69 16.12 -8.07
N PRO B 485 11.40 17.36 -8.52
CA PRO B 485 11.45 18.53 -7.60
C PRO B 485 10.67 18.41 -6.29
N ARG B 486 9.53 17.70 -6.30
CA ARG B 486 8.68 17.47 -5.13
C ARG B 486 9.38 16.61 -4.08
N GLU B 487 10.12 15.58 -4.52
CA GLU B 487 10.88 14.67 -3.65
C GLU B 487 12.23 15.29 -3.26
N ALA B 488 12.74 16.22 -4.09
CA ALA B 488 14.00 16.93 -3.91
C ALA B 488 13.97 17.89 -2.71
N LEU B 489 12.77 18.45 -2.41
CA LEU B 489 12.55 19.40 -1.31
C LEU B 489 12.86 18.81 0.07
N GLU B 490 12.77 17.47 0.20
CA GLU B 490 13.05 16.71 1.42
C GLU B 490 14.54 16.79 1.79
N LEU B 491 15.42 16.85 0.77
CA LEU B 491 16.87 16.89 0.95
C LEU B 491 17.41 18.28 1.40
N LEU B 492 16.49 19.22 1.69
CA LEU B 492 16.83 20.57 2.14
C LEU B 492 16.47 20.85 3.62
N ASP B 493 15.88 19.85 4.32
CA ASP B 493 15.51 20.02 5.72
C ASP B 493 16.68 19.76 6.68
N PHE B 494 16.40 19.83 8.00
CA PHE B 494 17.32 19.64 9.13
C PHE B 494 18.12 18.32 9.08
N ASN B 495 17.52 17.25 8.52
CA ASN B 495 18.13 15.92 8.41
C ASN B 495 19.33 15.83 7.48
N TYR B 496 19.43 16.74 6.49
CA TYR B 496 20.51 16.74 5.49
C TYR B 496 21.35 18.03 5.51
N PRO B 497 22.39 18.11 6.38
CA PRO B 497 23.19 19.34 6.44
C PRO B 497 24.33 19.45 5.44
N ASP B 498 24.82 18.30 4.90
CA ASP B 498 25.94 18.21 3.95
C ASP B 498 25.78 19.08 2.70
N GLN B 499 26.88 19.76 2.30
CA GLN B 499 26.95 20.66 1.15
C GLN B 499 26.67 19.97 -0.19
N TYR B 500 27.34 18.84 -0.46
CA TYR B 500 27.21 18.06 -1.70
C TYR B 500 25.80 17.48 -1.88
N VAL B 501 25.13 17.12 -0.76
CA VAL B 501 23.76 16.59 -0.73
C VAL B 501 22.81 17.74 -1.10
N ARG B 502 23.02 18.94 -0.50
CA ARG B 502 22.22 20.14 -0.74
C ARG B 502 22.43 20.71 -2.14
N GLU B 503 23.66 20.56 -2.70
CA GLU B 503 24.01 20.98 -4.06
C GLU B 503 23.28 20.13 -5.10
N TYR B 504 23.04 18.84 -4.77
CA TYR B 504 22.32 17.89 -5.61
C TYR B 504 20.83 18.24 -5.61
N ALA B 505 20.26 18.52 -4.41
CA ALA B 505 18.85 18.87 -4.19
C ALA B 505 18.41 20.08 -5.01
N VAL B 506 19.19 21.18 -4.96
CA VAL B 506 18.94 22.42 -5.71
C VAL B 506 19.01 22.18 -7.22
N GLY B 507 19.93 21.28 -7.63
CA GLY B 507 20.13 20.88 -9.03
C GLY B 507 18.91 20.20 -9.59
N CYS B 508 18.20 19.42 -8.75
CA CYS B 508 16.95 18.74 -9.08
C CYS B 508 15.81 19.74 -9.18
N LEU B 509 15.89 20.84 -8.38
CA LEU B 509 14.90 21.92 -8.36
C LEU B 509 15.06 22.87 -9.56
N ARG B 510 16.19 22.77 -10.29
CA ARG B 510 16.46 23.58 -11.48
C ARG B 510 15.62 23.09 -12.67
N GLN B 511 15.13 21.83 -12.60
CA GLN B 511 14.30 21.17 -13.61
C GLN B 511 12.91 21.81 -13.71
N MET B 512 12.34 22.25 -12.57
CA MET B 512 11.02 22.86 -12.51
C MET B 512 10.98 24.28 -13.10
N SER B 513 9.78 24.72 -13.52
CA SER B 513 9.54 26.06 -14.08
C SER B 513 9.37 27.09 -12.97
N ASP B 514 9.30 28.39 -13.35
CA ASP B 514 9.10 29.51 -12.42
C ASP B 514 7.73 29.43 -11.74
N GLU B 515 6.72 28.96 -12.50
CA GLU B 515 5.32 28.76 -12.08
C GLU B 515 5.26 27.74 -10.93
N GLU B 516 6.06 26.66 -11.04
CA GLU B 516 6.17 25.59 -10.05
C GLU B 516 6.97 26.05 -8.83
N LEU B 517 8.03 26.86 -9.06
CA LEU B 517 8.92 27.41 -8.03
C LEU B 517 8.21 28.37 -7.08
N SER B 518 7.29 29.21 -7.60
CA SER B 518 6.52 30.19 -6.83
C SER B 518 5.63 29.54 -5.76
N GLN B 519 5.19 28.28 -5.99
CA GLN B 519 4.36 27.49 -5.09
C GLN B 519 5.12 27.09 -3.82
N TYR B 520 6.41 26.72 -3.95
CA TYR B 520 7.28 26.29 -2.85
C TYR B 520 8.29 27.37 -2.44
N LEU B 521 8.14 28.61 -2.97
CA LEU B 521 9.01 29.75 -2.70
C LEU B 521 9.03 30.17 -1.22
N LEU B 522 7.87 30.06 -0.53
CA LEU B 522 7.73 30.40 0.89
C LEU B 522 8.61 29.52 1.78
N GLN B 523 8.68 28.20 1.45
CA GLN B 523 9.48 27.21 2.17
C GLN B 523 10.98 27.42 1.96
N LEU B 524 11.40 27.67 0.69
CA LEU B 524 12.80 27.89 0.29
C LEU B 524 13.48 29.09 0.96
N VAL B 525 12.70 30.16 1.25
CA VAL B 525 13.17 31.37 1.91
C VAL B 525 13.51 31.05 3.39
N GLN B 526 12.70 30.18 4.02
CA GLN B 526 12.89 29.78 5.41
C GLN B 526 14.06 28.79 5.59
N VAL B 527 14.50 28.12 4.49
CA VAL B 527 15.62 27.18 4.49
C VAL B 527 16.93 27.99 4.65
N LEU B 528 16.96 29.23 4.12
CA LEU B 528 18.10 30.16 4.21
C LEU B 528 18.44 30.50 5.67
N LYS B 529 17.43 30.48 6.57
CA LYS B 529 17.58 30.72 8.00
C LYS B 529 18.37 29.57 8.64
N TYR B 530 18.12 28.32 8.19
CA TYR B 530 18.82 27.12 8.66
C TYR B 530 20.25 27.07 8.11
N GLU B 531 20.46 27.58 6.87
CA GLU B 531 21.75 27.61 6.18
C GLU B 531 22.86 28.22 7.04
N PRO B 532 23.94 27.44 7.33
CA PRO B 532 25.02 27.96 8.18
C PRO B 532 25.89 29.03 7.54
N PHE B 533 26.18 28.88 6.24
CA PHE B 533 27.02 29.82 5.50
C PHE B 533 26.23 30.59 4.44
N LEU B 534 26.62 31.86 4.20
CA LEU B 534 25.99 32.77 3.25
C LEU B 534 26.06 32.25 1.81
N ASP B 535 27.28 31.90 1.34
CA ASP B 535 27.50 31.38 -0.01
C ASP B 535 27.14 29.90 -0.10
N CYS B 536 25.89 29.63 -0.50
CA CYS B 536 25.37 28.28 -0.68
C CYS B 536 24.66 28.16 -2.04
N ALA B 537 24.43 26.92 -2.50
CA ALA B 537 23.77 26.64 -3.78
C ALA B 537 22.30 27.10 -3.83
N LEU B 538 21.63 27.15 -2.66
CA LEU B 538 20.24 27.59 -2.54
C LEU B 538 20.09 29.10 -2.76
N SER B 539 20.94 29.92 -2.11
CA SER B 539 20.94 31.38 -2.23
C SER B 539 21.28 31.85 -3.64
N ARG B 540 22.21 31.14 -4.31
CA ARG B 540 22.65 31.41 -5.69
C ARG B 540 21.52 31.13 -6.69
N PHE B 541 20.81 30.01 -6.52
CA PHE B 541 19.69 29.59 -7.37
C PHE B 541 18.46 30.49 -7.21
N LEU B 542 18.14 30.88 -5.96
CA LEU B 542 17.01 31.76 -5.66
C LEU B 542 17.20 33.15 -6.28
N LEU B 543 18.45 33.66 -6.28
CA LEU B 543 18.80 34.95 -6.88
C LEU B 543 18.76 34.88 -8.41
N GLU B 544 19.28 33.78 -9.00
CA GLU B 544 19.33 33.53 -10.45
C GLU B 544 17.94 33.53 -11.08
N ARG B 545 16.93 32.95 -10.38
CA ARG B 545 15.55 32.89 -10.84
C ARG B 545 14.79 34.19 -10.60
N ALA B 546 15.11 34.91 -9.49
CA ALA B 546 14.49 36.19 -9.12
C ALA B 546 14.88 37.32 -10.07
N LEU B 547 16.10 37.28 -10.61
CA LEU B 547 16.61 38.29 -11.53
C LEU B 547 16.02 38.12 -12.94
N ASP B 548 15.79 36.87 -13.38
CA ASP B 548 15.22 36.53 -14.69
C ASP B 548 13.68 36.51 -14.72
N ASN B 549 13.04 36.60 -13.55
CA ASN B 549 11.57 36.60 -13.42
C ASN B 549 11.16 37.59 -12.32
N ARG B 550 10.48 38.68 -12.72
CA ARG B 550 10.04 39.73 -11.80
C ARG B 550 8.97 39.29 -10.80
N ARG B 551 8.15 38.27 -11.14
CA ARG B 551 7.13 37.75 -10.22
C ARG B 551 7.80 37.02 -9.05
N ILE B 552 8.88 36.27 -9.36
CA ILE B 552 9.72 35.54 -8.39
C ILE B 552 10.52 36.59 -7.60
N GLY B 553 11.00 37.62 -8.31
CA GLY B 553 11.80 38.70 -7.77
C GLY B 553 11.08 39.57 -6.74
N GLN B 554 9.84 39.99 -7.06
CA GLN B 554 9.03 40.83 -6.18
C GLN B 554 8.59 40.05 -4.93
N PHE B 555 8.29 38.74 -5.08
CA PHE B 555 7.89 37.88 -3.98
C PHE B 555 9.05 37.61 -3.02
N LEU B 556 10.25 37.30 -3.57
CA LEU B 556 11.47 37.04 -2.80
C LEU B 556 11.88 38.30 -2.02
N PHE B 557 11.72 39.49 -2.63
CA PHE B 557 12.01 40.80 -2.04
C PHE B 557 11.27 41.00 -0.72
N TRP B 558 9.94 40.80 -0.73
CA TRP B 558 9.09 40.97 0.44
C TRP B 558 9.22 39.87 1.48
N HIS B 559 9.58 38.63 1.07
CA HIS B 559 9.79 37.52 2.00
C HIS B 559 11.04 37.79 2.85
N LEU B 560 12.08 38.40 2.24
CA LEU B 560 13.33 38.76 2.90
C LEU B 560 13.22 40.08 3.68
N ARG B 561 12.46 41.06 3.16
CA ARG B 561 12.27 42.38 3.79
C ARG B 561 11.40 42.32 5.05
N SER B 562 10.51 41.31 5.15
CA SER B 562 9.62 41.12 6.30
C SER B 562 10.41 40.68 7.54
N GLU B 563 11.56 40.01 7.34
CA GLU B 563 12.42 39.51 8.42
C GLU B 563 13.82 40.17 8.42
N VAL B 564 14.00 41.27 7.66
CA VAL B 564 15.28 41.99 7.57
C VAL B 564 15.57 42.77 8.88
N HIS B 565 14.51 43.16 9.61
CA HIS B 565 14.64 43.88 10.89
C HIS B 565 14.90 42.94 12.06
N THR B 566 14.68 41.62 11.87
CA THR B 566 14.94 40.58 12.87
C THR B 566 16.47 40.42 12.98
N PRO B 567 17.07 40.68 14.18
CA PRO B 567 18.55 40.62 14.30
C PRO B 567 19.19 39.27 13.97
N ALA B 568 18.48 38.16 14.21
CA ALA B 568 18.95 36.79 13.97
C ALA B 568 19.25 36.49 12.49
N VAL B 569 18.53 37.16 11.55
CA VAL B 569 18.71 36.96 10.11
C VAL B 569 18.93 38.29 9.33
N SER B 570 19.18 39.41 10.04
CA SER B 570 19.41 40.74 9.46
C SER B 570 20.59 40.78 8.48
N VAL B 571 21.69 40.07 8.81
CA VAL B 571 22.90 40.00 7.99
C VAL B 571 22.67 39.13 6.74
N GLN B 572 22.12 37.91 6.93
CA GLN B 572 21.85 36.95 5.86
C GLN B 572 20.80 37.42 4.86
N PHE B 573 19.66 37.94 5.35
CA PHE B 573 18.57 38.43 4.49
C PHE B 573 18.90 39.75 3.78
N GLY B 574 19.80 40.54 4.38
CA GLY B 574 20.25 41.82 3.85
C GLY B 574 21.13 41.73 2.63
N VAL B 575 22.12 40.81 2.65
CA VAL B 575 23.08 40.61 1.54
C VAL B 575 22.39 40.02 0.29
N ILE B 576 21.36 39.19 0.47
CA ILE B 576 20.60 38.59 -0.65
C ILE B 576 19.73 39.68 -1.29
N LEU B 577 19.13 40.57 -0.45
CA LEU B 577 18.31 41.71 -0.88
C LEU B 577 19.14 42.72 -1.66
N GLU B 578 20.40 42.95 -1.23
CA GLU B 578 21.36 43.86 -1.87
C GLU B 578 21.73 43.33 -3.25
N ALA B 579 22.04 42.03 -3.35
CA ALA B 579 22.43 41.32 -4.58
C ALA B 579 21.35 41.40 -5.66
N TYR B 580 20.06 41.35 -5.25
CA TYR B 580 18.91 41.43 -6.16
C TYR B 580 18.77 42.84 -6.73
N CYS B 581 18.88 43.87 -5.86
CA CYS B 581 18.75 45.28 -6.24
C CYS B 581 19.85 45.76 -7.18
N ARG B 582 21.08 45.23 -7.03
CA ARG B 582 22.23 45.58 -7.88
C ARG B 582 22.05 45.00 -9.29
N GLY B 583 21.42 43.83 -9.37
CA GLY B 583 21.15 43.14 -10.62
C GLY B 583 19.84 43.52 -11.27
N SER B 584 18.98 44.25 -10.54
CA SER B 584 17.67 44.71 -11.02
C SER B 584 17.42 46.18 -10.64
N VAL B 585 18.18 47.09 -11.29
CA VAL B 585 18.11 48.54 -11.09
C VAL B 585 16.79 49.09 -11.65
N GLY B 586 16.32 48.50 -12.75
CA GLY B 586 15.07 48.88 -13.41
C GLY B 586 13.83 48.58 -12.60
N HIS B 587 13.87 47.48 -11.82
CA HIS B 587 12.76 47.05 -10.95
C HIS B 587 12.71 47.80 -9.62
N MET B 588 13.81 48.50 -9.26
CA MET B 588 13.93 49.30 -8.03
C MET B 588 12.88 50.41 -7.92
N LYS B 589 12.52 51.04 -9.06
CA LYS B 589 11.50 52.09 -9.14
C LYS B 589 10.10 51.54 -8.80
N VAL B 590 9.81 50.30 -9.22
CA VAL B 590 8.55 49.58 -8.98
C VAL B 590 8.47 49.23 -7.48
N LEU B 591 9.58 48.74 -6.90
CA LEU B 591 9.68 48.35 -5.49
C LEU B 591 9.64 49.56 -4.55
N SER B 592 10.23 50.70 -4.98
CA SER B 592 10.26 51.95 -4.21
C SER B 592 8.86 52.52 -3.97
N LYS B 593 7.98 52.43 -5.00
CA LYS B 593 6.59 52.88 -4.94
C LYS B 593 5.78 52.04 -3.95
N GLN B 594 6.11 50.73 -3.83
CA GLN B 594 5.48 49.79 -2.91
C GLN B 594 5.85 50.10 -1.46
N VAL B 595 7.15 50.34 -1.18
CA VAL B 595 7.70 50.68 0.15
C VAL B 595 7.07 52.01 0.63
N GLU B 596 6.97 53.00 -0.28
CA GLU B 596 6.39 54.32 -0.02
C GLU B 596 4.88 54.23 0.26
N ALA B 597 4.16 53.36 -0.48
CA ALA B 597 2.71 53.15 -0.31
C ALA B 597 2.39 52.50 1.04
N LEU B 598 3.18 51.48 1.44
CA LEU B 598 3.01 50.77 2.71
C LEU B 598 3.35 51.63 3.92
N ASN B 599 4.28 52.59 3.76
CA ASN B 599 4.69 53.54 4.82
C ASN B 599 3.54 54.50 5.13
N LYS B 600 2.78 54.92 4.09
CA LYS B 600 1.61 55.80 4.22
C LYS B 600 0.47 55.01 4.89
N LEU B 601 0.35 53.71 4.57
CA LEU B 601 -0.63 52.79 5.14
C LEU B 601 -0.36 52.58 6.63
N LYS B 602 0.94 52.47 7.01
CA LYS B 602 1.41 52.31 8.38
C LYS B 602 1.11 53.57 9.19
N THR B 603 1.23 54.76 8.55
CA THR B 603 0.95 56.07 9.14
C THR B 603 -0.56 56.24 9.36
N LEU B 604 -1.36 55.90 8.33
CA LEU B 604 -2.83 55.98 8.36
C LEU B 604 -3.41 55.05 9.43
N ASN B 605 -2.83 53.85 9.60
CA ASN B 605 -3.23 52.85 10.60
C ASN B 605 -2.94 53.39 12.01
N SER B 606 -1.80 54.09 12.18
CA SER B 606 -1.37 54.69 13.44
C SER B 606 -2.23 55.89 13.83
N LEU B 607 -2.65 56.71 12.84
CA LEU B 607 -3.49 57.90 13.04
C LEU B 607 -4.87 57.55 13.59
N ILE B 608 -5.45 56.42 13.12
CA ILE B 608 -6.76 55.93 13.57
C ILE B 608 -6.63 55.32 14.97
N LYS B 609 -5.59 54.48 15.18
CA LYS B 609 -5.27 53.82 16.46
C LYS B 609 -5.16 54.78 17.66
N LEU B 610 -4.70 56.02 17.41
CA LEU B 610 -4.49 57.04 18.44
C LEU B 610 -5.58 58.13 18.53
N ASN B 611 -6.42 58.29 17.49
CA ASN B 611 -7.43 59.36 17.47
C ASN B 611 -8.88 58.92 17.18
N ALA B 612 -9.16 57.60 17.10
CA ALA B 612 -10.53 57.11 16.85
C ALA B 612 -11.42 57.17 18.10
N VAL B 613 -10.79 57.26 19.30
CA VAL B 613 -11.47 57.32 20.60
C VAL B 613 -12.25 58.64 20.76
N LYS B 614 -11.61 59.79 20.43
CA LYS B 614 -12.19 61.12 20.52
C LYS B 614 -13.35 61.36 19.54
N LEU B 615 -13.33 60.65 18.39
CA LEU B 615 -14.36 60.75 17.34
C LEU B 615 -15.35 59.56 17.39
N SER B 616 -16.39 59.61 16.55
CA SER B 616 -17.40 58.56 16.44
C SER B 616 -17.08 57.67 15.21
N ARG B 617 -17.81 56.54 15.06
CA ARG B 617 -17.63 55.62 13.93
C ARG B 617 -18.02 56.27 12.58
N ALA B 618 -19.17 56.99 12.56
CA ALA B 618 -19.66 57.69 11.36
C ALA B 618 -18.75 58.85 10.96
N LYS B 619 -18.20 59.58 11.96
CA LYS B 619 -17.29 60.70 11.76
C LYS B 619 -15.89 60.21 11.37
N GLY B 620 -15.51 59.05 11.92
CA GLY B 620 -14.22 58.40 11.68
C GLY B 620 -14.08 57.88 10.26
N LYS B 621 -15.20 57.49 9.63
CA LYS B 621 -15.25 57.02 8.25
C LYS B 621 -14.93 58.19 7.32
N GLU B 622 -15.61 59.34 7.52
CA GLU B 622 -15.41 60.59 6.76
C GLU B 622 -14.00 61.16 7.01
N ALA B 623 -13.44 60.90 8.21
CA ALA B 623 -12.11 61.34 8.62
C ALA B 623 -11.00 60.62 7.83
N MET B 624 -11.20 59.31 7.55
CA MET B 624 -10.29 58.46 6.77
C MET B 624 -10.29 58.93 5.30
N HIS B 625 -11.48 59.34 4.81
CA HIS B 625 -11.73 59.84 3.45
C HIS B 625 -10.97 61.13 3.15
N THR B 626 -10.94 62.06 4.13
CA THR B 626 -10.24 63.35 4.02
C THR B 626 -8.73 63.15 3.95
N CYS B 627 -8.19 62.17 4.71
CA CYS B 627 -6.77 61.83 4.74
C CYS B 627 -6.28 61.21 3.44
N LEU B 628 -7.11 60.34 2.81
CA LEU B 628 -6.80 59.68 1.54
C LEU B 628 -6.87 60.64 0.36
N LYS B 629 -7.76 61.67 0.44
CA LYS B 629 -7.95 62.68 -0.60
C LYS B 629 -6.77 63.65 -0.71
N GLN B 630 -5.91 63.72 0.32
CA GLN B 630 -4.71 64.55 0.39
C GLN B 630 -3.72 64.15 -0.71
N SER B 631 -3.07 65.14 -1.35
CA SER B 631 -2.10 64.97 -2.45
C SER B 631 -0.93 64.04 -2.10
N ALA B 632 -0.45 64.08 -0.85
CA ALA B 632 0.65 63.25 -0.35
C ALA B 632 0.27 61.76 -0.30
N TYR B 633 -0.98 61.46 0.10
CA TYR B 633 -1.53 60.10 0.21
C TYR B 633 -2.01 59.56 -1.13
N ARG B 634 -2.62 60.42 -1.98
CA ARG B 634 -3.15 60.05 -3.29
C ARG B 634 -2.04 59.63 -4.27
N GLU B 635 -0.98 60.44 -4.39
CA GLU B 635 0.15 60.19 -5.30
C GLU B 635 0.96 58.95 -4.92
N ALA B 636 1.08 58.66 -3.61
CA ALA B 636 1.84 57.53 -3.07
C ALA B 636 1.11 56.18 -3.19
N LEU B 637 -0.24 56.19 -3.13
CA LEU B 637 -1.05 54.98 -3.19
C LEU B 637 -1.65 54.67 -4.58
N SER B 638 -1.53 55.60 -5.54
CA SER B 638 -2.06 55.42 -6.90
C SER B 638 -0.96 55.19 -7.95
N ASP B 639 -1.36 54.54 -9.07
CA ASP B 639 -0.55 54.21 -10.25
C ASP B 639 0.76 53.47 -9.89
N LEU B 640 0.63 52.20 -9.40
CA LEU B 640 1.74 51.32 -9.03
C LEU B 640 1.33 49.83 -9.01
N GLN B 641 2.30 48.93 -9.21
CA GLN B 641 2.08 47.47 -9.21
C GLN B 641 1.86 46.95 -7.77
N SER B 642 0.81 46.12 -7.60
CA SER B 642 0.43 45.53 -6.31
C SER B 642 1.50 44.58 -5.74
N PRO B 643 1.83 44.66 -4.42
CA PRO B 643 2.85 43.75 -3.87
C PRO B 643 2.39 42.30 -3.79
N LEU B 644 1.06 42.07 -3.73
CA LEU B 644 0.46 40.73 -3.70
C LEU B 644 0.55 40.06 -5.07
N ASN B 645 0.12 40.78 -6.12
CA ASN B 645 0.15 40.31 -7.50
C ASN B 645 1.00 41.29 -8.33
N PRO B 646 2.23 40.88 -8.78
CA PRO B 646 3.07 41.80 -9.55
C PRO B 646 2.49 42.31 -10.87
N CYS B 647 1.55 41.54 -11.45
CA CYS B 647 0.89 41.88 -12.70
C CYS B 647 -0.09 43.05 -12.51
N VAL B 648 -1.09 42.88 -11.62
CA VAL B 648 -2.16 43.82 -11.31
C VAL B 648 -1.65 45.23 -11.01
N ILE B 649 -2.16 46.24 -11.75
CA ILE B 649 -1.82 47.65 -11.61
C ILE B 649 -2.91 48.35 -10.80
N LEU B 650 -2.53 49.04 -9.70
CA LEU B 650 -3.46 49.78 -8.85
C LEU B 650 -3.53 51.22 -9.39
N SER B 651 -4.42 51.45 -10.38
CA SER B 651 -4.58 52.73 -11.07
C SER B 651 -5.13 53.86 -10.17
N GLU B 652 -6.45 53.93 -9.97
CA GLU B 652 -7.09 54.99 -9.17
C GLU B 652 -7.79 54.43 -7.93
N LEU B 653 -7.64 55.13 -6.80
CA LEU B 653 -8.26 54.73 -5.53
C LEU B 653 -9.68 55.29 -5.42
N TYR B 654 -10.63 54.43 -5.02
CA TYR B 654 -12.03 54.78 -4.84
C TYR B 654 -12.27 55.08 -3.36
N VAL B 655 -12.01 56.34 -2.98
CA VAL B 655 -12.10 56.90 -1.62
C VAL B 655 -13.44 56.59 -0.93
N GLU B 656 -14.57 56.73 -1.66
CA GLU B 656 -15.94 56.49 -1.17
C GLU B 656 -16.16 55.06 -0.62
N LYS B 657 -15.55 54.05 -1.27
CA LYS B 657 -15.67 52.64 -0.88
C LYS B 657 -14.62 52.19 0.15
N CYS B 658 -13.59 53.02 0.43
CA CYS B 658 -12.55 52.72 1.41
C CYS B 658 -13.09 52.80 2.84
N LYS B 659 -12.74 51.81 3.68
CA LYS B 659 -13.20 51.70 5.07
C LYS B 659 -12.14 51.08 6.01
N TYR B 660 -12.46 50.99 7.32
CA TYR B 660 -11.62 50.39 8.36
C TYR B 660 -12.46 49.64 9.40
N MET B 661 -11.89 48.60 10.02
CA MET B 661 -12.56 47.83 11.05
C MET B 661 -12.33 48.52 12.40
N ASP B 662 -13.37 48.60 13.24
CA ASP B 662 -13.33 49.26 14.55
C ASP B 662 -12.68 48.41 15.67
N SER B 663 -11.86 47.40 15.28
CA SER B 663 -11.15 46.53 16.22
C SER B 663 -9.89 47.23 16.78
N LYS B 664 -9.22 46.59 17.77
CA LYS B 664 -8.02 47.10 18.46
C LYS B 664 -6.87 47.49 17.51
N MET B 665 -6.61 46.68 16.47
CA MET B 665 -5.51 46.90 15.52
C MET B 665 -5.89 47.81 14.33
N LYS B 666 -7.19 48.10 14.16
CA LYS B 666 -7.78 48.96 13.12
C LYS B 666 -7.29 48.62 11.67
N PRO B 667 -7.59 47.43 11.10
CA PRO B 667 -7.11 47.13 9.74
C PRO B 667 -7.81 47.96 8.66
N LEU B 668 -7.06 48.34 7.62
CA LEU B 668 -7.55 49.17 6.51
C LEU B 668 -8.06 48.35 5.33
N TRP B 669 -9.15 48.82 4.71
CA TRP B 669 -9.78 48.21 3.53
C TRP B 669 -9.70 49.24 2.40
N LEU B 670 -8.95 48.92 1.34
CA LEU B 670 -8.75 49.81 0.20
C LEU B 670 -9.38 49.26 -1.08
N VAL B 671 -10.20 50.08 -1.74
CA VAL B 671 -10.91 49.71 -2.98
C VAL B 671 -10.38 50.58 -4.13
N TYR B 672 -9.94 49.93 -5.23
CA TYR B 672 -9.39 50.57 -6.44
C TYR B 672 -10.34 50.40 -7.64
N SER B 673 -10.35 51.40 -8.54
CA SER B 673 -11.16 51.41 -9.76
C SER B 673 -10.47 50.65 -10.88
N GLU B 679 -17.77 45.88 -13.85
CA GLU B 679 -17.93 46.16 -12.42
C GLU B 679 -16.75 45.63 -11.59
N ASP B 680 -15.82 44.87 -12.22
CA ASP B 680 -14.64 44.28 -11.60
C ASP B 680 -13.70 45.33 -10.99
N SER B 681 -13.56 45.31 -9.66
CA SER B 681 -12.71 46.21 -8.89
C SER B 681 -11.66 45.45 -8.09
N VAL B 682 -10.49 46.07 -7.86
CA VAL B 682 -9.38 45.46 -7.11
C VAL B 682 -9.37 46.00 -5.67
N GLY B 683 -9.42 45.07 -4.71
CA GLY B 683 -9.41 45.38 -3.30
C GLY B 683 -8.19 44.85 -2.58
N VAL B 684 -7.74 45.56 -1.52
CA VAL B 684 -6.57 45.18 -0.73
C VAL B 684 -6.75 45.57 0.76
N ILE B 685 -6.51 44.62 1.67
CA ILE B 685 -6.61 44.82 3.11
C ILE B 685 -5.22 44.99 3.70
N PHE B 686 -5.00 46.10 4.43
CA PHE B 686 -3.74 46.37 5.12
C PHE B 686 -3.94 46.09 6.60
N LYS B 687 -3.19 45.11 7.13
CA LYS B 687 -3.24 44.72 8.53
C LYS B 687 -1.91 45.05 9.21
N ASN B 688 -1.98 45.79 10.33
CA ASN B 688 -0.81 46.20 11.10
C ASN B 688 -1.01 45.92 12.59
N GLY B 689 -0.03 45.25 13.19
CA GLY B 689 -0.05 44.87 14.60
C GLY B 689 -0.31 43.40 14.84
N ASP B 690 -0.83 42.70 13.82
CA ASP B 690 -1.13 41.26 13.87
C ASP B 690 -0.30 40.48 12.86
N ASP B 691 0.24 39.32 13.28
CA ASP B 691 1.08 38.44 12.46
C ASP B 691 0.26 37.71 11.40
N LEU B 692 0.76 37.73 10.14
CA LEU B 692 0.10 37.09 9.00
C LEU B 692 0.91 35.93 8.40
N ARG B 693 1.94 35.45 9.12
CA ARG B 693 2.80 34.33 8.70
C ARG B 693 2.01 33.01 8.62
N GLN B 694 1.07 32.82 9.56
CA GLN B 694 0.21 31.63 9.63
C GLN B 694 -0.79 31.64 8.46
N ASP B 695 -1.35 32.82 8.13
CA ASP B 695 -2.29 33.01 7.02
C ASP B 695 -1.60 32.72 5.68
N MET B 696 -0.33 33.13 5.55
CA MET B 696 0.51 32.92 4.35
C MET B 696 0.73 31.43 4.10
N LEU B 697 1.04 30.67 5.16
CA LEU B 697 1.29 29.23 5.11
C LEU B 697 0.01 28.45 4.79
N THR B 698 -1.13 28.79 5.44
CA THR B 698 -2.42 28.13 5.24
C THR B 698 -2.92 28.28 3.80
N LEU B 699 -2.87 29.51 3.25
CA LEU B 699 -3.29 29.80 1.87
C LEU B 699 -2.38 29.17 0.83
N GLN B 700 -1.10 28.95 1.17
CA GLN B 700 -0.11 28.29 0.32
C GLN B 700 -0.47 26.79 0.24
N MET B 701 -0.94 26.22 1.36
CA MET B 701 -1.38 24.82 1.46
C MET B 701 -2.68 24.62 0.70
N LEU B 702 -3.60 25.62 0.76
CA LEU B 702 -4.88 25.61 0.06
C LEU B 702 -4.65 25.65 -1.46
N ARG B 703 -3.60 26.41 -1.90
CA ARG B 703 -3.18 26.52 -3.29
C ARG B 703 -2.63 25.18 -3.78
N LEU B 704 -1.83 24.51 -2.92
CA LEU B 704 -1.23 23.20 -3.20
C LEU B 704 -2.31 22.12 -3.26
N MET B 705 -3.30 22.17 -2.35
CA MET B 705 -4.43 21.22 -2.30
C MET B 705 -5.25 21.32 -3.58
N ASP B 706 -5.55 22.56 -4.02
CA ASP B 706 -6.29 22.86 -5.25
C ASP B 706 -5.52 22.40 -6.49
N LEU B 707 -4.18 22.51 -6.47
CA LEU B 707 -3.29 22.11 -7.55
C LEU B 707 -3.23 20.58 -7.68
N LEU B 708 -3.07 19.86 -6.53
CA LEU B 708 -3.01 18.40 -6.50
C LEU B 708 -4.34 17.75 -6.86
N TRP B 709 -5.47 18.42 -6.53
CA TRP B 709 -6.83 17.96 -6.86
C TRP B 709 -7.08 18.06 -8.36
N LYS B 710 -6.58 19.14 -9.00
CA LYS B 710 -6.71 19.40 -10.44
C LYS B 710 -5.90 18.40 -11.27
N GLU B 711 -4.78 17.90 -10.72
CA GLU B 711 -3.91 16.90 -11.36
C GLU B 711 -4.63 15.55 -11.47
N ALA B 712 -5.55 15.27 -10.51
CA ALA B 712 -6.38 14.07 -10.47
C ALA B 712 -7.66 14.26 -11.32
N GLY B 713 -7.86 15.48 -11.82
CA GLY B 713 -9.01 15.84 -12.65
C GLY B 713 -10.22 16.28 -11.85
N LEU B 714 -9.99 16.98 -10.73
CA LEU B 714 -11.06 17.46 -9.86
C LEU B 714 -10.87 18.95 -9.49
N ASP B 715 -11.68 19.82 -10.12
CA ASP B 715 -11.64 21.26 -9.88
C ASP B 715 -12.76 21.58 -8.87
N LEU B 716 -12.35 21.82 -7.61
CA LEU B 716 -13.29 22.10 -6.52
C LEU B 716 -13.61 23.59 -6.34
N ARG B 717 -13.26 24.42 -7.36
CA ARG B 717 -13.48 25.87 -7.42
C ARG B 717 -13.01 26.59 -6.14
N MET B 718 -11.76 26.33 -5.75
CA MET B 718 -11.12 26.91 -4.56
C MET B 718 -10.78 28.37 -4.77
N LEU B 719 -10.83 29.17 -3.69
CA LEU B 719 -10.46 30.58 -3.72
C LEU B 719 -9.30 30.89 -2.74
N PRO B 720 -8.06 30.40 -3.00
CA PRO B 720 -6.96 30.71 -2.07
C PRO B 720 -6.37 32.07 -2.41
N TYR B 721 -6.98 33.13 -1.84
CA TYR B 721 -6.61 34.53 -2.02
C TYR B 721 -5.19 34.84 -1.56
N GLY B 722 -4.59 35.88 -2.16
CA GLY B 722 -3.24 36.31 -1.86
C GLY B 722 -3.07 36.93 -0.48
N CYS B 723 -1.97 36.56 0.19
CA CYS B 723 -1.57 37.07 1.51
C CYS B 723 -0.06 37.16 1.54
N LEU B 724 0.47 38.34 1.89
CA LEU B 724 1.90 38.59 1.93
C LEU B 724 2.30 39.46 3.11
N ALA B 725 3.28 38.99 3.90
CA ALA B 725 3.83 39.72 5.04
C ALA B 725 4.89 40.67 4.49
N THR B 726 4.64 41.99 4.62
CA THR B 726 5.53 43.04 4.09
C THR B 726 6.61 43.47 5.09
N GLY B 727 6.29 43.42 6.38
CA GLY B 727 7.20 43.77 7.46
C GLY B 727 6.89 43.04 8.75
N ASP B 728 7.42 43.54 9.87
CA ASP B 728 7.16 42.94 11.18
C ASP B 728 5.79 43.42 11.66
N ARG B 729 4.88 42.46 11.94
CA ARG B 729 3.48 42.65 12.37
C ARG B 729 2.59 43.29 11.28
N SER B 730 3.16 43.59 10.09
CA SER B 730 2.45 44.22 8.97
C SER B 730 2.47 43.37 7.69
N GLY B 731 1.35 43.41 6.97
CA GLY B 731 1.19 42.70 5.71
C GLY B 731 -0.04 43.12 4.92
N LEU B 732 -0.25 42.48 3.75
CA LEU B 732 -1.39 42.76 2.87
C LEU B 732 -2.20 41.51 2.52
N ILE B 733 -3.53 41.70 2.30
CA ILE B 733 -4.48 40.63 1.99
C ILE B 733 -5.29 41.00 0.72
N GLU B 734 -5.39 40.05 -0.23
CA GLU B 734 -6.15 40.21 -1.47
C GLU B 734 -7.65 40.05 -1.18
N VAL B 735 -8.47 40.95 -1.73
CA VAL B 735 -9.92 40.95 -1.55
C VAL B 735 -10.61 40.20 -2.69
N VAL B 736 -11.46 39.22 -2.31
CA VAL B 736 -12.27 38.46 -3.25
C VAL B 736 -13.54 39.30 -3.48
N SER B 737 -13.71 39.80 -4.71
CA SER B 737 -14.83 40.67 -5.10
C SER B 737 -16.21 40.01 -4.95
N THR B 738 -17.22 40.83 -4.58
CA THR B 738 -18.63 40.46 -4.38
C THR B 738 -18.78 39.26 -3.42
N SER B 739 -18.20 39.39 -2.21
CA SER B 739 -18.26 38.33 -1.18
C SER B 739 -18.61 38.88 0.19
N GLU B 740 -19.44 38.12 0.94
CA GLU B 740 -19.88 38.47 2.30
C GLU B 740 -19.82 37.26 3.24
N THR B 741 -19.66 37.52 4.56
CA THR B 741 -19.59 36.51 5.62
C THR B 741 -20.94 35.80 5.84
N ILE B 742 -20.93 34.60 6.47
CA ILE B 742 -22.13 33.81 6.81
C ILE B 742 -23.01 34.63 7.77
N ALA B 743 -22.36 35.30 8.75
CA ALA B 743 -23.00 36.14 9.77
C ALA B 743 -23.80 37.30 9.16
N ASP B 744 -23.17 38.10 8.26
CA ASP B 744 -23.80 39.25 7.58
C ASP B 744 -24.97 38.84 6.68
N ILE B 745 -24.86 37.67 6.01
CA ILE B 745 -25.90 37.11 5.14
C ILE B 745 -27.11 36.68 5.99
N GLN B 746 -26.85 36.05 7.14
CA GLN B 746 -27.86 35.56 8.09
C GLN B 746 -28.72 36.67 8.71
N LEU B 747 -28.10 37.76 9.19
CA LEU B 747 -28.83 38.87 9.82
C LEU B 747 -29.62 39.72 8.82
N ASN B 748 -29.15 39.80 7.55
CA ASN B 748 -29.80 40.56 6.48
C ASN B 748 -30.83 39.69 5.76
N LYS B 760 -32.09 31.96 9.52
CA LYS B 760 -32.34 30.59 9.07
C LYS B 760 -32.51 30.53 7.56
N ASP B 761 -31.78 29.59 6.89
CA ASP B 761 -31.74 29.32 5.44
C ASP B 761 -31.59 30.59 4.56
N ALA B 762 -30.88 31.62 5.09
CA ALA B 762 -30.63 32.90 4.41
C ALA B 762 -29.63 32.76 3.26
N LEU B 763 -28.71 31.78 3.35
CA LEU B 763 -27.68 31.47 2.35
C LEU B 763 -28.24 31.15 0.96
N LEU B 764 -29.33 30.37 0.90
CA LEU B 764 -30.00 29.99 -0.36
C LEU B 764 -30.71 31.20 -0.98
N ASN B 765 -31.40 32.00 -0.14
CA ASN B 765 -32.13 33.21 -0.55
C ASN B 765 -31.19 34.30 -1.07
N TRP B 766 -29.97 34.38 -0.50
CA TRP B 766 -28.93 35.34 -0.89
C TRP B 766 -28.40 35.00 -2.29
N LEU B 767 -28.18 33.69 -2.56
CA LEU B 767 -27.69 33.20 -3.85
C LEU B 767 -28.76 33.29 -4.94
N LYS B 768 -30.05 33.14 -4.56
CA LYS B 768 -31.20 33.23 -5.47
C LYS B 768 -31.42 34.66 -5.98
N GLU B 769 -31.01 35.66 -5.19
CA GLU B 769 -31.13 37.09 -5.51
C GLU B 769 -30.18 37.51 -6.64
N TYR B 770 -28.95 36.98 -6.64
CA TYR B 770 -27.92 37.33 -7.63
C TYR B 770 -27.76 36.29 -8.77
N ASN B 771 -28.38 35.10 -8.63
CA ASN B 771 -28.33 34.04 -9.64
C ASN B 771 -29.72 33.49 -9.93
N SER B 772 -30.10 33.43 -11.22
CA SER B 772 -31.41 32.95 -11.66
C SER B 772 -31.32 31.98 -12.84
N GLY B 773 -32.21 30.99 -12.84
CA GLY B 773 -32.30 29.96 -13.89
C GLY B 773 -31.11 29.03 -13.94
N ASP B 774 -30.41 29.03 -15.09
CA ASP B 774 -29.22 28.21 -15.33
C ASP B 774 -28.05 28.62 -14.43
N ASP B 775 -27.89 29.94 -14.20
CA ASP B 775 -26.85 30.52 -13.35
C ASP B 775 -26.99 30.12 -11.89
N LEU B 776 -28.24 29.84 -11.44
CA LEU B 776 -28.53 29.38 -10.08
C LEU B 776 -28.00 27.95 -9.89
N ASP B 777 -28.17 27.09 -10.92
CA ASP B 777 -27.69 25.71 -10.94
C ASP B 777 -26.15 25.67 -10.89
N ARG B 778 -25.49 26.64 -11.54
CA ARG B 778 -24.03 26.77 -11.55
C ARG B 778 -23.54 27.28 -10.19
N ALA B 779 -24.35 28.12 -9.52
CA ALA B 779 -24.06 28.68 -8.20
C ALA B 779 -24.15 27.62 -7.11
N ILE B 780 -25.12 26.67 -7.23
CA ILE B 780 -25.30 25.55 -6.30
C ILE B 780 -24.12 24.58 -6.47
N GLU B 781 -23.75 24.28 -7.74
CA GLU B 781 -22.65 23.41 -8.12
C GLU B 781 -21.30 23.95 -7.62
N GLU B 782 -21.09 25.28 -7.76
CA GLU B 782 -19.87 25.94 -7.29
C GLU B 782 -19.78 25.95 -5.77
N PHE B 783 -20.95 26.03 -5.08
CA PHE B 783 -21.05 26.01 -3.62
C PHE B 783 -20.69 24.62 -3.09
N THR B 784 -21.34 23.58 -3.65
CA THR B 784 -21.15 22.16 -3.29
C THR B 784 -19.68 21.74 -3.39
N LEU B 785 -19.00 22.14 -4.48
CA LEU B 785 -17.60 21.80 -4.74
C LEU B 785 -16.65 22.56 -3.80
N SER B 786 -16.86 23.88 -3.62
CA SER B 786 -16.05 24.74 -2.74
C SER B 786 -16.21 24.37 -1.27
N CYS B 787 -17.45 24.06 -0.83
CA CYS B 787 -17.76 23.66 0.54
C CYS B 787 -17.05 22.34 0.87
N ALA B 788 -17.07 21.38 -0.08
CA ALA B 788 -16.42 20.08 0.04
C ALA B 788 -14.91 20.19 0.19
N GLY B 789 -14.29 21.07 -0.59
CA GLY B 789 -12.85 21.30 -0.54
C GLY B 789 -12.38 21.93 0.76
N TYR B 790 -13.07 23.00 1.19
CA TYR B 790 -12.76 23.71 2.44
C TYR B 790 -13.04 22.90 3.70
N CYS B 791 -14.03 21.98 3.64
CA CYS B 791 -14.37 21.09 4.76
C CYS B 791 -13.26 20.06 4.98
N VAL B 792 -12.68 19.53 3.89
CA VAL B 792 -11.57 18.57 3.91
C VAL B 792 -10.29 19.31 4.34
N ALA B 793 -10.04 20.50 3.74
CA ALA B 793 -8.88 21.35 4.02
C ALA B 793 -8.78 21.78 5.48
N SER B 794 -9.92 22.16 6.10
CA SER B 794 -9.98 22.57 7.51
C SER B 794 -9.71 21.41 8.47
N TYR B 795 -10.07 20.18 8.06
CA TYR B 795 -9.84 18.97 8.87
C TYR B 795 -8.40 18.49 8.77
N VAL B 796 -7.85 18.41 7.54
CA VAL B 796 -6.48 17.97 7.25
C VAL B 796 -5.45 18.93 7.86
N LEU B 797 -5.63 20.25 7.65
CA LEU B 797 -4.73 21.28 8.18
C LEU B 797 -4.98 21.59 9.65
N GLY B 798 -6.15 21.25 10.16
CA GLY B 798 -6.55 21.48 11.54
C GLY B 798 -6.83 22.93 11.85
N ILE B 799 -7.58 23.61 10.95
CA ILE B 799 -7.95 25.02 11.10
C ILE B 799 -9.04 25.12 12.17
N GLY B 800 -8.62 25.51 13.37
CA GLY B 800 -9.48 25.66 14.53
C GLY B 800 -10.12 27.02 14.66
N ASP B 801 -11.07 27.14 15.61
CA ASP B 801 -11.86 28.35 15.92
C ASP B 801 -12.60 28.87 14.68
N ARG B 802 -13.54 28.05 14.16
CA ARG B 802 -14.33 28.39 12.98
C ARG B 802 -15.76 28.76 13.32
N HIS B 803 -16.19 29.94 12.84
CA HIS B 803 -17.53 30.49 13.06
C HIS B 803 -18.05 31.22 11.81
N SER B 804 -19.27 31.80 11.89
CA SER B 804 -19.93 32.53 10.80
C SER B 804 -19.17 33.76 10.28
N ASP B 805 -18.27 34.35 11.10
CA ASP B 805 -17.50 35.53 10.72
C ASP B 805 -16.21 35.22 9.94
N ASN B 806 -15.68 33.98 10.06
CA ASN B 806 -14.45 33.59 9.36
C ASN B 806 -14.72 32.71 8.12
N ILE B 807 -16.00 32.57 7.72
CA ILE B 807 -16.42 31.81 6.52
C ILE B 807 -17.21 32.78 5.62
N MET B 808 -16.81 32.90 4.35
CA MET B 808 -17.43 33.81 3.38
C MET B 808 -17.91 33.11 2.12
N VAL B 809 -18.92 33.70 1.44
CA VAL B 809 -19.51 33.20 0.20
C VAL B 809 -19.50 34.30 -0.86
N LYS B 810 -18.95 33.99 -2.06
CA LYS B 810 -18.89 34.88 -3.21
C LYS B 810 -20.24 34.81 -3.94
N LYS B 811 -20.63 35.89 -4.64
CA LYS B 811 -21.90 35.99 -5.38
C LYS B 811 -22.03 34.95 -6.51
N THR B 812 -20.91 34.38 -6.98
CA THR B 812 -20.89 33.35 -8.02
C THR B 812 -21.28 31.97 -7.47
N GLY B 813 -21.23 31.81 -6.14
CA GLY B 813 -21.57 30.57 -5.45
C GLY B 813 -20.48 30.02 -4.55
N GLN B 814 -19.21 30.28 -4.91
CA GLN B 814 -18.00 29.81 -4.23
C GLN B 814 -17.92 30.18 -2.74
N LEU B 815 -17.67 29.18 -1.88
CA LEU B 815 -17.51 29.33 -0.43
C LEU B 815 -16.01 29.27 -0.11
N PHE B 816 -15.54 30.17 0.77
CA PHE B 816 -14.14 30.24 1.17
C PHE B 816 -13.93 30.68 2.61
N HIS B 817 -12.86 30.17 3.25
CA HIS B 817 -12.49 30.47 4.63
C HIS B 817 -11.50 31.63 4.71
N ILE B 818 -11.67 32.51 5.72
CA ILE B 818 -10.82 33.68 5.98
C ILE B 818 -10.30 33.67 7.42
N ASP B 819 -9.26 34.51 7.70
CA ASP B 819 -8.60 34.71 9.01
C ASP B 819 -8.18 33.38 9.68
N PHE B 820 -6.96 32.92 9.37
CA PHE B 820 -6.39 31.69 9.91
C PHE B 820 -5.44 32.01 11.07
N GLY B 821 -5.93 31.78 12.29
CA GLY B 821 -5.18 32.04 13.52
C GLY B 821 -4.72 30.80 14.26
N HIS B 822 -5.36 29.64 13.98
CA HIS B 822 -5.04 28.36 14.61
C HIS B 822 -4.99 27.22 13.59
N ILE B 823 -3.84 26.53 13.52
CA ILE B 823 -3.59 25.40 12.61
C ILE B 823 -2.97 24.21 13.37
N LEU B 824 -3.18 22.98 12.83
CA LEU B 824 -2.69 21.70 13.38
C LEU B 824 -3.21 21.45 14.81
N GLY B 825 -4.50 21.72 15.03
CA GLY B 825 -5.17 21.57 16.31
C GLY B 825 -5.39 22.91 16.99
N ASN B 826 -4.88 23.05 18.23
CA ASN B 826 -4.94 24.23 19.09
C ASN B 826 -6.38 24.69 19.41
N ARG B 837 -11.68 19.22 19.74
CA ARG B 837 -12.00 20.15 18.65
C ARG B 837 -13.00 19.55 17.64
N VAL B 838 -13.71 20.43 16.91
CA VAL B 838 -14.68 20.04 15.88
C VAL B 838 -13.87 19.72 14.60
N PRO B 839 -14.07 18.55 13.93
CA PRO B 839 -13.28 18.23 12.72
C PRO B 839 -13.36 19.31 11.64
N PHE B 840 -14.58 19.75 11.30
CA PHE B 840 -14.89 20.81 10.33
C PHE B 840 -16.31 21.32 10.50
N ILE B 841 -16.53 22.61 10.22
CA ILE B 841 -17.85 23.23 10.36
C ILE B 841 -18.69 22.92 9.11
N LEU B 842 -19.84 22.27 9.34
CA LEU B 842 -20.81 21.89 8.31
C LEU B 842 -22.22 22.07 8.90
N THR B 843 -22.69 23.33 8.89
CA THR B 843 -24.00 23.72 9.41
C THR B 843 -25.10 23.33 8.42
N TYR B 844 -26.37 23.34 8.88
CA TYR B 844 -27.53 23.03 8.04
C TYR B 844 -27.81 24.13 7.01
N ASP B 845 -27.04 25.23 7.07
CA ASP B 845 -27.08 26.35 6.13
C ASP B 845 -26.43 25.93 4.81
N PHE B 846 -25.35 25.13 4.86
CA PHE B 846 -24.65 24.61 3.68
C PHE B 846 -25.48 23.51 3.02
N ILE B 847 -26.00 22.57 3.83
CA ILE B 847 -26.82 21.41 3.42
C ILE B 847 -28.08 21.87 2.66
N HIS B 848 -28.72 22.97 3.14
CA HIS B 848 -29.92 23.57 2.55
C HIS B 848 -29.64 24.08 1.13
N VAL B 849 -28.41 24.60 0.89
CA VAL B 849 -27.97 25.10 -0.42
C VAL B 849 -27.71 23.92 -1.38
N ILE B 850 -26.96 22.90 -0.90
CA ILE B 850 -26.62 21.68 -1.67
C ILE B 850 -27.88 20.93 -2.11
N GLN B 851 -28.86 20.76 -1.19
CA GLN B 851 -30.14 20.08 -1.45
C GLN B 851 -31.15 20.95 -2.21
N GLN B 852 -30.82 22.24 -2.44
CA GLN B 852 -31.63 23.26 -3.15
C GLN B 852 -32.95 23.59 -2.44
N GLY B 853 -32.94 23.51 -1.10
CA GLY B 853 -34.10 23.81 -0.26
C GLY B 853 -35.00 22.62 0.02
N LYS B 854 -35.01 21.64 -0.91
CA LYS B 854 -35.80 20.41 -0.84
C LYS B 854 -35.29 19.50 0.27
N THR B 855 -36.23 18.99 1.09
CA THR B 855 -35.93 18.11 2.24
C THR B 855 -35.58 16.68 1.77
N GLY B 856 -36.32 16.17 0.79
CA GLY B 856 -36.14 14.82 0.26
C GLY B 856 -35.17 14.69 -0.89
N ASN B 857 -34.23 15.66 -1.04
CA ASN B 857 -33.22 15.66 -2.10
C ASN B 857 -31.88 15.11 -1.55
N THR B 858 -31.92 13.84 -1.09
CA THR B 858 -30.76 13.13 -0.52
C THR B 858 -29.65 12.84 -1.54
N GLU B 859 -30.03 12.69 -2.84
CA GLU B 859 -29.12 12.43 -3.96
C GLU B 859 -28.05 13.50 -4.14
N LYS B 860 -28.41 14.79 -3.92
CA LYS B 860 -27.50 15.93 -4.03
C LYS B 860 -26.48 15.95 -2.89
N PHE B 861 -26.92 15.64 -1.65
CA PHE B 861 -26.04 15.59 -0.47
C PHE B 861 -25.12 14.36 -0.51
N GLY B 862 -25.61 13.27 -1.11
CA GLY B 862 -24.87 12.02 -1.29
C GLY B 862 -23.67 12.21 -2.20
N ARG B 863 -23.84 13.05 -3.24
CA ARG B 863 -22.81 13.43 -4.20
C ARG B 863 -21.75 14.29 -3.49
N PHE B 864 -22.19 15.18 -2.58
CA PHE B 864 -21.34 16.07 -1.77
C PHE B 864 -20.50 15.25 -0.77
N ARG B 865 -21.10 14.22 -0.15
CA ARG B 865 -20.45 13.32 0.81
C ARG B 865 -19.34 12.52 0.12
N GLN B 866 -19.62 12.01 -1.10
CA GLN B 866 -18.66 11.26 -1.92
C GLN B 866 -17.54 12.18 -2.44
N CYS B 867 -17.87 13.47 -2.66
CA CYS B 867 -16.93 14.51 -3.11
C CYS B 867 -15.88 14.80 -2.04
N CYS B 868 -16.32 14.87 -0.76
CA CYS B 868 -15.46 15.08 0.41
C CYS B 868 -14.53 13.87 0.57
N GLU B 869 -15.10 12.65 0.40
CA GLU B 869 -14.39 11.38 0.49
C GLU B 869 -13.35 11.25 -0.62
N ASP B 870 -13.68 11.72 -1.85
CA ASP B 870 -12.79 11.69 -3.02
C ASP B 870 -11.62 12.64 -2.83
N ALA B 871 -11.90 13.89 -2.38
CA ALA B 871 -10.89 14.93 -2.13
C ALA B 871 -9.89 14.54 -1.04
N TYR B 872 -10.37 13.82 0.00
CA TYR B 872 -9.57 13.33 1.12
C TYR B 872 -8.58 12.25 0.68
N LEU B 873 -9.00 11.35 -0.24
CA LEU B 873 -8.17 10.26 -0.75
C LEU B 873 -7.04 10.74 -1.68
N ILE B 874 -7.29 11.84 -2.44
CA ILE B 874 -6.31 12.45 -3.35
C ILE B 874 -5.14 13.04 -2.55
N LEU B 875 -5.42 13.80 -1.48
CA LEU B 875 -4.42 14.42 -0.62
C LEU B 875 -3.59 13.39 0.16
N ARG B 876 -4.20 12.22 0.44
CA ARG B 876 -3.59 11.09 1.16
C ARG B 876 -2.42 10.53 0.36
N ARG B 877 -2.52 10.54 -0.99
CA ARG B 877 -1.51 10.07 -1.93
C ARG B 877 -0.24 10.95 -1.84
N HIS B 878 -0.42 12.27 -1.65
CA HIS B 878 0.66 13.24 -1.54
C HIS B 878 0.99 13.61 -0.09
N GLY B 879 0.76 12.68 0.83
CA GLY B 879 1.00 12.82 2.26
C GLY B 879 2.42 13.21 2.63
N ASN B 880 3.42 12.59 1.97
CA ASN B 880 4.85 12.86 2.17
C ASN B 880 5.25 14.27 1.77
N LEU B 881 4.59 14.84 0.72
CA LEU B 881 4.84 16.20 0.24
C LEU B 881 4.39 17.23 1.26
N PHE B 882 3.19 17.04 1.86
CA PHE B 882 2.62 17.93 2.88
C PHE B 882 3.50 17.94 4.14
N ILE B 883 4.07 16.78 4.51
CA ILE B 883 4.97 16.62 5.67
C ILE B 883 6.29 17.37 5.40
N THR B 884 6.85 17.21 4.18
CA THR B 884 8.08 17.84 3.71
C THR B 884 8.00 19.37 3.81
N LEU B 885 6.88 19.96 3.33
CA LEU B 885 6.62 21.39 3.34
C LEU B 885 6.53 21.97 4.75
N PHE B 886 5.94 21.23 5.70
CA PHE B 886 5.85 21.67 7.10
C PHE B 886 7.18 21.52 7.83
N ALA B 887 8.01 20.55 7.41
CA ALA B 887 9.34 20.29 7.97
C ALA B 887 10.33 21.40 7.65
N LEU B 888 10.18 22.04 6.46
CA LEU B 888 11.03 23.13 6.01
C LEU B 888 10.63 24.46 6.68
N MET B 889 9.39 24.53 7.21
CA MET B 889 8.82 25.71 7.87
C MET B 889 9.08 25.75 9.40
N LEU B 890 9.89 24.80 9.92
CA LEU B 890 10.23 24.75 11.35
C LEU B 890 11.16 25.88 11.81
N THR B 891 11.97 26.42 10.87
CA THR B 891 12.91 27.51 11.12
C THR B 891 12.29 28.91 10.94
N ALA B 892 11.02 28.97 10.47
CA ALA B 892 10.27 30.20 10.23
C ALA B 892 10.01 31.04 11.49
N GLY B 893 9.84 30.37 12.62
CA GLY B 893 9.58 31.02 13.91
C GLY B 893 8.13 31.14 14.29
N LEU B 894 7.29 30.21 13.81
CA LEU B 894 5.86 30.17 14.10
C LEU B 894 5.61 29.58 15.50
N PRO B 895 4.67 30.14 16.31
CA PRO B 895 4.45 29.60 17.66
C PRO B 895 3.78 28.23 17.69
N GLU B 896 2.91 27.94 16.69
CA GLU B 896 2.20 26.66 16.59
C GLU B 896 3.04 25.56 15.93
N LEU B 897 4.10 25.93 15.18
CA LEU B 897 5.01 24.99 14.54
C LEU B 897 6.46 25.25 14.98
N THR B 898 6.92 24.49 15.99
CA THR B 898 8.26 24.61 16.57
C THR B 898 9.09 23.34 16.42
N SER B 899 8.51 22.18 16.78
CA SER B 899 9.18 20.87 16.72
C SER B 899 8.46 19.89 15.78
N VAL B 900 9.06 18.69 15.59
CA VAL B 900 8.54 17.60 14.75
C VAL B 900 7.18 17.06 15.25
N LYS B 901 6.90 17.22 16.56
CA LYS B 901 5.67 16.79 17.23
C LYS B 901 4.44 17.56 16.74
N ASP B 902 4.63 18.79 16.24
CA ASP B 902 3.56 19.65 15.73
C ASP B 902 3.02 19.16 14.38
N ILE B 903 3.88 18.48 13.58
CA ILE B 903 3.54 17.93 12.26
C ILE B 903 2.79 16.59 12.39
N GLN B 904 2.82 15.95 13.59
CA GLN B 904 2.17 14.67 13.90
C GLN B 904 0.64 14.71 13.70
N TYR B 905 -0.01 15.89 13.89
CA TYR B 905 -1.45 16.05 13.68
C TYR B 905 -1.83 15.74 12.23
N LEU B 906 -1.02 16.26 11.26
CA LEU B 906 -1.21 16.08 9.83
C LEU B 906 -1.21 14.60 9.44
N LYS B 907 -0.37 13.79 10.12
CA LYS B 907 -0.27 12.34 9.91
C LYS B 907 -1.55 11.65 10.43
N ASP B 908 -2.09 12.14 11.55
CA ASP B 908 -3.31 11.62 12.19
C ASP B 908 -4.58 11.98 11.40
N SER B 909 -4.67 13.24 10.93
CA SER B 909 -5.81 13.75 10.14
C SER B 909 -5.93 13.02 8.80
N LEU B 910 -4.78 12.79 8.13
CA LEU B 910 -4.72 12.06 6.85
C LEU B 910 -4.74 10.54 7.06
N ALA B 911 -4.58 10.08 8.33
CA ALA B 911 -4.56 8.68 8.77
C ALA B 911 -3.58 7.81 7.96
N LEU B 912 -2.35 8.33 7.80
CA LEU B 912 -1.25 7.69 7.05
C LEU B 912 -0.77 6.36 7.67
N GLY B 913 -0.98 6.19 8.97
CA GLY B 913 -0.64 4.98 9.71
C GLY B 913 -1.61 3.85 9.42
N LYS B 914 -2.83 4.19 9.00
CA LYS B 914 -3.89 3.24 8.65
C LYS B 914 -3.92 3.03 7.14
N SER B 915 -4.49 1.90 6.68
CA SER B 915 -4.63 1.57 5.25
C SER B 915 -5.71 2.44 4.61
N GLU B 916 -5.77 2.48 3.25
CA GLU B 916 -6.74 3.25 2.47
C GLU B 916 -8.21 2.97 2.86
N GLU B 917 -8.50 1.72 3.29
CA GLU B 917 -9.83 1.28 3.72
C GLU B 917 -10.22 1.89 5.07
N GLU B 918 -9.35 1.74 6.09
CA GLU B 918 -9.60 2.26 7.45
C GLU B 918 -9.49 3.79 7.55
N ALA B 919 -8.69 4.43 6.65
CA ALA B 919 -8.52 5.87 6.61
C ALA B 919 -9.81 6.57 6.17
N LEU B 920 -10.53 5.97 5.20
CA LEU B 920 -11.81 6.49 4.71
C LEU B 920 -12.90 6.27 5.74
N LYS B 921 -12.84 5.13 6.47
CA LYS B 921 -13.77 4.77 7.55
C LYS B 921 -13.65 5.78 8.71
N GLN B 922 -12.43 6.30 8.93
CA GLN B 922 -12.10 7.32 9.92
C GLN B 922 -12.71 8.65 9.47
N PHE B 923 -12.58 8.99 8.17
CA PHE B 923 -13.12 10.22 7.59
C PHE B 923 -14.65 10.21 7.54
N LYS B 924 -15.26 9.04 7.29
CA LYS B 924 -16.73 8.86 7.26
C LYS B 924 -17.30 9.08 8.66
N GLN B 925 -16.50 8.74 9.69
CA GLN B 925 -16.85 8.92 11.10
C GLN B 925 -16.73 10.43 11.45
N LYS B 926 -15.66 11.10 10.97
CA LYS B 926 -15.42 12.52 11.19
C LYS B 926 -16.45 13.40 10.45
N PHE B 927 -16.95 12.93 9.29
CA PHE B 927 -17.99 13.62 8.50
C PHE B 927 -19.32 13.54 9.24
N ASP B 928 -19.65 12.36 9.81
CA ASP B 928 -20.86 12.10 10.60
C ASP B 928 -20.84 12.92 11.90
N GLU B 929 -19.64 13.12 12.48
CA GLU B 929 -19.41 13.90 13.69
C GLU B 929 -19.68 15.39 13.41
N ALA B 930 -19.35 15.86 12.19
CA ALA B 930 -19.55 17.23 11.73
C ALA B 930 -21.01 17.48 11.31
N LEU B 931 -21.66 16.48 10.67
CA LEU B 931 -23.06 16.53 10.23
C LEU B 931 -24.00 16.62 11.43
N ARG B 932 -23.68 15.90 12.52
CA ARG B 932 -24.46 15.90 13.77
C ARG B 932 -24.30 17.20 14.56
N GLU B 933 -23.17 17.91 14.42
CA GLU B 933 -22.89 19.17 15.11
C GLU B 933 -23.76 20.32 14.59
#